data_6TNP
#
_entry.id   6TNP
#
_cell.length_a   86.573
_cell.length_b   113.195
_cell.length_c   151.201
_cell.angle_alpha   90.00
_cell.angle_beta   90.00
_cell.angle_gamma   90.00
#
_symmetry.space_group_name_H-M   'P 21 21 21'
#
loop_
_entity.id
_entity.type
_entity.pdbx_description
1 polymer 'Light chain of our ScFv-5E5'
2 polymer 'Heavy chain of our ScFv-5E5'
3 non-polymer (2~{S})-~{N}-[2-[[(2~{S})-1-[[(2~{S},3~{R})-3-[(2~{S},3~{R},4~{R},5~{R},6~{R})-3-acetamido-6-(hydroxymethyl)-4,5-bis(oxidanyl)oxan-2-yl]oxy-1-[[(2~{S})-1-[(2~{S})-2-aminocarbonylpyrrolidin-1-yl]-1-oxidanylidene-propan-2-yl]amino]-1-oxidanylidene-butan-2-yl]amino]-3-oxidanyl-1-oxidanylidene-propan-2-yl]amino]-2-oxidanylidene-ethyl]-1-[(2~{S})-2-azanylpropanoyl]pyrrolidine-2-carboxamide
4 water water
#
loop_
_entity_poly.entity_id
_entity_poly.type
_entity_poly.pdbx_seq_one_letter_code
_entity_poly.pdbx_strand_id
1 'polypeptide(L)'
;ELVMTQSPSSLTVTAGEKVTMICKSSQSLLNSGDQKNYLTWYQQKPGQPPKLLIFWASTRESGVPDRFTGSGSGTDFTLT
ISSVQAEDLAVYYCQNDYSYPLTFGAGTKLELK
;
A,C,E,G,J,L
2 'polypeptide(L)'
;QVQLQQSDAELVKPGSSVKISCKASGYTFTDHAIHWVKQKPEQGLEWIGHFSPGNTDIKYNDKFKGKATLTVDRSSSTAY
MQLNSLTSEDSAVYFCKTSTFFFDYWGQGTTLTVSS
;
B,D,F,H,I,K
#
loop_
_chem_comp.id
_chem_comp.type
_chem_comp.name
_chem_comp.formula
NO8 non-polymer (2~{S})-~{N}-[2-[[(2~{S})-1-[[(2~{S},3~{R})-3-[(2~{S},3~{R},4~{R},5~{R},6~{R})-3-acetamido-6-(hydroxymethyl)-4,5-bis(oxidanyl)oxan-2-yl]oxy-1-[[(2~{S})-1-[(2~{S})-2-aminocarbonylpyrrolidin-1-yl]-1-oxidanylidene-propan-2-yl]amino]-1-oxidanylidene-butan-2-yl]amino]-3-oxidanyl-1-oxidanylidene-propan-2-yl]amino]-2-oxidanylidene-ethyl]-1-[(2~{S})-2-azanylpropanoyl]pyrrolidine-2-carboxamide 'C33 H55 N9 O14'
#
# COMPACT_ATOMS: atom_id res chain seq x y z
N LEU A 2 -33.56 10.31 21.53
CA LEU A 2 -32.61 9.27 20.98
C LEU A 2 -31.22 9.88 20.81
N VAL A 3 -30.22 9.31 21.49
CA VAL A 3 -28.82 9.82 21.65
C VAL A 3 -27.86 8.98 20.80
N MET A 4 -27.05 9.63 19.97
CA MET A 4 -25.89 9.04 19.24
C MET A 4 -24.60 9.44 19.97
N THR A 5 -23.81 8.48 20.43
CA THR A 5 -22.50 8.70 21.07
C THR A 5 -21.40 8.24 20.12
N GLN A 6 -20.48 9.14 19.78
CA GLN A 6 -19.32 8.77 18.92
C GLN A 6 -18.05 8.73 19.76
N SER A 7 -17.12 7.89 19.36
CA SER A 7 -15.79 7.87 20.01
C SER A 7 -14.74 7.35 19.04
N PRO A 8 -13.51 7.89 19.11
CA PRO A 8 -13.17 8.99 19.99
C PRO A 8 -13.64 10.36 19.46
N SER A 9 -13.56 11.42 20.26
CA SER A 9 -13.89 12.81 19.87
C SER A 9 -12.99 13.20 18.72
N SER A 10 -11.72 12.83 18.86
CA SER A 10 -10.62 13.16 17.94
C SER A 10 -9.55 12.08 18.06
N LEU A 11 -8.74 11.92 17.02
CA LEU A 11 -7.55 11.05 17.04
C LEU A 11 -6.57 11.52 15.98
N THR A 12 -5.31 11.15 16.15
CA THR A 12 -4.19 11.51 15.26
C THR A 12 -3.55 10.24 14.73
N VAL A 13 -3.52 10.07 13.42
CA VAL A 13 -2.75 8.98 12.75
C VAL A 13 -1.67 9.57 11.85
N THR A 14 -0.79 8.68 11.41
CA THR A 14 0.08 8.84 10.24
C THR A 14 -0.63 8.22 9.05
N ALA A 15 -0.57 8.88 7.90
CA ALA A 15 -1.07 8.32 6.63
C ALA A 15 -0.48 6.93 6.44
N GLY A 16 -1.31 5.95 6.11
CA GLY A 16 -0.91 4.55 5.89
C GLY A 16 -1.55 3.67 6.92
N GLU A 17 -1.68 4.19 8.15
CA GLU A 17 -2.17 3.41 9.31
C GLU A 17 -3.68 3.24 9.22
N LYS A 18 -4.18 2.17 9.81
CA LYS A 18 -5.62 1.83 9.88
C LYS A 18 -6.23 2.55 11.08
N VAL A 19 -7.50 2.89 10.99
CA VAL A 19 -8.18 3.68 12.03
C VAL A 19 -9.61 3.19 12.13
N THR A 20 -10.17 3.20 13.33
CA THR A 20 -11.56 2.77 13.61
C THR A 20 -12.23 3.79 14.50
N MET A 21 -13.45 4.17 14.20
CA MET A 21 -14.27 5.01 15.10
C MET A 21 -15.62 4.32 15.31
N ILE A 22 -16.23 4.60 16.45
CA ILE A 22 -17.39 3.86 16.98
C ILE A 22 -18.54 4.86 17.02
N CYS A 23 -19.76 4.34 16.87
CA CYS A 23 -21.03 5.07 16.99
C CYS A 23 -22.03 4.16 17.72
N LYS A 24 -22.32 4.45 18.98
CA LYS A 24 -23.42 3.79 19.75
C LYS A 24 -24.67 4.67 19.60
N SER A 25 -25.85 4.05 19.62
CA SER A 25 -27.16 4.74 19.77
C SER A 25 -27.86 4.16 20.99
N SER A 26 -28.66 4.98 21.68
CA SER A 26 -29.44 4.59 22.87
C SER A 26 -30.45 3.51 22.48
N GLN A 27 -31.06 3.65 21.32
CA GLN A 27 -32.16 2.78 20.83
C GLN A 27 -31.72 2.19 19.49
N SER A 28 -32.14 0.95 19.20
CA SER A 28 -31.78 0.20 17.98
C SER A 28 -32.24 0.97 16.74
N LEU A 29 -31.41 0.99 15.70
CA LEU A 29 -31.66 1.64 14.39
C LEU A 29 -32.07 0.58 13.38
N LEU A 30 -32.10 -0.68 13.79
CA LEU A 30 -32.60 -1.82 12.98
C LEU A 30 -34.11 -1.69 12.80
N ASN A 31 -34.55 -1.58 11.55
CA ASN A 31 -35.96 -1.61 11.11
C ASN A 31 -36.18 -2.98 10.44
N SER A 32 -36.89 -3.90 11.10
CA SER A 32 -37.15 -5.29 10.61
C SER A 32 -38.18 -5.27 9.47
N GLY A 33 -38.92 -4.16 9.31
CA GLY A 33 -39.60 -3.78 8.06
C GLY A 33 -38.82 -4.25 6.85
N ASP A 34 -37.61 -3.71 6.62
CA ASP A 34 -36.75 -4.05 5.46
C ASP A 34 -35.41 -4.65 5.91
N GLN A 35 -35.20 -4.78 7.22
CA GLN A 35 -34.07 -5.51 7.87
C GLN A 35 -32.77 -4.72 7.71
N LYS A 36 -32.82 -3.38 7.63
CA LYS A 36 -31.63 -2.52 7.45
C LYS A 36 -31.43 -1.65 8.69
N ASN A 37 -30.17 -1.37 9.02
CA ASN A 37 -29.82 -0.42 10.10
C ASN A 37 -29.77 0.99 9.47
N TYR A 38 -30.61 1.92 9.91
CA TYR A 38 -30.74 3.29 9.35
C TYR A 38 -29.73 4.21 10.04
N LEU A 39 -28.46 3.98 9.68
CA LEU A 39 -27.28 4.65 10.25
C LEU A 39 -26.45 5.13 9.05
N THR A 40 -26.13 6.43 9.04
CA THR A 40 -25.45 7.12 7.92
C THR A 40 -24.15 7.75 8.42
N TRP A 41 -23.06 7.61 7.67
CA TRP A 41 -21.77 8.26 7.97
C TRP A 41 -21.54 9.41 7.00
N TYR A 42 -21.12 10.56 7.52
CA TYR A 42 -20.74 11.75 6.73
C TYR A 42 -19.28 12.09 7.04
N GLN A 43 -18.54 12.39 5.97
CA GLN A 43 -17.17 12.95 6.04
C GLN A 43 -17.30 14.44 5.86
N GLN A 44 -16.78 15.27 6.75
CA GLN A 44 -16.77 16.73 6.51
C GLN A 44 -15.36 17.28 6.61
N LYS A 45 -14.78 17.66 5.47
CA LYS A 45 -13.44 18.24 5.40
C LYS A 45 -13.55 19.70 5.78
N PRO A 46 -12.46 20.38 6.21
CA PRO A 46 -12.55 21.79 6.58
C PRO A 46 -12.81 22.69 5.36
N GLY A 47 -13.60 23.74 5.58
CA GLY A 47 -14.03 24.70 4.55
C GLY A 47 -15.03 24.08 3.59
N GLN A 48 -15.65 22.96 3.95
CA GLN A 48 -16.42 22.15 3.00
C GLN A 48 -17.68 21.62 3.67
N PRO A 49 -18.70 21.34 2.87
CA PRO A 49 -19.92 20.78 3.39
C PRO A 49 -19.68 19.31 3.71
N PRO A 50 -20.53 18.69 4.53
CA PRO A 50 -20.46 17.24 4.71
C PRO A 50 -20.68 16.52 3.36
N LYS A 51 -20.25 15.27 3.29
CA LYS A 51 -20.29 14.40 2.09
C LYS A 51 -20.69 13.03 2.59
N LEU A 52 -21.71 12.43 1.99
CA LEU A 52 -22.18 11.05 2.29
C LEU A 52 -21.05 10.03 2.02
N LEU A 53 -20.82 9.13 2.98
CA LEU A 53 -19.81 8.06 2.89
C LEU A 53 -20.50 6.70 2.82
N ILE A 54 -21.36 6.42 3.79
CA ILE A 54 -22.02 5.12 4.01
C ILE A 54 -23.47 5.42 4.39
N PHE A 55 -24.41 4.60 3.92
CA PHE A 55 -25.81 4.54 4.39
C PHE A 55 -26.18 3.07 4.68
N TRP A 56 -27.26 2.85 5.42
CA TRP A 56 -27.67 1.50 5.90
C TRP A 56 -26.45 0.80 6.55
N ALA A 57 -25.70 1.54 7.38
CA ALA A 57 -24.62 1.05 8.24
C ALA A 57 -23.36 0.62 7.45
N SER A 58 -23.51 0.08 6.24
CA SER A 58 -22.47 -0.74 5.57
C SER A 58 -22.39 -0.41 4.07
N THR A 59 -23.43 0.15 3.47
CA THR A 59 -23.50 0.38 2.02
C THR A 59 -22.79 1.70 1.70
N ARG A 60 -21.87 1.64 0.77
CA ARG A 60 -20.94 2.74 0.47
C ARG A 60 -21.52 3.55 -0.67
N GLU A 61 -21.59 4.86 -0.52
CA GLU A 61 -22.16 5.78 -1.55
C GLU A 61 -21.29 5.67 -2.79
N SER A 62 -21.84 5.96 -3.97
CA SER A 62 -21.13 6.09 -5.25
C SER A 62 -19.89 6.97 -5.11
N GLY A 63 -18.77 6.57 -5.72
CA GLY A 63 -17.52 7.35 -5.73
C GLY A 63 -16.60 7.15 -4.54
N VAL A 64 -17.11 6.67 -3.41
CA VAL A 64 -16.32 6.60 -2.13
C VAL A 64 -15.43 5.35 -2.16
N PRO A 65 -14.10 5.49 -2.02
CA PRO A 65 -13.15 4.37 -2.03
C PRO A 65 -13.47 3.17 -1.12
N ASP A 66 -12.98 1.99 -1.52
CA ASP A 66 -13.22 0.72 -0.78
C ASP A 66 -12.51 0.77 0.58
N ARG A 67 -11.58 1.69 0.83
CA ARG A 67 -10.82 1.71 2.13
C ARG A 67 -11.75 2.10 3.30
N PHE A 68 -12.87 2.77 3.01
CA PHE A 68 -13.96 3.04 3.98
C PHE A 68 -14.91 1.84 4.06
N THR A 69 -15.05 1.23 5.22
CA THR A 69 -15.95 0.08 5.50
C THR A 69 -16.75 0.40 6.76
N GLY A 70 -18.06 0.53 6.58
CA GLY A 70 -19.01 0.60 7.69
C GLY A 70 -19.42 -0.81 8.10
N SER A 71 -19.57 -1.03 9.40
CA SER A 71 -20.17 -2.27 9.93
C SER A 71 -21.02 -1.99 11.17
N GLY A 72 -21.44 -3.07 11.83
CA GLY A 72 -22.28 -3.07 13.03
C GLY A 72 -23.75 -3.26 12.67
N SER A 73 -24.56 -3.56 13.69
CA SER A 73 -26.04 -3.50 13.62
C SER A 73 -26.60 -3.26 15.01
N GLY A 74 -27.87 -2.87 15.10
CA GLY A 74 -28.58 -2.65 16.37
C GLY A 74 -28.25 -1.26 16.88
N THR A 75 -27.39 -1.21 17.90
CA THR A 75 -27.01 0.04 18.60
C THR A 75 -25.51 0.30 18.48
N ASP A 76 -24.73 -0.60 17.90
CA ASP A 76 -23.24 -0.57 17.96
C ASP A 76 -22.69 -0.68 16.54
N PHE A 77 -22.12 0.41 16.02
CA PHE A 77 -21.63 0.57 14.63
C PHE A 77 -20.17 1.02 14.64
N THR A 78 -19.41 0.66 13.62
CA THR A 78 -18.04 1.20 13.39
C THR A 78 -17.89 1.69 11.96
N LEU A 79 -17.05 2.70 11.78
CA LEU A 79 -16.43 3.10 10.51
C LEU A 79 -14.95 2.77 10.61
N THR A 80 -14.39 2.16 9.59
CA THR A 80 -12.98 1.76 9.52
C THR A 80 -12.38 2.37 8.25
N ILE A 81 -11.23 3.00 8.37
CA ILE A 81 -10.44 3.40 7.18
C ILE A 81 -9.23 2.48 7.18
N SER A 82 -9.14 1.59 6.19
CA SER A 82 -8.16 0.47 6.22
C SER A 82 -6.77 1.08 6.14
N SER A 83 -6.61 2.14 5.37
CA SER A 83 -5.32 2.84 5.17
C SER A 83 -5.59 4.32 4.94
N VAL A 84 -5.39 5.13 5.99
CA VAL A 84 -5.69 6.60 5.99
C VAL A 84 -4.80 7.32 5.00
N GLN A 85 -5.40 8.16 4.16
CA GLN A 85 -4.71 8.97 3.14
C GLN A 85 -4.83 10.44 3.55
N ALA A 86 -3.90 11.29 3.11
CA ALA A 86 -3.91 12.75 3.37
C ALA A 86 -5.29 13.34 3.03
N GLU A 87 -5.96 12.81 2.01
CA GLU A 87 -7.26 13.34 1.55
C GLU A 87 -8.38 12.93 2.54
N ASP A 88 -8.09 12.17 3.59
CA ASP A 88 -9.12 11.67 4.54
C ASP A 88 -9.19 12.56 5.78
N LEU A 89 -8.31 13.56 5.88
CA LEU A 89 -8.37 14.55 6.98
C LEU A 89 -9.76 15.21 6.94
N ALA A 90 -10.56 15.00 7.97
CA ALA A 90 -11.98 15.38 8.04
C ALA A 90 -12.52 15.18 9.45
N VAL A 91 -13.73 15.64 9.71
CA VAL A 91 -14.55 15.15 10.85
C VAL A 91 -15.59 14.16 10.34
N TYR A 92 -15.71 13.00 10.98
CA TYR A 92 -16.64 11.92 10.57
C TYR A 92 -17.82 11.95 11.55
N TYR A 93 -19.03 12.12 11.02
CA TYR A 93 -20.31 12.15 11.76
C TYR A 93 -21.13 10.93 11.41
N CYS A 94 -21.72 10.29 12.41
CA CYS A 94 -22.82 9.30 12.20
C CYS A 94 -24.15 9.98 12.48
N GLN A 95 -25.15 9.70 11.68
CA GLN A 95 -26.50 10.32 11.78
C GLN A 95 -27.52 9.20 11.88
N ASN A 96 -28.48 9.38 12.79
CA ASN A 96 -29.66 8.51 12.94
C ASN A 96 -30.65 8.85 11.83
N ASP A 97 -30.86 7.94 10.87
CA ASP A 97 -31.79 8.15 9.74
C ASP A 97 -33.04 7.27 9.95
N TYR A 98 -33.32 6.89 11.19
CA TYR A 98 -34.37 5.91 11.59
C TYR A 98 -35.65 6.65 12.01
N SER A 99 -35.54 7.60 12.94
CA SER A 99 -36.70 8.38 13.45
C SER A 99 -36.31 9.85 13.57
N TYR A 100 -37.31 10.75 13.50
CA TYR A 100 -37.16 12.19 13.87
C TYR A 100 -36.89 12.29 15.37
N PRO A 101 -36.14 13.29 15.87
CA PRO A 101 -35.28 14.15 15.04
C PRO A 101 -34.07 13.36 14.53
N LEU A 102 -33.47 13.78 13.43
CA LEU A 102 -32.41 13.03 12.75
C LEU A 102 -31.07 13.37 13.41
N THR A 103 -30.83 12.85 14.61
CA THR A 103 -29.69 13.30 15.46
C THR A 103 -28.37 12.80 14.86
N PHE A 104 -27.34 13.63 14.98
CA PHE A 104 -25.94 13.30 14.65
C PHE A 104 -25.17 12.98 15.94
N GLY A 105 -24.09 12.22 15.83
CA GLY A 105 -23.00 12.15 16.82
C GLY A 105 -22.25 13.47 16.89
N ALA A 106 -21.45 13.65 17.94
CA ALA A 106 -20.60 14.85 18.10
C ALA A 106 -19.40 14.76 17.17
N GLY A 107 -19.24 13.64 16.49
CA GLY A 107 -18.21 13.46 15.46
C GLY A 107 -16.87 13.01 16.02
N THR A 108 -16.14 12.24 15.21
CA THR A 108 -14.70 11.91 15.37
C THR A 108 -13.88 12.76 14.40
N LYS A 109 -13.00 13.59 14.91
CA LYS A 109 -12.09 14.43 14.11
C LYS A 109 -10.79 13.66 13.85
N LEU A 110 -10.50 13.35 12.58
CA LEU A 110 -9.23 12.74 12.14
C LEU A 110 -8.22 13.84 11.85
N GLU A 111 -7.05 13.81 12.49
CA GLU A 111 -5.92 14.73 12.17
C GLU A 111 -4.72 13.86 11.75
N LEU A 112 -3.72 14.44 11.07
CA LEU A 112 -2.58 13.65 10.55
C LEU A 112 -1.25 14.17 11.10
N LYS A 113 -0.20 13.36 11.09
CA LYS A 113 1.14 13.72 11.60
C LYS A 113 2.02 14.20 10.45
N GLN B 1 -25.01 20.52 -13.85
CA GLN B 1 -24.87 19.78 -12.56
C GLN B 1 -25.95 20.28 -11.59
N VAL B 2 -26.21 19.54 -10.51
CA VAL B 2 -27.02 20.04 -9.36
C VAL B 2 -26.18 21.06 -8.59
N GLN B 3 -26.80 22.17 -8.20
CA GLN B 3 -26.16 23.29 -7.46
C GLN B 3 -27.13 23.69 -6.36
N LEU B 4 -26.62 24.00 -5.17
CA LEU B 4 -27.36 24.73 -4.12
C LEU B 4 -26.54 25.96 -3.75
N GLN B 5 -26.92 27.15 -4.21
CA GLN B 5 -26.24 28.41 -3.82
C GLN B 5 -26.90 28.94 -2.56
N GLN B 6 -26.13 29.07 -1.49
CA GLN B 6 -26.62 29.70 -0.24
C GLN B 6 -26.25 31.19 -0.28
N SER B 7 -27.04 32.00 0.44
CA SER B 7 -26.80 33.45 0.63
C SER B 7 -25.43 33.67 1.31
N ASP B 8 -24.88 34.87 1.17
CA ASP B 8 -23.57 35.27 1.72
C ASP B 8 -23.64 35.32 3.25
N ALA B 9 -22.47 35.37 3.88
CA ALA B 9 -22.25 35.38 5.34
C ALA B 9 -22.89 36.62 5.96
N GLU B 10 -23.37 36.49 7.19
CA GLU B 10 -24.11 37.55 7.91
C GLU B 10 -23.45 37.80 9.28
N LEU B 11 -23.07 39.05 9.56
CA LEU B 11 -22.58 39.57 10.88
C LEU B 11 -23.70 40.43 11.49
N VAL B 12 -24.15 40.13 12.70
CA VAL B 12 -25.48 40.59 13.17
C VAL B 12 -25.52 40.73 14.70
N LYS B 13 -26.25 41.75 15.18
CA LYS B 13 -26.35 42.17 16.61
C LYS B 13 -27.37 41.29 17.31
N PRO B 14 -27.14 40.88 18.58
CA PRO B 14 -28.07 40.00 19.31
C PRO B 14 -29.54 40.43 19.31
N GLY B 15 -30.46 39.50 19.60
CA GLY B 15 -31.92 39.73 19.60
C GLY B 15 -32.46 40.03 18.21
N SER B 16 -31.57 40.24 17.26
CA SER B 16 -31.84 40.42 15.81
C SER B 16 -32.31 39.10 15.18
N SER B 17 -32.64 39.14 13.88
CA SER B 17 -33.24 38.05 13.07
C SER B 17 -32.55 38.00 11.70
N VAL B 18 -32.28 36.82 11.14
CA VAL B 18 -31.64 36.69 9.80
C VAL B 18 -32.41 35.67 8.95
N LYS B 19 -32.34 35.80 7.61
CA LYS B 19 -32.98 34.89 6.62
C LYS B 19 -31.94 34.38 5.61
N ILE B 20 -31.44 33.16 5.82
CA ILE B 20 -30.58 32.39 4.86
C ILE B 20 -31.46 31.95 3.68
N SER B 21 -30.94 32.04 2.46
CA SER B 21 -31.56 31.49 1.23
C SER B 21 -30.72 30.33 0.70
N CYS B 22 -31.34 29.46 -0.10
CA CYS B 22 -30.74 28.25 -0.70
C CYS B 22 -31.39 28.05 -2.08
N LYS B 23 -30.73 28.50 -3.14
CA LYS B 23 -31.29 28.57 -4.51
C LYS B 23 -30.88 27.28 -5.23
N ALA B 24 -31.85 26.43 -5.57
CA ALA B 24 -31.61 25.10 -6.16
C ALA B 24 -31.71 25.16 -7.69
N SER B 25 -30.99 24.26 -8.37
CA SER B 25 -30.94 24.18 -9.84
C SER B 25 -30.30 22.85 -10.27
N GLY B 26 -30.71 22.35 -11.44
CA GLY B 26 -30.13 21.16 -12.11
C GLY B 26 -30.90 19.90 -11.78
N TYR B 27 -32.09 20.06 -11.18
CA TYR B 27 -32.97 18.98 -10.70
C TYR B 27 -34.36 19.59 -10.52
N THR B 28 -35.46 18.84 -10.65
CA THR B 28 -36.81 19.39 -10.40
C THR B 28 -36.99 19.66 -8.90
N PHE B 29 -37.23 20.94 -8.53
CA PHE B 29 -37.21 21.44 -7.13
C PHE B 29 -38.08 20.58 -6.19
N THR B 30 -39.24 20.14 -6.68
CA THR B 30 -40.33 19.51 -5.89
C THR B 30 -39.98 18.06 -5.53
N ASP B 31 -39.04 17.43 -6.24
CA ASP B 31 -38.68 15.99 -6.07
C ASP B 31 -38.14 15.71 -4.66
N HIS B 32 -37.31 16.61 -4.14
CA HIS B 32 -36.52 16.38 -2.91
C HIS B 32 -36.73 17.49 -1.91
N ALA B 33 -36.90 17.06 -0.65
CA ALA B 33 -37.00 17.89 0.56
C ALA B 33 -35.66 18.60 0.80
N ILE B 34 -35.72 19.88 1.16
CA ILE B 34 -34.55 20.65 1.64
C ILE B 34 -34.46 20.48 3.16
N HIS B 35 -33.34 19.92 3.64
CA HIS B 35 -33.01 19.84 5.09
C HIS B 35 -32.04 20.97 5.42
N TRP B 36 -32.06 21.45 6.67
CA TRP B 36 -31.12 22.48 7.17
C TRP B 36 -30.31 21.93 8.33
N VAL B 37 -29.02 22.23 8.38
CA VAL B 37 -28.08 21.66 9.37
C VAL B 37 -27.26 22.81 9.94
N LYS B 38 -27.15 22.90 11.26
CA LYS B 38 -26.29 23.86 12.00
C LYS B 38 -24.96 23.17 12.29
N GLN B 39 -23.85 23.78 11.87
CA GLN B 39 -22.50 23.29 12.22
C GLN B 39 -21.97 24.21 13.31
N LYS B 40 -21.87 23.68 14.53
CA LYS B 40 -21.35 24.38 15.72
C LYS B 40 -19.89 24.71 15.45
N PRO B 41 -19.42 25.89 15.87
CA PRO B 41 -18.11 26.39 15.45
C PRO B 41 -16.98 25.42 15.78
N GLU B 42 -17.01 24.76 16.94
CA GLU B 42 -15.91 23.84 17.31
C GLU B 42 -15.95 22.60 16.40
N GLN B 43 -17.04 21.82 16.53
CA GLN B 43 -17.27 20.48 15.96
C GLN B 43 -18.70 20.09 16.39
N GLY B 44 -19.48 19.46 15.50
CA GLY B 44 -20.87 19.04 15.78
C GLY B 44 -21.81 19.50 14.70
N LEU B 45 -22.74 18.64 14.27
CA LEU B 45 -23.86 19.01 13.39
C LEU B 45 -25.16 18.85 14.18
N GLU B 46 -26.10 19.77 14.03
CA GLU B 46 -27.48 19.66 14.55
C GLU B 46 -28.44 19.76 13.36
N TRP B 47 -29.33 18.81 13.24
CA TRP B 47 -30.42 18.83 12.21
C TRP B 47 -31.51 19.80 12.68
N ILE B 48 -31.78 20.86 11.92
CA ILE B 48 -32.78 21.91 12.27
C ILE B 48 -34.17 21.42 11.89
N GLY B 49 -34.35 20.96 10.66
CA GLY B 49 -35.64 20.52 10.12
C GLY B 49 -35.57 20.34 8.62
N HIS B 50 -36.70 20.06 7.98
CA HIS B 50 -36.77 19.93 6.51
C HIS B 50 -38.07 20.54 6.00
N PHE B 51 -38.08 20.85 4.72
CA PHE B 51 -39.23 21.42 3.99
C PHE B 51 -39.32 20.64 2.69
N SER B 52 -40.28 19.71 2.57
CA SER B 52 -40.60 19.00 1.31
C SER B 52 -41.43 19.95 0.44
N PRO B 53 -40.95 20.41 -0.74
CA PRO B 53 -41.77 21.23 -1.62
C PRO B 53 -42.69 20.31 -2.46
N GLY B 54 -43.85 20.80 -2.82
CA GLY B 54 -44.85 20.01 -3.53
C GLY B 54 -45.80 19.50 -2.48
N ASN B 55 -45.45 18.39 -1.85
CA ASN B 55 -46.04 17.99 -0.56
C ASN B 55 -45.55 18.98 0.50
N THR B 56 -46.37 19.90 1.01
CA THR B 56 -45.91 20.94 1.97
C THR B 56 -45.80 20.31 3.37
N ASP B 57 -44.89 19.35 3.53
CA ASP B 57 -44.61 18.60 4.77
C ASP B 57 -43.39 19.27 5.39
N ILE B 58 -43.53 19.90 6.55
CA ILE B 58 -42.43 20.64 7.23
C ILE B 58 -42.21 20.05 8.62
N LYS B 59 -41.10 19.35 8.83
CA LYS B 59 -40.67 18.85 10.16
C LYS B 59 -39.63 19.79 10.78
N TYR B 60 -39.74 20.07 12.07
CA TYR B 60 -38.75 20.83 12.85
C TYR B 60 -38.17 19.94 13.94
N ASN B 61 -36.90 20.11 14.27
CA ASN B 61 -36.28 19.57 15.51
C ASN B 61 -36.86 20.38 16.69
N ASP B 62 -37.37 19.72 17.72
CA ASP B 62 -37.93 20.38 18.93
C ASP B 62 -36.96 21.47 19.43
N LYS B 63 -35.67 21.18 19.51
CA LYS B 63 -34.62 22.15 19.93
C LYS B 63 -34.86 23.49 19.18
N PHE B 64 -35.26 23.48 17.91
CA PHE B 64 -35.29 24.67 17.01
C PHE B 64 -36.72 25.21 16.84
N LYS B 65 -37.74 24.54 17.37
CA LYS B 65 -39.14 25.00 17.32
C LYS B 65 -39.10 26.36 18.05
N GLY B 66 -39.34 27.45 17.30
CA GLY B 66 -39.33 28.82 17.85
C GLY B 66 -38.13 29.61 17.38
N LYS B 67 -36.98 28.98 17.18
CA LYS B 67 -35.77 29.67 16.67
C LYS B 67 -35.87 29.81 15.15
N ALA B 68 -36.12 28.68 14.49
CA ALA B 68 -36.06 28.52 13.01
C ALA B 68 -37.47 28.47 12.44
N THR B 69 -37.65 29.07 11.25
CA THR B 69 -38.88 28.95 10.44
C THR B 69 -38.45 28.75 8.98
N LEU B 70 -38.93 27.68 8.34
CA LEU B 70 -38.59 27.31 6.94
C LEU B 70 -39.72 27.72 5.98
N THR B 71 -39.47 28.69 5.09
CA THR B 71 -40.32 29.09 3.94
C THR B 71 -39.80 28.38 2.69
N VAL B 72 -40.44 28.63 1.55
CA VAL B 72 -40.01 28.20 0.18
C VAL B 72 -40.65 29.14 -0.86
N ASP B 73 -39.98 29.39 -1.99
CA ASP B 73 -40.54 30.12 -3.16
C ASP B 73 -40.35 29.25 -4.41
N ARG B 74 -41.43 28.57 -4.83
CA ARG B 74 -41.39 27.48 -5.85
C ARG B 74 -41.05 28.07 -7.22
N SER B 75 -41.57 29.28 -7.49
CA SER B 75 -41.41 29.99 -8.78
C SER B 75 -39.93 30.24 -9.08
N SER B 76 -39.05 30.25 -8.06
CA SER B 76 -37.59 30.54 -8.23
C SER B 76 -36.71 29.42 -7.68
N SER B 77 -37.29 28.28 -7.26
CA SER B 77 -36.56 27.09 -6.75
C SER B 77 -35.63 27.48 -5.60
N THR B 78 -36.19 28.13 -4.56
CA THR B 78 -35.42 28.66 -3.41
C THR B 78 -36.07 28.24 -2.09
N ALA B 79 -35.28 27.63 -1.19
CA ALA B 79 -35.66 27.40 0.22
C ALA B 79 -35.09 28.53 1.06
N TYR B 80 -35.85 28.92 2.08
CA TYR B 80 -35.41 29.93 3.08
C TYR B 80 -35.51 29.29 4.44
N MET B 81 -34.65 29.78 5.32
CA MET B 81 -34.69 29.56 6.79
C MET B 81 -34.50 30.93 7.44
N GLN B 82 -35.37 31.26 8.39
CA GLN B 82 -35.26 32.48 9.19
C GLN B 82 -34.97 32.08 10.63
N LEU B 83 -33.99 32.73 11.23
CA LEU B 83 -33.60 32.56 12.66
C LEU B 83 -33.93 33.84 13.42
N ASN B 84 -34.60 33.72 14.57
CA ASN B 84 -35.16 34.84 15.38
C ASN B 84 -34.45 34.86 16.74
N SER B 85 -34.41 36.03 17.39
CA SER B 85 -33.97 36.18 18.81
C SER B 85 -32.51 35.75 18.95
N LEU B 86 -31.66 36.11 18.00
CA LEU B 86 -30.31 35.53 17.88
C LEU B 86 -29.49 35.86 19.13
N THR B 87 -28.96 34.83 19.79
CA THR B 87 -27.88 34.94 20.81
C THR B 87 -26.57 34.50 20.16
N SER B 88 -25.46 34.55 20.88
CA SER B 88 -24.14 34.08 20.38
C SER B 88 -24.12 32.55 20.31
N GLU B 89 -25.16 31.88 20.81
CA GLU B 89 -25.40 30.42 20.66
C GLU B 89 -25.59 30.10 19.17
N ASP B 90 -26.18 31.02 18.44
CA ASP B 90 -26.63 30.81 17.04
C ASP B 90 -25.47 31.10 16.07
N SER B 91 -24.35 31.64 16.55
CA SER B 91 -23.10 31.79 15.77
C SER B 91 -22.65 30.41 15.31
N ALA B 92 -22.64 30.17 14.00
CA ALA B 92 -22.44 28.84 13.38
C ALA B 92 -22.47 28.97 11.87
N VAL B 93 -22.09 27.93 11.14
CA VAL B 93 -22.31 27.85 9.68
C VAL B 93 -23.58 27.03 9.45
N TYR B 94 -24.48 27.52 8.60
CA TYR B 94 -25.80 26.88 8.34
C TYR B 94 -25.81 26.37 6.90
N PHE B 95 -26.06 25.06 6.76
CA PHE B 95 -26.10 24.36 5.47
C PHE B 95 -27.55 24.01 5.12
N CYS B 96 -27.94 24.20 3.85
CA CYS B 96 -29.08 23.49 3.24
C CYS B 96 -28.54 22.26 2.50
N LYS B 97 -29.33 21.19 2.47
CA LYS B 97 -28.96 19.90 1.85
C LYS B 97 -30.25 19.29 1.31
N THR B 98 -30.12 18.42 0.32
CA THR B 98 -31.25 17.77 -0.41
C THR B 98 -31.44 16.35 0.15
N SER B 99 -32.67 15.97 0.50
CA SER B 99 -33.08 14.57 0.82
C SER B 99 -32.46 14.09 2.15
N THR B 100 -32.53 12.78 2.37
CA THR B 100 -32.01 12.00 3.51
C THR B 100 -31.21 10.85 2.91
N PHE B 101 -30.03 11.09 2.31
CA PHE B 101 -29.09 10.03 1.82
C PHE B 101 -29.42 9.43 0.44
N PHE B 102 -30.49 9.78 -0.25
CA PHE B 102 -30.81 9.26 -1.60
C PHE B 102 -30.26 10.22 -2.67
N PHE B 103 -30.48 11.51 -2.48
CA PHE B 103 -29.83 12.64 -3.19
C PHE B 103 -28.88 13.31 -2.18
N ASP B 104 -27.65 13.61 -2.58
CA ASP B 104 -26.65 14.13 -1.63
C ASP B 104 -25.96 15.32 -2.25
N TYR B 105 -26.55 16.48 -2.02
CA TYR B 105 -26.07 17.78 -2.51
C TYR B 105 -26.23 18.74 -1.35
N TRP B 106 -25.15 19.46 -1.03
CA TRP B 106 -25.16 20.45 0.06
C TRP B 106 -24.88 21.83 -0.52
N GLY B 107 -25.46 22.86 0.10
CA GLY B 107 -24.99 24.24 -0.04
C GLY B 107 -23.57 24.42 0.46
N GLN B 108 -22.88 25.47 0.04
CA GLN B 108 -21.48 25.79 0.43
C GLN B 108 -21.47 26.37 1.85
N GLY B 109 -22.64 26.46 2.48
CA GLY B 109 -22.78 26.95 3.86
C GLY B 109 -22.92 28.45 3.92
N THR B 110 -23.58 28.97 4.95
CA THR B 110 -23.70 30.42 5.24
C THR B 110 -23.29 30.63 6.70
N THR B 111 -22.15 31.27 6.92
CA THR B 111 -21.69 31.65 8.28
C THR B 111 -22.60 32.72 8.84
N LEU B 112 -22.99 32.60 10.10
CA LEU B 112 -23.79 33.61 10.83
C LEU B 112 -23.05 33.92 12.13
N THR B 113 -22.45 35.10 12.24
CA THR B 113 -21.67 35.56 13.43
C THR B 113 -22.49 36.65 14.14
N VAL B 114 -22.62 36.55 15.46
CA VAL B 114 -23.53 37.36 16.32
C VAL B 114 -22.72 38.06 17.42
N SER B 115 -22.50 39.38 17.29
CA SER B 115 -21.73 40.25 18.21
C SER B 115 -22.53 41.52 18.54
N LEU C 2 12.40 -5.54 12.00
CA LEU C 2 10.94 -5.76 12.24
C LEU C 2 10.32 -4.51 12.88
N VAL C 3 9.30 -3.92 12.23
CA VAL C 3 8.64 -2.61 12.56
C VAL C 3 7.25 -2.87 13.17
N MET C 4 6.96 -2.24 14.31
CA MET C 4 5.62 -2.16 14.96
C MET C 4 5.00 -0.79 14.67
N THR C 5 3.82 -0.78 14.08
CA THR C 5 3.05 0.45 13.76
C THR C 5 1.82 0.47 14.66
N GLN C 6 1.62 1.51 15.44
CA GLN C 6 0.39 1.65 16.26
C GLN C 6 -0.46 2.77 15.69
N SER C 7 -1.76 2.69 15.92
CA SER C 7 -2.67 3.78 15.56
C SER C 7 -3.93 3.71 16.41
N PRO C 8 -4.52 4.86 16.78
CA PRO C 8 -3.95 6.16 16.44
C PRO C 8 -2.81 6.58 17.38
N SER C 9 -2.05 7.63 17.06
CA SER C 9 -0.92 8.13 17.86
C SER C 9 -1.47 8.60 19.20
N SER C 10 -2.63 9.23 19.15
CA SER C 10 -3.36 9.78 20.32
C SER C 10 -4.84 9.82 19.97
N LEU C 11 -5.70 9.80 20.99
CA LEU C 11 -7.16 9.99 20.79
C LEU C 11 -7.75 10.51 22.08
N THR C 12 -8.92 11.14 21.95
CA THR C 12 -9.64 11.76 23.08
C THR C 12 -11.00 11.11 23.21
N VAL C 13 -11.27 10.49 24.37
CA VAL C 13 -12.62 10.00 24.70
C VAL C 13 -13.18 10.76 25.90
N THR C 14 -14.47 10.58 26.10
CA THR C 14 -15.19 10.79 27.36
C THR C 14 -15.23 9.46 28.10
N ALA C 15 -14.98 9.48 29.41
CA ALA C 15 -15.07 8.29 30.26
C ALA C 15 -16.46 7.69 30.05
N GLY C 16 -16.56 6.38 29.86
CA GLY C 16 -17.82 5.67 29.63
C GLY C 16 -17.84 5.07 28.24
N GLU C 17 -17.26 5.79 27.27
CA GLU C 17 -17.21 5.39 25.85
C GLU C 17 -16.21 4.25 25.66
N LYS C 18 -16.47 3.44 24.63
CA LYS C 18 -15.60 2.31 24.22
C LYS C 18 -14.51 2.86 23.31
N VAL C 19 -13.37 2.21 23.30
CA VAL C 19 -12.21 2.67 22.52
C VAL C 19 -11.47 1.43 22.00
N THR C 20 -10.87 1.55 20.82
CA THR C 20 -10.06 0.49 20.19
C THR C 20 -8.78 1.11 19.67
N MET C 21 -7.64 0.48 19.91
CA MET C 21 -6.36 0.88 19.27
C MET C 21 -5.73 -0.33 18.62
N ILE C 22 -4.96 -0.08 17.59
CA ILE C 22 -4.51 -1.09 16.60
C ILE C 22 -3.00 -1.13 16.72
N CYS C 23 -2.41 -2.30 16.44
CA CYS C 23 -0.96 -2.55 16.42
C CYS C 23 -0.68 -3.53 15.28
N LYS C 24 -0.07 -3.06 14.18
CA LYS C 24 0.43 -3.91 13.08
C LYS C 24 1.90 -4.20 13.34
N SER C 25 2.40 -5.34 12.87
CA SER C 25 3.85 -5.65 12.71
C SER C 25 4.13 -5.97 11.24
N SER C 26 5.33 -5.65 10.76
CA SER C 26 5.77 -5.92 9.37
C SER C 26 5.84 -7.44 9.17
N GLN C 27 6.26 -8.19 10.18
CA GLN C 27 6.45 -9.66 10.12
C GLN C 27 5.56 -10.30 11.18
N SER C 28 5.02 -11.49 10.89
CA SER C 28 4.14 -12.27 11.80
C SER C 28 4.84 -12.54 13.13
N LEU C 29 4.10 -12.40 14.23
CA LEU C 29 4.55 -12.65 15.62
C LEU C 29 3.98 -13.97 16.09
N LEU C 30 3.22 -14.64 15.22
CA LEU C 30 2.78 -16.05 15.42
C LEU C 30 4.00 -16.96 15.31
N ASN C 31 4.27 -17.68 16.39
CA ASN C 31 5.27 -18.77 16.47
C ASN C 31 4.49 -20.09 16.45
N SER C 32 4.53 -20.83 15.34
CA SER C 32 3.79 -22.11 15.14
C SER C 32 4.45 -23.25 15.96
N GLY C 33 5.69 -23.06 16.41
CA GLY C 33 6.28 -23.77 17.54
C GLY C 33 5.21 -24.13 18.56
N ASP C 34 4.64 -23.13 19.24
CA ASP C 34 3.65 -23.31 20.34
C ASP C 34 2.31 -22.65 20.00
N GLN C 35 2.22 -22.04 18.80
CA GLN C 35 0.97 -21.49 18.20
C GLN C 35 0.49 -20.26 18.97
N LYS C 36 1.38 -19.46 19.55
CA LYS C 36 1.01 -18.23 20.29
C LYS C 36 1.56 -17.01 19.57
N ASN C 37 0.83 -15.89 19.68
CA ASN C 37 1.29 -14.58 19.14
C ASN C 37 2.11 -13.91 20.26
N TYR C 38 3.39 -13.62 20.02
CA TYR C 38 4.32 -13.02 21.00
C TYR C 38 4.21 -11.49 20.88
N LEU C 39 3.05 -10.98 21.33
CA LEU C 39 2.67 -9.54 21.29
C LEU C 39 2.21 -9.16 22.70
N THR C 40 2.80 -8.11 23.28
CA THR C 40 2.57 -7.66 24.66
C THR C 40 2.07 -6.22 24.65
N TRP C 41 1.06 -5.90 25.46
CA TRP C 41 0.53 -4.53 25.64
C TRP C 41 0.97 -4.00 26.99
N TYR C 42 1.45 -2.76 27.03
CA TYR C 42 1.84 -2.03 28.25
C TYR C 42 0.96 -0.77 28.34
N GLN C 43 0.47 -0.51 29.54
CA GLN C 43 -0.19 0.75 29.93
C GLN C 43 0.87 1.59 30.62
N GLN C 44 1.12 2.81 30.21
CA GLN C 44 2.06 3.70 30.95
C GLN C 44 1.34 4.97 31.35
N LYS C 45 1.04 5.13 32.63
CA LYS C 45 0.40 6.37 33.14
C LYS C 45 1.52 7.38 33.33
N PRO C 46 1.23 8.70 33.33
CA PRO C 46 2.30 9.70 33.31
C PRO C 46 3.05 9.74 34.65
N GLY C 47 4.36 9.98 34.56
CA GLY C 47 5.29 10.04 35.71
C GLY C 47 5.53 8.68 36.32
N GLN C 48 5.24 7.63 35.58
CA GLN C 48 5.21 6.24 36.07
C GLN C 48 5.81 5.31 35.04
N PRO C 49 6.35 4.17 35.49
CA PRO C 49 6.92 3.23 34.56
C PRO C 49 5.79 2.50 33.86
N PRO C 50 6.02 1.88 32.70
CA PRO C 50 5.02 1.02 32.09
C PRO C 50 4.59 -0.10 33.04
N LYS C 51 3.42 -0.65 32.75
CA LYS C 51 2.78 -1.73 33.54
C LYS C 51 2.21 -2.71 32.50
N LEU C 52 2.49 -4.00 32.65
CA LEU C 52 1.93 -5.08 31.80
C LEU C 52 0.39 -5.08 31.86
N LEU C 53 -0.25 -5.18 30.71
CA LEU C 53 -1.72 -5.32 30.56
C LEU C 53 -2.07 -6.71 30.03
N ILE C 54 -1.51 -7.04 28.88
CA ILE C 54 -1.81 -8.24 28.08
C ILE C 54 -0.49 -8.83 27.59
N PHE C 55 -0.37 -10.15 27.57
CA PHE C 55 0.72 -10.90 26.90
C PHE C 55 0.09 -12.02 26.04
N TRP C 56 0.86 -12.55 25.09
CA TRP C 56 0.35 -13.52 24.09
C TRP C 56 -0.94 -12.98 23.48
N ALA C 57 -0.92 -11.70 23.11
CA ALA C 57 -1.95 -10.98 22.35
C ALA C 57 -3.25 -10.79 23.11
N SER C 58 -3.63 -11.71 24.00
CA SER C 58 -5.03 -11.87 24.48
C SER C 58 -5.09 -12.17 25.98
N THR C 59 -4.02 -12.70 26.58
CA THR C 59 -4.03 -13.11 28.00
C THR C 59 -3.76 -11.88 28.87
N ARG C 60 -4.64 -11.69 29.84
CA ARG C 60 -4.69 -10.47 30.68
C ARG C 60 -3.86 -10.74 31.94
N GLU C 61 -2.95 -9.86 32.27
CA GLU C 61 -2.08 -9.96 33.48
C GLU C 61 -2.99 -9.94 34.70
N SER C 62 -2.55 -10.51 35.82
CA SER C 62 -3.29 -10.52 37.11
C SER C 62 -3.59 -9.07 37.53
N GLY C 63 -4.79 -8.82 38.08
CA GLY C 63 -5.22 -7.50 38.56
C GLY C 63 -5.86 -6.63 37.48
N VAL C 64 -5.62 -6.90 36.20
CA VAL C 64 -6.12 -6.06 35.07
C VAL C 64 -7.61 -6.34 34.83
N PRO C 65 -8.47 -5.30 34.90
CA PRO C 65 -9.91 -5.43 34.71
C PRO C 65 -10.38 -6.15 33.44
N ASP C 66 -11.58 -6.71 33.49
CA ASP C 66 -12.24 -7.42 32.36
C ASP C 66 -12.45 -6.44 31.19
N ARG C 67 -12.51 -5.12 31.43
CA ARG C 67 -12.85 -4.12 30.39
C ARG C 67 -11.74 -4.04 29.33
N PHE C 68 -10.51 -4.43 29.68
CA PHE C 68 -9.37 -4.58 28.72
C PHE C 68 -9.43 -5.94 28.05
N THR C 69 -9.52 -5.97 26.73
CA THR C 69 -9.50 -7.21 25.89
C THR C 69 -8.50 -7.01 24.75
N GLY C 70 -7.45 -7.83 24.76
CA GLY C 70 -6.53 -7.95 23.61
C GLY C 70 -7.04 -8.99 22.64
N SER C 71 -6.92 -8.72 21.35
CA SER C 71 -7.21 -9.74 20.32
C SER C 71 -6.23 -9.57 19.13
N GLY C 72 -6.53 -10.30 18.05
CA GLY C 72 -5.74 -10.36 16.81
C GLY C 72 -4.82 -11.56 16.83
N SER C 73 -4.26 -11.89 15.66
CA SER C 73 -3.12 -12.82 15.51
C SER C 73 -2.36 -12.46 14.22
N GLY C 74 -1.14 -12.96 14.08
CA GLY C 74 -0.30 -12.77 12.89
C GLY C 74 0.39 -11.45 12.94
N THR C 75 -0.10 -10.46 12.18
CA THR C 75 0.51 -9.12 12.08
C THR C 75 -0.45 -8.04 12.55
N ASP C 76 -1.70 -8.38 12.89
CA ASP C 76 -2.78 -7.38 13.10
C ASP C 76 -3.44 -7.67 14.45
N PHE C 77 -3.21 -6.77 15.42
CA PHE C 77 -3.65 -6.90 16.83
C PHE C 77 -4.46 -5.67 17.25
N THR C 78 -5.40 -5.83 18.17
CA THR C 78 -6.15 -4.71 18.77
C THR C 78 -6.20 -4.85 20.28
N LEU C 79 -6.21 -3.72 20.96
CA LEU C 79 -6.54 -3.57 22.38
C LEU C 79 -7.86 -2.80 22.43
N THR C 80 -8.80 -3.26 23.23
CA THR C 80 -10.15 -2.66 23.34
C THR C 80 -10.42 -2.36 24.81
N ILE C 81 -10.86 -1.16 25.13
CA ILE C 81 -11.33 -0.83 26.50
C ILE C 81 -12.84 -0.66 26.36
N SER C 82 -13.62 -1.56 26.95
CA SER C 82 -15.07 -1.64 26.66
C SER C 82 -15.74 -0.36 27.17
N SER C 83 -15.26 0.14 28.30
CA SER C 83 -15.78 1.38 28.95
C SER C 83 -14.62 2.09 29.66
N VAL C 84 -14.08 3.15 29.03
CA VAL C 84 -12.89 3.90 29.53
C VAL C 84 -13.22 4.59 30.85
N GLN C 85 -12.36 4.43 31.85
CA GLN C 85 -12.49 5.02 33.20
C GLN C 85 -11.37 6.06 33.38
N ALA C 86 -11.56 7.05 34.25
CA ALA C 86 -10.56 8.11 34.52
C ALA C 86 -9.19 7.48 34.83
N GLU C 87 -9.17 6.31 35.48
CA GLU C 87 -7.93 5.61 35.87
C GLU C 87 -7.23 5.00 34.63
N ASP C 88 -7.82 5.10 33.43
CA ASP C 88 -7.26 4.47 32.21
C ASP C 88 -6.46 5.49 31.39
N LEU C 89 -6.43 6.75 31.84
CA LEU C 89 -5.62 7.79 31.18
C LEU C 89 -4.17 7.33 31.23
N ALA C 90 -3.58 7.09 30.07
CA ALA C 90 -2.26 6.45 29.92
C ALA C 90 -1.81 6.51 28.46
N VAL C 91 -0.58 6.12 28.19
CA VAL C 91 -0.13 5.75 26.83
C VAL C 91 -0.05 4.23 26.74
N TYR C 92 -0.63 3.62 25.72
CA TYR C 92 -0.67 2.15 25.51
C TYR C 92 0.35 1.81 24.43
N TYR C 93 1.30 0.97 24.78
CA TYR C 93 2.39 0.49 23.91
C TYR C 93 2.19 -0.99 23.63
N CYS C 94 2.36 -1.40 22.39
CA CYS C 94 2.55 -2.84 22.04
C CYS C 94 4.04 -3.10 21.84
N GLN C 95 4.51 -4.24 22.32
CA GLN C 95 5.92 -4.67 22.21
C GLN C 95 5.98 -6.01 21.49
N ASN C 96 6.91 -6.10 20.53
CA ASN C 96 7.27 -7.36 19.83
C ASN C 96 8.13 -8.21 20.80
N ASP C 97 7.58 -9.34 21.27
CA ASP C 97 8.28 -10.24 22.22
C ASP C 97 8.69 -11.52 21.48
N TYR C 98 8.78 -11.46 20.14
CA TYR C 98 9.01 -12.61 19.24
C TYR C 98 10.48 -12.76 18.89
N SER C 99 11.14 -11.70 18.42
CA SER C 99 12.56 -11.70 17.99
C SER C 99 13.23 -10.43 18.48
N TYR C 100 14.55 -10.47 18.65
CA TYR C 100 15.42 -9.29 18.88
C TYR C 100 15.41 -8.44 17.60
N PRO C 101 15.54 -7.09 17.67
CA PRO C 101 15.39 -6.34 18.92
C PRO C 101 13.91 -6.31 19.34
N LEU C 102 13.62 -6.10 20.61
CA LEU C 102 12.26 -6.20 21.16
C LEU C 102 11.54 -4.87 20.94
N THR C 103 11.15 -4.58 19.69
CA THR C 103 10.67 -3.22 19.30
C THR C 103 9.30 -2.95 19.92
N PHE C 104 9.08 -1.69 20.29
CA PHE C 104 7.77 -1.16 20.72
C PHE C 104 7.14 -0.37 19.57
N GLY C 105 5.81 -0.25 19.58
CA GLY C 105 5.07 0.77 18.83
C GLY C 105 5.35 2.16 19.39
N ALA C 106 5.00 3.21 18.67
CA ALA C 106 5.18 4.60 19.14
C ALA C 106 4.08 4.92 20.15
N GLY C 107 3.14 4.00 20.35
CA GLY C 107 2.13 4.12 21.41
C GLY C 107 0.90 4.87 20.95
N THR C 108 -0.26 4.52 21.51
CA THR C 108 -1.51 5.30 21.47
C THR C 108 -1.69 6.01 22.81
N LYS C 109 -1.72 7.33 22.80
CA LYS C 109 -1.99 8.13 24.03
C LYS C 109 -3.49 8.35 24.19
N LEU C 110 -4.09 7.84 25.25
CA LEU C 110 -5.50 8.06 25.63
C LEU C 110 -5.60 9.33 26.48
N GLU C 111 -6.40 10.31 26.08
CA GLU C 111 -6.70 11.52 26.89
C GLU C 111 -8.21 11.58 27.09
N LEU C 112 -8.69 12.36 28.06
CA LEU C 112 -10.11 12.40 28.45
C LEU C 112 -10.67 13.82 28.32
N LYS C 113 -11.99 13.97 28.19
CA LYS C 113 -12.66 15.28 28.02
C LYS C 113 -13.12 15.80 29.38
N GLN D 1 8.29 -7.06 49.01
CA GLN D 1 7.96 -6.89 47.59
C GLN D 1 9.26 -6.84 46.78
N VAL D 2 9.16 -7.06 45.48
CA VAL D 2 10.26 -6.79 44.51
C VAL D 2 10.36 -5.27 44.33
N GLN D 3 11.57 -4.74 44.29
CA GLN D 3 11.89 -3.30 44.15
C GLN D 3 13.03 -3.19 43.14
N LEU D 4 13.00 -2.18 42.29
CA LEU D 4 14.18 -1.76 41.48
C LEU D 4 14.43 -0.27 41.75
N GLN D 5 15.43 0.09 42.53
CA GLN D 5 15.78 1.50 42.81
C GLN D 5 16.79 1.96 41.76
N GLN D 6 16.41 2.95 40.97
CA GLN D 6 17.31 3.56 39.96
C GLN D 6 18.00 4.77 40.60
N SER D 7 19.19 5.09 40.10
CA SER D 7 19.99 6.27 40.50
C SER D 7 19.19 7.55 40.21
N ASP D 8 19.54 8.64 40.88
CA ASP D 8 18.86 9.96 40.76
C ASP D 8 19.13 10.54 39.38
N ALA D 9 18.33 11.55 39.03
CA ALA D 9 18.33 12.30 37.76
C ALA D 9 19.69 12.96 37.54
N GLU D 10 20.12 13.06 36.29
CA GLU D 10 21.48 13.52 35.90
C GLU D 10 21.32 14.62 34.85
N LEU D 11 21.91 15.79 35.12
CA LEU D 11 22.02 16.97 34.21
C LEU D 11 23.48 17.07 33.77
N VAL D 12 23.77 17.06 32.47
CA VAL D 12 25.13 16.70 31.98
C VAL D 12 25.43 17.35 30.62
N LYS D 13 26.70 17.76 30.42
CA LYS D 13 27.22 18.51 29.25
C LYS D 13 27.46 17.54 28.09
N PRO D 14 27.16 17.94 26.83
CA PRO D 14 27.37 17.07 25.67
C PRO D 14 28.77 16.46 25.57
N GLY D 15 28.91 15.38 24.77
CA GLY D 15 30.17 14.63 24.57
C GLY D 15 30.64 13.94 25.84
N SER D 16 30.00 14.24 26.97
CA SER D 16 30.19 13.60 28.29
C SER D 16 29.71 12.12 28.28
N SER D 17 29.90 11.40 29.38
CA SER D 17 29.56 9.97 29.59
C SER D 17 28.91 9.82 30.97
N VAL D 18 27.84 9.03 31.11
CA VAL D 18 27.09 8.90 32.40
C VAL D 18 26.77 7.41 32.66
N LYS D 19 26.61 7.02 33.93
CA LYS D 19 26.40 5.61 34.37
C LYS D 19 25.18 5.52 35.32
N ILE D 20 24.00 5.18 34.79
CA ILE D 20 22.74 4.88 35.53
C ILE D 20 22.91 3.56 36.27
N SER D 21 22.40 3.47 37.50
CA SER D 21 22.35 2.23 38.31
C SER D 21 20.89 1.79 38.51
N CYS D 22 20.70 0.51 38.82
CA CYS D 22 19.40 -0.17 39.06
C CYS D 22 19.62 -1.26 40.12
N LYS D 23 19.29 -0.98 41.38
CA LYS D 23 19.61 -1.82 42.55
C LYS D 23 18.38 -2.70 42.81
N ALA D 24 18.51 -4.02 42.63
CA ALA D 24 17.38 -4.97 42.70
C ALA D 24 17.32 -5.60 44.08
N SER D 25 16.10 -6.00 44.48
CA SER D 25 15.83 -6.62 45.79
C SER D 25 14.45 -7.30 45.81
N GLY D 26 14.30 -8.36 46.62
CA GLY D 26 13.04 -9.06 46.87
C GLY D 26 12.85 -10.28 45.98
N TYR D 27 13.92 -10.65 45.26
CA TYR D 27 14.00 -11.75 44.28
C TYR D 27 15.49 -12.05 44.11
N THR D 28 15.87 -13.28 43.80
CA THR D 28 17.29 -13.65 43.55
C THR D 28 17.72 -13.01 42.21
N PHE D 29 18.74 -12.15 42.26
CA PHE D 29 19.18 -11.26 41.16
C PHE D 29 19.40 -12.04 39.85
N THR D 30 19.94 -13.26 39.90
CA THR D 30 20.39 -14.05 38.72
C THR D 30 19.21 -14.66 37.95
N ASP D 31 18.02 -14.76 38.59
CA ASP D 31 16.84 -15.49 38.03
C ASP D 31 16.34 -14.80 36.78
N HIS D 32 16.31 -13.47 36.77
CA HIS D 32 15.66 -12.68 35.70
C HIS D 32 16.65 -11.67 35.13
N ALA D 33 16.59 -11.54 33.80
CA ALA D 33 17.36 -10.57 32.99
C ALA D 33 16.88 -9.16 33.31
N ILE D 34 17.81 -8.20 33.45
CA ILE D 34 17.52 -6.74 33.51
C ILE D 34 17.50 -6.21 32.06
N HIS D 35 16.37 -5.68 31.62
CA HIS D 35 16.22 -4.93 30.35
C HIS D 35 16.31 -3.43 30.63
N TRP D 36 16.78 -2.65 29.67
CA TRP D 36 16.81 -1.17 29.75
C TRP D 36 15.95 -0.58 28.63
N VAL D 37 15.20 0.46 28.95
CA VAL D 37 14.22 1.06 28.02
C VAL D 37 14.42 2.56 28.05
N LYS D 38 14.52 3.18 26.87
CA LYS D 38 14.61 4.66 26.70
C LYS D 38 13.20 5.17 26.44
N GLN D 39 12.72 6.11 27.24
CA GLN D 39 11.44 6.81 27.02
C GLN D 39 11.80 8.18 26.44
N LYS D 40 11.47 8.38 25.16
CA LYS D 40 11.57 9.68 24.44
C LYS D 40 10.69 10.68 25.16
N PRO D 41 11.13 11.95 25.31
CA PRO D 41 10.41 12.93 26.12
C PRO D 41 8.93 13.07 25.70
N GLU D 42 8.67 13.10 24.40
CA GLU D 42 7.30 13.24 23.85
C GLU D 42 6.45 12.02 24.23
N GLN D 43 6.80 10.87 23.65
CA GLN D 43 6.04 9.59 23.60
C GLN D 43 6.84 8.61 22.72
N GLY D 44 6.96 7.35 23.16
CA GLY D 44 7.83 6.33 22.53
C GLY D 44 8.70 5.67 23.57
N LEU D 45 8.77 4.34 23.52
CA LEU D 45 9.76 3.53 24.25
C LEU D 45 10.67 2.88 23.21
N GLU D 46 11.97 2.83 23.48
CA GLU D 46 12.97 2.10 22.69
C GLU D 46 13.64 1.09 23.63
N TRP D 47 13.67 -0.16 23.24
CA TRP D 47 14.43 -1.23 23.93
C TRP D 47 15.93 -1.05 23.65
N ILE D 48 16.73 -0.82 24.69
CA ILE D 48 18.20 -0.59 24.55
C ILE D 48 18.90 -1.96 24.47
N GLY D 49 18.59 -2.86 25.40
CA GLY D 49 19.22 -4.19 25.50
C GLY D 49 18.86 -4.85 26.81
N HIS D 50 19.44 -6.01 27.08
CA HIS D 50 19.24 -6.71 28.37
C HIS D 50 20.56 -7.34 28.80
N PHE D 51 20.62 -7.67 30.08
CA PHE D 51 21.77 -8.32 30.75
C PHE D 51 21.16 -9.42 31.62
N SER D 52 21.26 -10.67 31.20
CA SER D 52 20.88 -11.85 32.04
C SER D 52 22.04 -12.12 33.01
N PRO D 53 21.86 -11.98 34.34
CA PRO D 53 22.91 -12.33 35.27
C PRO D 53 23.05 -13.84 35.46
N GLY D 54 22.04 -14.66 35.15
CA GLY D 54 22.15 -16.11 35.33
C GLY D 54 23.16 -16.77 34.39
N ASN D 55 23.26 -16.29 33.14
CA ASN D 55 24.03 -16.91 32.03
C ASN D 55 24.85 -15.85 31.31
N THR D 56 25.20 -14.72 31.93
CA THR D 56 25.79 -13.49 31.30
C THR D 56 25.63 -13.50 29.78
N ASP D 57 24.37 -13.52 29.33
CA ASP D 57 23.95 -13.30 27.93
C ASP D 57 23.57 -11.83 27.86
N ILE D 58 24.27 -11.02 27.08
CA ILE D 58 24.01 -9.56 26.94
C ILE D 58 23.64 -9.23 25.49
N LYS D 59 22.36 -8.93 25.24
CA LYS D 59 21.89 -8.47 23.90
C LYS D 59 21.77 -6.95 23.88
N TYR D 60 22.18 -6.33 22.78
CA TYR D 60 22.07 -4.88 22.53
C TYR D 60 21.20 -4.64 21.31
N ASN D 61 20.42 -3.57 21.30
CA ASN D 61 19.73 -3.08 20.09
C ASN D 61 20.77 -2.48 19.13
N ASP D 62 20.79 -2.92 17.87
CA ASP D 62 21.77 -2.41 16.86
C ASP D 62 21.72 -0.88 16.85
N LYS D 63 20.55 -0.29 16.86
CA LYS D 63 20.34 1.18 16.90
C LYS D 63 21.23 1.79 17.99
N PHE D 64 21.52 1.12 19.11
CA PHE D 64 22.34 1.67 20.24
C PHE D 64 23.85 1.34 20.14
N LYS D 65 24.40 2.27 19.32
CA LYS D 65 25.37 2.17 18.18
C LYS D 65 26.81 2.21 18.73
N GLY D 66 27.05 1.48 19.83
CA GLY D 66 28.20 1.70 20.74
C GLY D 66 27.90 2.66 21.88
N LYS D 67 26.69 3.22 21.89
CA LYS D 67 26.22 4.31 22.78
C LYS D 67 26.07 3.77 24.22
N ALA D 68 25.44 2.60 24.37
CA ALA D 68 25.19 1.94 25.66
C ALA D 68 26.20 0.80 25.89
N THR D 69 26.59 0.63 27.15
CA THR D 69 27.28 -0.59 27.64
C THR D 69 26.62 -0.99 28.97
N LEU D 70 26.17 -2.25 29.09
CA LEU D 70 25.51 -2.81 30.30
C LEU D 70 26.49 -3.65 31.11
N THR D 71 26.85 -3.17 32.30
CA THR D 71 27.67 -3.86 33.33
C THR D 71 26.72 -4.46 34.36
N VAL D 72 27.26 -5.09 35.41
CA VAL D 72 26.52 -5.62 36.60
C VAL D 72 27.50 -5.74 37.78
N ASP D 73 27.03 -5.59 39.03
CA ASP D 73 27.78 -5.90 40.27
C ASP D 73 26.93 -6.85 41.13
N ARG D 74 27.28 -8.16 41.08
CA ARG D 74 26.43 -9.26 41.60
C ARG D 74 26.42 -9.21 43.13
N SER D 75 27.54 -8.81 43.73
CA SER D 75 27.75 -8.73 45.19
C SER D 75 26.72 -7.77 45.82
N SER D 76 26.15 -6.83 45.06
CA SER D 76 25.19 -5.82 45.57
C SER D 76 23.85 -5.84 44.80
N SER D 77 23.65 -6.79 43.86
CA SER D 77 22.40 -6.98 43.07
C SER D 77 22.06 -5.67 42.35
N THR D 78 23.01 -5.15 41.56
CA THR D 78 22.90 -3.85 40.85
C THR D 78 23.28 -4.03 39.37
N ALA D 79 22.41 -3.59 38.47
CA ALA D 79 22.68 -3.46 37.02
C ALA D 79 23.09 -2.02 36.76
N TYR D 80 24.02 -1.84 35.85
CA TYR D 80 24.45 -0.51 35.36
C TYR D 80 24.24 -0.49 33.87
N MET D 81 24.02 0.73 33.38
CA MET D 81 24.09 1.12 31.96
C MET D 81 24.94 2.39 31.90
N GLN D 82 25.90 2.40 30.99
CA GLN D 82 26.77 3.58 30.75
C GLN D 82 26.49 4.07 29.34
N LEU D 83 26.27 5.37 29.19
CA LEU D 83 25.99 6.07 27.91
C LEU D 83 27.18 7.00 27.61
N ASN D 84 27.72 6.92 26.39
CA ASN D 84 28.97 7.58 25.94
C ASN D 84 28.62 8.61 24.86
N SER D 85 29.42 9.67 24.72
CA SER D 85 29.36 10.66 23.60
C SER D 85 28.00 11.34 23.57
N LEU D 86 27.49 11.73 24.75
CA LEU D 86 26.07 12.15 24.92
C LEU D 86 25.79 13.37 24.03
N THR D 87 24.78 13.26 23.17
CA THR D 87 24.15 14.40 22.45
C THR D 87 22.80 14.67 23.13
N SER D 88 22.06 15.68 22.68
CA SER D 88 20.71 16.00 23.21
C SER D 88 19.71 14.94 22.72
N GLU D 89 20.13 14.04 21.81
CA GLU D 89 19.37 12.82 21.42
C GLU D 89 19.13 11.92 22.64
N ASP D 90 20.09 11.90 23.55
CA ASP D 90 20.13 10.96 24.70
C ASP D 90 19.32 11.53 25.87
N SER D 91 18.88 12.78 25.79
CA SER D 91 17.93 13.38 26.78
C SER D 91 16.64 12.56 26.74
N ALA D 92 16.32 11.91 27.86
CA ALA D 92 15.22 10.93 27.98
C ALA D 92 15.15 10.42 29.41
N VAL D 93 14.08 9.70 29.74
CA VAL D 93 14.02 8.91 31.00
C VAL D 93 14.43 7.48 30.67
N TYR D 94 15.30 6.89 31.47
CA TYR D 94 15.84 5.52 31.26
C TYR D 94 15.33 4.63 32.39
N PHE D 95 14.64 3.57 32.00
CA PHE D 95 14.05 2.56 32.91
C PHE D 95 14.87 1.28 32.83
N CYS D 96 15.15 0.66 33.98
CA CYS D 96 15.48 -0.77 34.07
C CYS D 96 14.18 -1.53 34.41
N LYS D 97 14.04 -2.72 33.86
CA LYS D 97 12.84 -3.57 34.01
C LYS D 97 13.34 -5.01 34.04
N THR D 98 12.56 -5.89 34.65
CA THR D 98 12.89 -7.29 34.91
C THR D 98 12.16 -8.15 33.86
N SER D 99 12.88 -9.07 33.23
CA SER D 99 12.33 -10.14 32.34
C SER D 99 11.70 -9.57 31.07
N THR D 100 10.93 -10.42 30.41
CA THR D 100 10.29 -10.31 29.07
C THR D 100 8.84 -10.73 29.29
N PHE D 101 8.02 -9.99 30.07
CA PHE D 101 6.59 -10.31 30.35
C PHE D 101 6.26 -11.50 31.31
N PHE D 102 7.22 -12.20 31.90
CA PHE D 102 6.95 -13.28 32.89
C PHE D 102 7.01 -12.73 34.32
N PHE D 103 8.03 -11.93 34.60
CA PHE D 103 8.20 -11.07 35.80
C PHE D 103 8.07 -9.61 35.28
N ASP D 104 7.30 -8.80 35.98
CA ASP D 104 6.98 -7.44 35.46
C ASP D 104 7.14 -6.46 36.61
N TYR D 105 8.34 -5.95 36.74
CA TYR D 105 8.70 -4.92 37.75
C TYR D 105 9.58 -3.92 37.02
N TRP D 106 9.31 -2.64 37.18
CA TRP D 106 10.13 -1.57 36.54
C TRP D 106 10.77 -0.69 37.61
N GLY D 107 11.97 -0.17 37.35
CA GLY D 107 12.52 1.00 38.06
C GLY D 107 11.63 2.24 37.91
N GLN D 108 11.76 3.20 38.82
CA GLN D 108 10.95 4.45 38.86
C GLN D 108 11.51 5.40 37.79
N GLY D 109 12.51 4.97 37.04
CA GLY D 109 13.09 5.74 35.92
C GLY D 109 14.19 6.68 36.39
N THR D 110 15.13 6.99 35.51
CA THR D 110 16.20 7.99 35.74
C THR D 110 16.19 8.97 34.58
N THR D 111 15.78 10.21 34.80
CA THR D 111 15.87 11.28 33.77
C THR D 111 17.33 11.63 33.53
N LEU D 112 17.72 11.75 32.26
CA LEU D 112 19.08 12.19 31.84
C LEU D 112 18.88 13.36 30.88
N THR D 113 19.20 14.58 31.31
CA THR D 113 19.03 15.84 30.53
C THR D 113 20.42 16.33 30.15
N VAL D 114 20.61 16.70 28.88
CA VAL D 114 21.92 17.00 28.24
C VAL D 114 21.88 18.42 27.65
N SER D 115 22.56 19.38 28.30
CA SER D 115 22.63 20.82 27.95
C SER D 115 24.10 21.26 27.98
N LEU E 2 14.19 -36.21 -17.49
CA LEU E 2 12.99 -36.99 -17.01
C LEU E 2 11.71 -36.42 -17.66
N VAL E 3 10.95 -37.27 -18.37
CA VAL E 3 9.77 -36.91 -19.22
C VAL E 3 8.47 -37.36 -18.55
N MET E 4 7.50 -36.45 -18.44
CA MET E 4 6.09 -36.73 -18.00
C MET E 4 5.18 -36.79 -19.24
N THR E 5 4.50 -37.91 -19.45
CA THR E 5 3.54 -38.12 -20.57
C THR E 5 2.14 -38.17 -20.00
N GLN E 6 1.24 -37.30 -20.45
CA GLN E 6 -0.18 -37.32 -19.99
C GLN E 6 -1.06 -37.79 -21.14
N SER E 7 -2.23 -38.31 -20.82
CA SER E 7 -3.24 -38.68 -21.84
C SER E 7 -4.62 -38.79 -21.22
N PRO E 8 -5.69 -38.41 -21.95
CA PRO E 8 -5.57 -37.84 -23.29
C PRO E 8 -5.16 -36.35 -23.27
N SER E 9 -4.82 -35.78 -24.43
CA SER E 9 -4.44 -34.34 -24.59
C SER E 9 -5.61 -33.50 -24.15
N SER E 10 -6.79 -33.93 -24.58
CA SER E 10 -8.08 -33.25 -24.36
C SER E 10 -9.20 -34.27 -24.43
N LEU E 11 -10.32 -33.98 -23.79
CA LEU E 11 -11.55 -34.80 -23.91
C LEU E 11 -12.75 -33.93 -23.56
N THR E 12 -13.91 -34.35 -24.04
CA THR E 12 -15.20 -33.66 -23.84
C THR E 12 -16.15 -34.63 -23.17
N VAL E 13 -16.66 -34.26 -21.99
CA VAL E 13 -17.75 -35.02 -21.32
C VAL E 13 -18.99 -34.14 -21.22
N THR E 14 -20.09 -34.76 -20.80
CA THR E 14 -21.24 -34.06 -20.19
C THR E 14 -21.06 -34.03 -18.68
N ALA E 15 -21.36 -32.92 -18.04
CA ALA E 15 -21.36 -32.80 -16.57
C ALA E 15 -22.21 -33.94 -16.01
N GLY E 16 -21.70 -34.67 -15.01
CA GLY E 16 -22.38 -35.80 -14.38
C GLY E 16 -21.58 -37.05 -14.63
N GLU E 17 -20.97 -37.18 -15.80
CA GLU E 17 -20.21 -38.37 -16.23
C GLU E 17 -18.85 -38.43 -15.53
N LYS E 18 -18.33 -39.63 -15.37
CA LYS E 18 -17.01 -39.92 -14.75
C LYS E 18 -15.93 -39.77 -15.82
N VAL E 19 -14.72 -39.41 -15.41
CA VAL E 19 -13.60 -39.16 -16.34
C VAL E 19 -12.32 -39.62 -15.67
N THR E 20 -11.37 -40.12 -16.45
CA THR E 20 -10.05 -40.60 -15.95
C THR E 20 -8.97 -40.07 -16.88
N MET E 21 -7.89 -39.55 -16.33
CA MET E 21 -6.72 -39.16 -17.14
C MET E 21 -5.48 -39.81 -16.52
N ILE E 22 -4.46 -40.02 -17.33
CA ILE E 22 -3.28 -40.86 -17.03
C ILE E 22 -2.07 -39.93 -17.06
N CYS E 23 -1.04 -40.25 -16.28
CA CYS E 23 0.26 -39.55 -16.22
C CYS E 23 1.37 -40.61 -16.01
N LYS E 24 2.15 -40.91 -17.04
CA LYS E 24 3.36 -41.76 -16.97
C LYS E 24 4.57 -40.86 -16.78
N SER E 25 5.62 -41.36 -16.12
CA SER E 25 6.97 -40.75 -16.09
C SER E 25 7.98 -41.77 -16.59
N SER E 26 9.04 -41.30 -17.25
CA SER E 26 10.15 -42.14 -17.78
C SER E 26 10.87 -42.83 -16.63
N GLN E 27 11.03 -42.15 -15.49
CA GLN E 27 11.77 -42.67 -14.31
C GLN E 27 10.82 -42.70 -13.11
N SER E 28 10.96 -43.67 -12.21
CA SER E 28 10.11 -43.82 -11.00
C SER E 28 10.21 -42.56 -10.12
N LEU E 29 9.07 -42.13 -9.58
CA LEU E 29 8.92 -40.95 -8.69
C LEU E 29 8.77 -41.45 -7.25
N LEU E 30 8.78 -42.78 -7.06
CA LEU E 30 8.83 -43.43 -5.72
C LEU E 30 10.20 -43.15 -5.09
N ASN E 31 10.18 -42.51 -3.93
CA ASN E 31 11.35 -42.28 -3.05
C ASN E 31 11.19 -43.23 -1.85
N SER E 32 11.98 -44.30 -1.77
CA SER E 32 11.92 -45.32 -0.69
C SER E 32 12.48 -44.76 0.64
N GLY E 33 13.23 -43.66 0.57
CA GLY E 33 13.46 -42.75 1.71
C GLY E 33 12.25 -42.72 2.63
N ASP E 34 11.11 -42.19 2.16
CA ASP E 34 9.86 -42.05 2.97
C ASP E 34 8.71 -42.87 2.35
N GLN E 35 8.96 -43.54 1.22
CA GLN E 35 8.05 -44.50 0.55
C GLN E 35 6.86 -43.78 -0.09
N LYS E 36 7.03 -42.54 -0.54
CA LYS E 36 5.94 -41.74 -1.17
C LYS E 36 6.29 -41.46 -2.62
N ASN E 37 5.27 -41.35 -3.47
CA ASN E 37 5.42 -40.99 -4.89
C ASN E 37 5.34 -39.47 -4.96
N TYR E 38 6.39 -38.80 -5.43
CA TYR E 38 6.49 -37.32 -5.52
C TYR E 38 5.88 -36.86 -6.84
N LEU E 39 4.56 -36.97 -6.91
CA LEU E 39 3.72 -36.65 -8.10
C LEU E 39 2.60 -35.73 -7.62
N THR E 40 2.45 -34.58 -8.27
CA THR E 40 1.50 -33.48 -7.90
C THR E 40 0.55 -33.22 -9.08
N TRP E 41 -0.74 -33.05 -8.82
CA TRP E 41 -1.76 -32.67 -9.83
C TRP E 41 -2.16 -31.22 -9.62
N TYR E 42 -2.23 -30.45 -10.71
CA TYR E 42 -2.72 -29.06 -10.73
C TYR E 42 -3.94 -28.99 -11.65
N GLN E 43 -4.94 -28.26 -11.21
CA GLN E 43 -6.11 -27.85 -12.02
C GLN E 43 -5.82 -26.42 -12.45
N GLN E 44 -5.87 -26.11 -13.74
CA GLN E 44 -5.74 -24.70 -14.17
C GLN E 44 -6.95 -24.31 -15.01
N LYS E 45 -7.83 -23.46 -14.48
CA LYS E 45 -8.99 -22.94 -15.25
C LYS E 45 -8.47 -21.77 -16.07
N PRO E 46 -9.12 -21.41 -17.20
CA PRO E 46 -8.55 -20.42 -18.12
C PRO E 46 -8.58 -19.00 -17.52
N GLY E 47 -7.54 -18.23 -17.84
CA GLY E 47 -7.32 -16.85 -17.36
C GLY E 47 -6.93 -16.83 -15.89
N GLN E 48 -6.47 -17.97 -15.37
CA GLN E 48 -6.25 -18.16 -13.92
C GLN E 48 -4.98 -18.93 -13.68
N PRO E 49 -4.36 -18.76 -12.51
CA PRO E 49 -3.15 -19.52 -12.20
C PRO E 49 -3.53 -20.95 -11.89
N PRO E 50 -2.59 -21.90 -11.97
CA PRO E 50 -2.86 -23.26 -11.54
C PRO E 50 -3.24 -23.27 -10.05
N LYS E 51 -3.88 -24.35 -9.64
CA LYS E 51 -4.34 -24.58 -8.26
C LYS E 51 -4.00 -26.03 -7.93
N LEU E 52 -3.34 -26.25 -6.80
CA LEU E 52 -3.00 -27.60 -6.27
C LEU E 52 -4.28 -28.41 -6.05
N LEU E 53 -4.27 -29.66 -6.50
CA LEU E 53 -5.38 -30.62 -6.33
C LEU E 53 -4.94 -31.76 -5.40
N ILE E 54 -3.86 -32.42 -5.77
CA ILE E 54 -3.33 -33.65 -5.14
C ILE E 54 -1.81 -33.51 -5.03
N PHE E 55 -1.22 -33.99 -3.93
CA PHE E 55 0.25 -34.18 -3.78
C PHE E 55 0.51 -35.59 -3.24
N TRP E 56 1.76 -36.08 -3.36
CA TRP E 56 2.13 -37.48 -3.00
C TRP E 56 1.14 -38.44 -3.69
N ALA E 57 0.84 -38.19 -4.96
CA ALA E 57 0.06 -39.07 -5.87
C ALA E 57 -1.42 -39.14 -5.51
N SER E 58 -1.78 -39.09 -4.22
CA SER E 58 -3.08 -39.55 -3.69
C SER E 58 -3.67 -38.59 -2.66
N THR E 59 -2.85 -37.77 -2.02
CA THR E 59 -3.28 -36.91 -0.89
C THR E 59 -3.90 -35.64 -1.45
N ARG E 60 -5.11 -35.33 -1.00
CA ARG E 60 -5.94 -34.24 -1.56
C ARG E 60 -5.66 -32.96 -0.77
N GLU E 61 -5.36 -31.85 -1.45
CA GLU E 61 -5.14 -30.53 -0.80
C GLU E 61 -6.45 -30.13 -0.10
N SER E 62 -6.38 -29.30 0.94
CA SER E 62 -7.57 -28.80 1.66
C SER E 62 -8.49 -28.06 0.68
N GLY E 63 -9.81 -28.20 0.83
CA GLY E 63 -10.81 -27.50 -0.01
C GLY E 63 -11.19 -28.26 -1.28
N VAL E 64 -10.38 -29.23 -1.71
CA VAL E 64 -10.63 -30.01 -2.97
C VAL E 64 -11.67 -31.08 -2.68
N PRO E 65 -12.79 -31.10 -3.44
CA PRO E 65 -13.86 -32.10 -3.26
C PRO E 65 -13.43 -33.56 -3.30
N ASP E 66 -14.23 -34.45 -2.66
CA ASP E 66 -14.00 -35.91 -2.61
C ASP E 66 -14.06 -36.50 -4.02
N ARG E 67 -14.69 -35.84 -4.98
CA ARG E 67 -14.91 -36.41 -6.35
C ARG E 67 -13.57 -36.55 -7.10
N PHE E 68 -12.55 -35.77 -6.73
CA PHE E 68 -11.16 -35.90 -7.23
C PHE E 68 -10.40 -36.96 -6.43
N THR E 69 -9.91 -38.01 -7.10
CA THR E 69 -9.10 -39.09 -6.49
C THR E 69 -7.87 -39.32 -7.34
N GLY E 70 -6.70 -39.02 -6.77
CA GLY E 70 -5.39 -39.41 -7.33
C GLY E 70 -5.01 -40.81 -6.91
N SER E 71 -4.44 -41.59 -7.81
CA SER E 71 -3.87 -42.92 -7.47
C SER E 71 -2.63 -43.22 -8.32
N GLY E 72 -2.15 -44.47 -8.25
CA GLY E 72 -0.94 -44.96 -8.92
C GLY E 72 0.27 -44.91 -8.02
N SER E 73 1.35 -45.58 -8.42
CA SER E 73 2.72 -45.43 -7.84
C SER E 73 3.77 -45.81 -8.89
N GLY E 74 5.03 -45.44 -8.66
CA GLY E 74 6.18 -45.77 -9.54
C GLY E 74 6.23 -44.79 -10.69
N THR E 75 5.79 -45.23 -11.86
CA THR E 75 5.84 -44.45 -13.12
C THR E 75 4.43 -44.22 -13.68
N ASP E 76 3.38 -44.81 -13.09
CA ASP E 76 2.02 -44.87 -13.71
C ASP E 76 1.00 -44.37 -12.70
N PHE E 77 0.42 -43.19 -12.96
CA PHE E 77 -0.50 -42.45 -12.05
C PHE E 77 -1.80 -42.12 -12.80
N THR E 78 -2.92 -41.99 -12.08
CA THR E 78 -4.21 -41.54 -12.65
C THR E 78 -4.82 -40.48 -11.75
N LEU E 79 -5.56 -39.55 -12.37
CA LEU E 79 -6.52 -38.64 -11.71
C LEU E 79 -7.88 -39.04 -12.20
N THR E 80 -8.84 -39.17 -11.29
CA THR E 80 -10.23 -39.57 -11.62
C THR E 80 -11.18 -38.51 -11.06
N ILE E 81 -12.14 -38.05 -11.85
CA ILE E 81 -13.25 -37.20 -11.36
C ILE E 81 -14.47 -38.08 -11.40
N SER E 82 -15.02 -38.44 -10.24
CA SER E 82 -16.09 -39.47 -10.15
C SER E 82 -17.33 -38.96 -10.89
N SER E 83 -17.60 -37.66 -10.79
CA SER E 83 -18.76 -36.98 -11.42
C SER E 83 -18.39 -35.53 -11.76
N VAL E 84 -18.08 -35.28 -13.03
CA VAL E 84 -17.56 -33.96 -13.53
C VAL E 84 -18.63 -32.89 -13.36
N GLN E 85 -18.26 -31.75 -12.80
CA GLN E 85 -19.14 -30.59 -12.57
C GLN E 85 -18.71 -29.44 -13.48
N ALA E 86 -19.62 -28.53 -13.83
CA ALA E 86 -19.32 -27.34 -14.66
C ALA E 86 -18.07 -26.60 -14.13
N GLU E 87 -17.88 -26.60 -12.81
CA GLU E 87 -16.75 -25.88 -12.18
C GLU E 87 -15.44 -26.65 -12.39
N ASP E 88 -15.45 -27.81 -13.03
CA ASP E 88 -14.23 -28.67 -13.21
C ASP E 88 -13.63 -28.43 -14.60
N LEU E 89 -14.28 -27.61 -15.44
CA LEU E 89 -13.70 -27.22 -16.74
C LEU E 89 -12.35 -26.57 -16.47
N ALA E 90 -11.27 -27.19 -16.91
CA ALA E 90 -9.90 -26.79 -16.61
C ALA E 90 -8.93 -27.59 -17.48
N VAL E 91 -7.65 -27.26 -17.42
CA VAL E 91 -6.57 -28.18 -17.87
C VAL E 91 -5.93 -28.79 -16.62
N TYR E 92 -5.75 -30.11 -16.61
CA TYR E 92 -5.16 -30.85 -15.47
C TYR E 92 -3.73 -31.20 -15.86
N TYR E 93 -2.79 -30.76 -15.03
CA TYR E 93 -1.33 -31.00 -15.20
C TYR E 93 -0.86 -31.91 -14.08
N CYS E 94 0.00 -32.87 -14.39
CA CYS E 94 0.82 -33.58 -13.36
C CYS E 94 2.23 -32.99 -13.39
N GLN E 95 2.84 -32.83 -12.22
CA GLN E 95 4.22 -32.29 -12.07
C GLN E 95 5.07 -33.31 -11.32
N ASN E 96 6.29 -33.52 -11.82
CA ASN E 96 7.36 -34.32 -11.15
C ASN E 96 7.94 -33.47 -10.01
N ASP E 97 7.70 -33.87 -8.76
CA ASP E 97 8.21 -33.13 -7.57
C ASP E 97 9.34 -33.95 -6.92
N TYR E 98 9.98 -34.84 -7.69
CA TYR E 98 10.98 -35.83 -7.21
C TYR E 98 12.40 -35.31 -7.41
N SER E 99 12.76 -34.88 -8.62
CA SER E 99 14.13 -34.41 -8.97
C SER E 99 14.01 -33.16 -9.86
N TYR E 100 15.04 -32.32 -9.86
CA TYR E 100 15.23 -31.20 -10.81
C TYR E 100 15.44 -31.79 -12.21
N PRO E 101 15.02 -31.11 -13.31
CA PRO E 101 14.08 -29.98 -13.24
C PRO E 101 12.67 -30.49 -12.91
N LEU E 102 11.80 -29.65 -12.36
CA LEU E 102 10.46 -30.09 -11.88
C LEU E 102 9.48 -30.09 -13.06
N THR E 103 9.59 -31.09 -13.94
CA THR E 103 8.85 -31.10 -15.24
C THR E 103 7.35 -31.33 -15.00
N PHE E 104 6.54 -30.70 -15.83
CA PHE E 104 5.07 -30.90 -15.93
C PHE E 104 4.75 -31.76 -17.16
N GLY E 105 3.60 -32.45 -17.11
CA GLY E 105 2.95 -33.05 -18.29
C GLY E 105 2.43 -31.99 -19.23
N ALA E 106 2.08 -32.34 -20.46
CA ALA E 106 1.52 -31.36 -21.43
C ALA E 106 0.06 -31.11 -21.07
N GLY E 107 -0.48 -31.84 -20.09
CA GLY E 107 -1.83 -31.58 -19.57
C GLY E 107 -2.92 -32.31 -20.35
N THR E 108 -3.97 -32.68 -19.63
CA THR E 108 -5.29 -33.10 -20.18
C THR E 108 -6.27 -31.92 -20.04
N LYS E 109 -6.81 -31.45 -21.16
CA LYS E 109 -7.81 -30.37 -21.16
C LYS E 109 -9.21 -31.01 -21.08
N LEU E 110 -9.96 -30.74 -20.00
CA LEU E 110 -11.37 -31.13 -19.87
C LEU E 110 -12.26 -30.02 -20.47
N GLU E 111 -13.14 -30.36 -21.41
CA GLU E 111 -14.20 -29.46 -21.91
C GLU E 111 -15.56 -30.13 -21.67
N LEU E 112 -16.65 -29.36 -21.77
CA LEU E 112 -18.01 -29.84 -21.40
C LEU E 112 -18.97 -29.65 -22.56
N LYS E 113 -20.09 -30.38 -22.56
CA LYS E 113 -21.14 -30.29 -23.62
C LYS E 113 -22.25 -29.39 -23.10
N GLN F 1 -4.86 -12.40 4.19
CA GLN F 1 -4.53 -13.56 3.34
C GLN F 1 -3.14 -13.36 2.74
N VAL F 2 -2.54 -14.44 2.21
CA VAL F 2 -1.32 -14.37 1.37
C VAL F 2 -1.67 -13.77 0.01
N GLN F 3 -0.81 -12.90 -0.50
CA GLN F 3 -0.95 -12.21 -1.82
C GLN F 3 0.40 -12.31 -2.55
N LEU F 4 0.38 -12.53 -3.85
CA LEU F 4 1.57 -12.33 -4.73
C LEU F 4 1.14 -11.40 -5.86
N GLN F 5 1.50 -10.12 -5.82
CA GLN F 5 1.17 -9.15 -6.90
C GLN F 5 2.33 -9.18 -7.90
N GLN F 6 2.03 -9.56 -9.13
CA GLN F 6 3.04 -9.54 -10.22
C GLN F 6 2.93 -8.21 -10.95
N SER F 7 4.04 -7.78 -11.57
CA SER F 7 4.12 -6.54 -12.38
C SER F 7 3.14 -6.65 -13.56
N ASP F 8 2.80 -5.49 -14.14
CA ASP F 8 1.85 -5.36 -15.27
C ASP F 8 2.44 -6.04 -16.52
N ALA F 9 1.59 -6.29 -17.51
CA ALA F 9 1.90 -6.92 -18.82
C ALA F 9 2.92 -6.08 -19.58
N GLU F 10 3.80 -6.72 -20.34
CA GLU F 10 4.95 -6.06 -21.01
C GLU F 10 4.92 -6.42 -22.51
N LEU F 11 4.92 -5.41 -23.38
CA LEU F 11 5.02 -5.52 -24.87
C LEU F 11 6.40 -5.00 -25.26
N VAL F 12 7.21 -5.79 -25.96
CA VAL F 12 8.68 -5.56 -25.99
C VAL F 12 9.31 -6.08 -27.28
N LYS F 13 10.33 -5.37 -27.79
CA LYS F 13 11.02 -5.61 -29.09
C LYS F 13 12.04 -6.72 -28.92
N PRO F 14 12.21 -7.63 -29.91
CA PRO F 14 13.18 -8.73 -29.80
C PRO F 14 14.60 -8.30 -29.41
N GLY F 15 15.43 -9.25 -28.95
CA GLY F 15 16.82 -9.04 -28.49
C GLY F 15 16.91 -8.16 -27.25
N SER F 16 15.76 -7.58 -26.86
CA SER F 16 15.56 -6.77 -25.64
C SER F 16 15.69 -7.65 -24.37
N SER F 17 15.61 -7.02 -23.20
CA SER F 17 15.69 -7.66 -21.85
C SER F 17 14.59 -7.08 -20.95
N VAL F 18 13.90 -7.89 -20.17
CA VAL F 18 12.74 -7.43 -19.34
C VAL F 18 12.84 -8.03 -17.93
N LYS F 19 12.27 -7.35 -16.92
CA LYS F 19 12.37 -7.72 -15.48
C LYS F 19 10.98 -7.73 -14.82
N ILE F 20 10.34 -8.90 -14.74
CA ILE F 20 9.05 -9.16 -14.03
C ILE F 20 9.33 -9.09 -12.53
N SER F 21 8.40 -8.52 -11.76
CA SER F 21 8.43 -8.49 -10.29
C SER F 21 7.28 -9.33 -9.72
N CYS F 22 7.41 -9.75 -8.46
CA CYS F 22 6.44 -10.57 -7.68
C CYS F 22 6.52 -10.14 -6.22
N LYS F 23 5.60 -9.28 -5.78
CA LYS F 23 5.64 -8.62 -4.45
C LYS F 23 4.80 -9.47 -3.49
N ALA F 24 5.42 -10.09 -2.50
CA ALA F 24 4.78 -11.05 -1.56
C ALA F 24 4.36 -10.35 -0.27
N SER F 25 3.33 -10.89 0.39
CA SER F 25 2.75 -10.35 1.64
C SER F 25 1.80 -11.38 2.28
N GLY F 26 1.66 -11.33 3.60
CA GLY F 26 0.70 -12.15 4.38
C GLY F 26 1.38 -13.37 4.98
N TYR F 27 2.70 -13.44 4.87
CA TYR F 27 3.55 -14.60 5.27
C TYR F 27 4.98 -14.06 5.35
N THR F 28 5.85 -14.63 6.19
CA THR F 28 7.28 -14.20 6.26
C THR F 28 7.99 -14.64 4.98
N PHE F 29 8.52 -13.68 4.23
CA PHE F 29 9.05 -13.86 2.84
C PHE F 29 10.07 -15.01 2.77
N THR F 30 10.91 -15.16 3.79
CA THR F 30 12.09 -16.07 3.83
C THR F 30 11.67 -17.54 4.00
N ASP F 31 10.44 -17.81 4.49
CA ASP F 31 9.97 -19.16 4.85
C ASP F 31 9.90 -20.07 3.63
N HIS F 32 9.46 -19.53 2.49
CA HIS F 32 9.13 -20.32 1.28
C HIS F 32 9.87 -19.76 0.08
N ALA F 33 10.38 -20.69 -0.74
CA ALA F 33 11.06 -20.43 -2.03
C ALA F 33 10.04 -19.92 -3.03
N ILE F 34 10.42 -18.92 -3.81
CA ILE F 34 9.63 -18.41 -4.97
C ILE F 34 10.04 -19.23 -6.21
N HIS F 35 9.09 -19.96 -6.81
CA HIS F 35 9.27 -20.66 -8.11
C HIS F 35 8.69 -19.78 -9.22
N TRP F 36 9.25 -19.86 -10.43
CA TRP F 36 8.72 -19.18 -11.64
C TRP F 36 8.30 -20.22 -12.67
N VAL F 37 7.17 -20.01 -13.32
CA VAL F 37 6.56 -20.97 -14.28
C VAL F 37 6.19 -20.20 -15.54
N LYS F 38 6.57 -20.71 -16.70
CA LYS F 38 6.23 -20.19 -18.04
C LYS F 38 4.99 -20.94 -18.52
N GLN F 39 3.93 -20.22 -18.88
CA GLN F 39 2.73 -20.80 -19.52
C GLN F 39 2.83 -20.44 -21.00
N LYS F 40 3.09 -21.45 -21.83
CA LYS F 40 3.18 -21.35 -23.30
C LYS F 40 1.85 -20.83 -23.84
N PRO F 41 1.85 -20.04 -24.92
CA PRO F 41 0.62 -19.48 -25.49
C PRO F 41 -0.50 -20.52 -25.69
N GLU F 42 -0.16 -21.72 -26.18
CA GLU F 42 -1.09 -22.89 -26.04
C GLU F 42 -0.76 -23.55 -24.70
N GLN F 43 -1.74 -24.24 -24.12
CA GLN F 43 -1.65 -25.22 -22.99
C GLN F 43 -0.18 -25.66 -22.80
N GLY F 44 0.28 -25.72 -21.56
CA GLY F 44 1.61 -26.24 -21.17
C GLY F 44 2.29 -25.33 -20.18
N LEU F 45 2.80 -25.89 -19.07
CA LEU F 45 3.57 -25.13 -18.06
C LEU F 45 5.00 -25.64 -18.07
N GLU F 46 5.97 -24.74 -17.98
CA GLU F 46 7.41 -25.08 -17.87
C GLU F 46 7.93 -24.44 -16.58
N TRP F 47 8.53 -25.23 -15.70
CA TRP F 47 9.24 -24.74 -14.49
C TRP F 47 10.57 -24.07 -14.90
N ILE F 48 10.73 -22.77 -14.62
CA ILE F 48 11.93 -21.97 -14.97
C ILE F 48 13.01 -22.22 -13.91
N GLY F 49 12.67 -22.08 -12.63
CA GLY F 49 13.61 -22.21 -11.50
C GLY F 49 12.98 -21.72 -10.22
N HIS F 50 13.73 -21.69 -9.13
CA HIS F 50 13.24 -21.16 -7.83
C HIS F 50 14.37 -20.37 -7.17
N PHE F 51 13.98 -19.53 -6.23
CA PHE F 51 14.87 -18.69 -5.40
C PHE F 51 14.40 -18.82 -3.96
N SER F 52 15.09 -19.60 -3.12
CA SER F 52 14.85 -19.68 -1.66
C SER F 52 15.44 -18.45 -1.02
N PRO F 53 14.66 -17.53 -0.40
CA PRO F 53 15.26 -16.43 0.36
C PRO F 53 15.65 -16.95 1.77
N GLY F 54 16.70 -16.42 2.37
CA GLY F 54 17.04 -16.75 3.76
C GLY F 54 18.23 -17.69 3.84
N ASN F 55 18.26 -18.74 3.00
CA ASN F 55 19.52 -19.14 2.32
C ASN F 55 19.33 -18.51 0.94
N THR F 56 20.37 -18.38 0.14
CA THR F 56 20.22 -17.98 -1.29
C THR F 56 20.58 -19.23 -2.09
N ASP F 57 19.67 -20.19 -2.08
CA ASP F 57 19.71 -21.46 -2.84
C ASP F 57 18.88 -21.19 -4.10
N ILE F 58 19.50 -21.16 -5.27
CA ILE F 58 18.85 -20.77 -6.55
C ILE F 58 19.04 -21.89 -7.55
N LYS F 59 17.98 -22.65 -7.84
CA LYS F 59 17.98 -23.70 -8.90
C LYS F 59 17.36 -23.14 -10.18
N TYR F 60 17.95 -23.46 -11.32
CA TYR F 60 17.43 -23.13 -12.67
C TYR F 60 17.16 -24.43 -13.41
N ASN F 61 16.13 -24.45 -14.25
CA ASN F 61 15.93 -25.48 -15.30
C ASN F 61 17.01 -25.26 -16.35
N ASP F 62 17.75 -26.32 -16.72
CA ASP F 62 18.84 -26.23 -17.73
C ASP F 62 18.33 -25.48 -18.97
N LYS F 63 17.13 -25.82 -19.45
CA LYS F 63 16.49 -25.15 -20.62
C LYS F 63 16.63 -23.62 -20.48
N PHE F 64 16.53 -23.05 -19.27
CA PHE F 64 16.42 -21.58 -19.04
C PHE F 64 17.73 -20.99 -18.52
N LYS F 65 18.78 -21.79 -18.35
CA LYS F 65 20.02 -21.39 -17.63
C LYS F 65 20.58 -20.03 -18.08
N GLY F 66 20.54 -19.70 -19.37
CA GLY F 66 21.09 -18.43 -19.90
C GLY F 66 20.03 -17.36 -20.11
N LYS F 67 18.78 -17.78 -20.17
CA LYS F 67 17.62 -16.93 -20.55
C LYS F 67 17.16 -16.14 -19.33
N ALA F 68 16.95 -16.84 -18.23
CA ALA F 68 16.37 -16.30 -16.97
C ALA F 68 17.47 -16.09 -15.95
N THR F 69 17.34 -15.03 -15.14
CA THR F 69 18.15 -14.78 -13.94
C THR F 69 17.17 -14.31 -12.84
N LEU F 70 17.19 -14.98 -11.68
CA LEU F 70 16.29 -14.69 -10.53
C LEU F 70 17.03 -13.87 -9.45
N THR F 71 16.64 -12.61 -9.24
CA THR F 71 17.09 -11.75 -8.10
C THR F 71 16.04 -11.83 -6.99
N VAL F 72 16.26 -11.08 -5.90
CA VAL F 72 15.30 -10.88 -4.77
C VAL F 72 15.65 -9.57 -4.04
N ASP F 73 14.67 -8.88 -3.46
CA ASP F 73 14.86 -7.75 -2.52
C ASP F 73 14.06 -8.02 -1.23
N ARG F 74 14.73 -8.50 -0.18
CA ARG F 74 14.08 -9.06 1.04
C ARG F 74 13.44 -7.93 1.84
N SER F 75 14.06 -6.75 1.82
CA SER F 75 13.60 -5.54 2.56
C SER F 75 12.20 -5.13 2.08
N SER F 76 11.75 -5.54 0.89
CA SER F 76 10.41 -5.20 0.33
C SER F 76 9.59 -6.45 -0.04
N SER F 77 10.08 -7.66 0.26
CA SER F 77 9.41 -8.96 0.02
C SER F 77 9.06 -9.10 -1.46
N THR F 78 10.04 -8.95 -2.34
CA THR F 78 9.85 -8.94 -3.82
C THR F 78 10.86 -9.88 -4.49
N ALA F 79 10.36 -10.82 -5.29
CA ALA F 79 11.17 -11.66 -6.20
C ALA F 79 11.14 -11.02 -7.58
N TYR F 80 12.27 -11.10 -8.27
CA TYR F 80 12.40 -10.66 -9.67
C TYR F 80 12.85 -11.84 -10.50
N MET F 81 12.45 -11.82 -11.76
CA MET F 81 13.01 -12.63 -12.85
C MET F 81 13.32 -11.68 -14.01
N GLN F 82 14.54 -11.79 -14.54
CA GLN F 82 14.97 -11.01 -15.71
C GLN F 82 15.19 -12.00 -16.86
N LEU F 83 14.64 -11.67 -18.02
CA LEU F 83 14.72 -12.47 -19.27
C LEU F 83 15.54 -11.67 -20.28
N ASN F 84 16.54 -12.30 -20.90
CA ASN F 84 17.58 -11.66 -21.77
C ASN F 84 17.40 -12.21 -23.19
N SER F 85 17.81 -11.43 -24.20
CA SER F 85 17.89 -11.88 -25.62
C SER F 85 16.53 -12.33 -26.13
N LEU F 86 15.47 -11.59 -25.79
CA LEU F 86 14.06 -12.04 -25.98
C LEU F 86 13.79 -12.33 -27.46
N THR F 87 13.38 -13.54 -27.79
CA THR F 87 12.77 -13.90 -29.10
C THR F 87 11.26 -14.05 -28.89
N SER F 88 10.50 -14.36 -29.94
CA SER F 88 9.03 -14.60 -29.85
C SER F 88 8.77 -15.95 -29.17
N GLU F 89 9.81 -16.73 -28.89
CA GLU F 89 9.77 -17.96 -28.05
C GLU F 89 9.34 -17.57 -26.62
N ASP F 90 9.73 -16.38 -26.18
CA ASP F 90 9.58 -15.93 -24.78
C ASP F 90 8.20 -15.28 -24.59
N SER F 91 7.44 -15.06 -25.66
CA SER F 91 6.02 -14.63 -25.59
C SER F 91 5.23 -15.70 -24.83
N ALA F 92 4.70 -15.33 -23.67
CA ALA F 92 4.07 -16.28 -22.72
C ALA F 92 3.54 -15.51 -21.51
N VAL F 93 2.75 -16.15 -20.67
CA VAL F 93 2.41 -15.62 -19.32
C VAL F 93 3.40 -16.23 -18.33
N TYR F 94 3.97 -15.41 -17.44
CA TYR F 94 4.97 -15.85 -16.45
C TYR F 94 4.35 -15.68 -15.05
N PHE F 95 4.32 -16.79 -14.32
CA PHE F 95 3.77 -16.85 -12.94
C PHE F 95 4.94 -16.99 -11.96
N CYS F 96 4.88 -16.27 -10.84
CA CYS F 96 5.61 -16.62 -9.59
C CYS F 96 4.65 -17.42 -8.70
N LYS F 97 5.19 -18.36 -7.94
CA LYS F 97 4.43 -19.25 -7.04
C LYS F 97 5.31 -19.56 -5.84
N THR F 98 4.71 -19.89 -4.71
CA THR F 98 5.39 -20.16 -3.42
C THR F 98 5.51 -21.68 -3.21
N SER F 99 6.69 -22.17 -2.88
CA SER F 99 6.96 -23.57 -2.42
C SER F 99 6.75 -24.58 -3.55
N THR F 100 6.61 -25.86 -3.19
CA THR F 100 6.44 -27.01 -4.10
C THR F 100 4.98 -27.44 -4.05
N PHE F 101 4.47 -27.87 -2.90
CA PHE F 101 3.04 -28.23 -2.69
C PHE F 101 2.65 -28.19 -1.20
N PHE F 102 3.43 -27.48 -0.39
CA PHE F 102 3.17 -27.32 1.07
C PHE F 102 2.43 -25.99 1.26
N PHE F 103 2.93 -24.94 0.60
CA PHE F 103 2.27 -23.61 0.47
C PHE F 103 1.88 -23.48 -1.01
N ASP F 104 0.65 -23.06 -1.28
CA ASP F 104 0.18 -23.04 -2.68
C ASP F 104 -0.51 -21.71 -2.93
N TYR F 105 0.28 -20.74 -3.35
CA TYR F 105 -0.19 -19.39 -3.71
C TYR F 105 0.53 -19.04 -5.00
N TRP F 106 -0.22 -18.54 -5.98
CA TRP F 106 0.36 -18.11 -7.27
C TRP F 106 0.12 -16.61 -7.49
N GLY F 107 1.03 -15.94 -8.17
CA GLY F 107 0.77 -14.63 -8.80
C GLY F 107 -0.33 -14.73 -9.86
N GLN F 108 -0.96 -13.61 -10.21
CA GLN F 108 -2.06 -13.52 -11.21
C GLN F 108 -1.45 -13.60 -12.61
N GLY F 109 -0.13 -13.76 -12.70
CA GLY F 109 0.59 -13.92 -13.98
C GLY F 109 0.96 -12.57 -14.57
N THR F 110 2.01 -12.54 -15.37
CA THR F 110 2.45 -11.35 -16.16
C THR F 110 2.62 -11.80 -17.60
N THR F 111 1.74 -11.34 -18.50
CA THR F 111 1.90 -11.64 -19.95
C THR F 111 3.10 -10.83 -20.48
N LEU F 112 3.95 -11.48 -21.28
CA LEU F 112 5.11 -10.85 -21.95
C LEU F 112 4.98 -11.16 -23.45
N THR F 113 4.67 -10.15 -24.26
CA THR F 113 4.46 -10.27 -25.72
C THR F 113 5.63 -9.58 -26.42
N VAL F 114 6.21 -10.24 -27.42
CA VAL F 114 7.49 -9.87 -28.10
C VAL F 114 7.23 -9.71 -29.60
N SER F 115 7.21 -8.46 -30.11
CA SER F 115 6.95 -8.11 -31.53
C SER F 115 8.03 -7.19 -32.09
N LEU G 2 43.55 -16.21 -11.03
CA LEU G 2 43.11 -15.35 -12.18
C LEU G 2 43.83 -14.00 -12.15
N VAL G 3 44.54 -13.67 -13.25
CA VAL G 3 45.47 -12.52 -13.40
C VAL G 3 44.83 -11.43 -14.27
N MET G 4 44.82 -10.18 -13.81
CA MET G 4 44.47 -8.95 -14.57
C MET G 4 45.76 -8.23 -15.00
N THR G 5 45.99 -8.02 -16.29
CA THR G 5 47.11 -7.21 -16.84
C THR G 5 46.56 -5.91 -17.41
N GLN G 6 47.10 -4.77 -16.99
CA GLN G 6 46.71 -3.45 -17.53
C GLN G 6 47.83 -2.87 -18.38
N SER G 7 47.49 -1.97 -19.29
CA SER G 7 48.26 -1.72 -20.52
C SER G 7 49.31 -0.69 -20.22
N PRO G 8 49.25 0.62 -20.57
CA PRO G 8 50.40 1.43 -20.18
C PRO G 8 50.32 1.41 -18.63
N SER G 9 51.44 1.09 -17.96
CA SER G 9 51.55 1.18 -16.48
C SER G 9 51.34 2.64 -16.08
N SER G 10 51.89 3.52 -16.89
CA SER G 10 51.74 4.99 -16.81
C SER G 10 51.84 5.57 -18.22
N LEU G 11 51.29 6.77 -18.41
CA LEU G 11 51.44 7.54 -19.67
C LEU G 11 51.22 9.02 -19.37
N THR G 12 51.76 9.88 -20.20
CA THR G 12 51.69 11.35 -20.08
C THR G 12 51.02 11.92 -21.33
N VAL G 13 49.89 12.59 -21.16
CA VAL G 13 49.18 13.28 -22.27
C VAL G 13 49.16 14.77 -21.99
N THR G 14 48.75 15.52 -23.00
CA THR G 14 48.23 16.89 -22.86
C THR G 14 46.70 16.80 -22.75
N ALA G 15 46.10 17.60 -21.88
CA ALA G 15 44.65 17.78 -21.79
C ALA G 15 44.13 18.08 -23.21
N GLY G 16 43.08 17.41 -23.63
CA GLY G 16 42.44 17.62 -24.93
C GLY G 16 42.53 16.38 -25.76
N GLU G 17 43.66 15.67 -25.63
CA GLU G 17 43.99 14.46 -26.40
C GLU G 17 43.13 13.28 -25.91
N LYS G 18 42.86 12.36 -26.81
CA LYS G 18 42.11 11.10 -26.52
C LYS G 18 43.12 10.08 -25.98
N VAL G 19 42.64 9.22 -25.11
CA VAL G 19 43.52 8.24 -24.43
C VAL G 19 42.74 6.94 -24.29
N THR G 20 43.44 5.82 -24.41
CA THR G 20 42.87 4.46 -24.31
C THR G 20 43.78 3.64 -23.42
N MET G 21 43.20 2.93 -22.47
CA MET G 21 43.97 1.95 -21.66
C MET G 21 43.25 0.62 -21.73
N ILE G 22 44.02 -0.44 -21.59
CA ILE G 22 43.61 -1.83 -21.89
C ILE G 22 43.66 -2.58 -20.57
N CYS G 23 42.80 -3.57 -20.42
CA CYS G 23 42.77 -4.51 -19.29
C CYS G 23 42.46 -5.91 -19.85
N LYS G 24 43.46 -6.79 -19.86
CA LYS G 24 43.29 -8.23 -20.19
C LYS G 24 43.10 -9.00 -18.89
N SER G 25 42.33 -10.09 -18.93
CA SER G 25 42.26 -11.10 -17.86
C SER G 25 42.64 -12.47 -18.44
N SER G 26 43.26 -13.33 -17.63
CA SER G 26 43.68 -14.70 -18.04
C SER G 26 42.43 -15.53 -18.34
N GLN G 27 41.35 -15.34 -17.58
CA GLN G 27 40.10 -16.13 -17.70
C GLN G 27 38.95 -15.17 -18.03
N SER G 28 37.99 -15.63 -18.84
CA SER G 28 36.82 -14.81 -19.30
C SER G 28 36.01 -14.37 -18.08
N LEU G 29 35.55 -13.11 -18.12
CA LEU G 29 34.72 -12.46 -17.08
C LEU G 29 33.27 -12.44 -17.57
N LEU G 30 33.03 -12.93 -18.79
CA LEU G 30 31.66 -13.09 -19.35
C LEU G 30 30.94 -14.22 -18.60
N ASN G 31 29.83 -13.87 -17.96
CA ASN G 31 28.88 -14.81 -17.31
C ASN G 31 27.65 -14.88 -18.22
N SER G 32 27.47 -16.00 -18.95
CA SER G 32 26.34 -16.21 -19.91
C SER G 32 25.02 -16.45 -19.15
N GLY G 33 25.11 -16.78 -17.85
CA GLY G 33 24.02 -16.59 -16.88
C GLY G 33 23.16 -15.39 -17.24
N ASP G 34 23.71 -14.17 -17.16
CA ASP G 34 22.99 -12.89 -17.45
C ASP G 34 23.62 -12.15 -18.63
N GLN G 35 24.70 -12.70 -19.21
CA GLN G 35 25.36 -12.24 -20.47
C GLN G 35 26.11 -10.93 -20.24
N LYS G 36 26.62 -10.67 -19.02
CA LYS G 36 27.37 -9.43 -18.70
C LYS G 36 28.81 -9.77 -18.35
N ASN G 37 29.73 -8.80 -18.54
CA ASN G 37 31.19 -9.01 -18.33
C ASN G 37 31.81 -8.92 -16.91
N TYR G 38 31.16 -8.45 -15.85
CA TYR G 38 31.72 -8.43 -14.45
C TYR G 38 33.19 -7.95 -14.42
N LEU G 39 33.40 -6.80 -15.05
CA LEU G 39 34.66 -6.02 -15.12
C LEU G 39 34.32 -4.59 -14.70
N THR G 40 35.05 -4.07 -13.70
CA THR G 40 34.79 -2.77 -13.04
C THR G 40 36.02 -1.88 -13.22
N TRP G 41 35.80 -0.62 -13.57
CA TRP G 41 36.86 0.41 -13.65
C TRP G 41 36.74 1.36 -12.47
N TYR G 42 37.87 1.65 -11.83
CA TYR G 42 37.99 2.64 -10.74
C TYR G 42 38.96 3.73 -11.19
N GLN G 43 38.58 4.98 -10.92
CA GLN G 43 39.46 6.16 -11.00
C GLN G 43 39.95 6.42 -9.58
N GLN G 44 41.25 6.51 -9.35
CA GLN G 44 41.75 6.94 -8.02
C GLN G 44 42.66 8.14 -8.17
N LYS G 45 42.24 9.31 -7.72
CA LYS G 45 43.11 10.52 -7.73
C LYS G 45 43.99 10.42 -6.50
N PRO G 46 45.15 11.11 -6.45
CA PRO G 46 46.08 10.95 -5.33
C PRO G 46 45.52 11.55 -4.03
N GLY G 47 45.81 10.86 -2.92
CA GLY G 47 45.35 11.22 -1.56
C GLY G 47 43.87 10.97 -1.38
N GLN G 48 43.29 10.16 -2.24
CA GLN G 48 41.82 9.98 -2.32
C GLN G 48 41.50 8.52 -2.52
N PRO G 49 40.30 8.09 -2.09
CA PRO G 49 39.93 6.70 -2.26
C PRO G 49 39.59 6.48 -3.73
N PRO G 50 39.59 5.22 -4.20
CA PRO G 50 39.08 4.95 -5.55
C PRO G 50 37.62 5.39 -5.64
N LYS G 51 37.16 5.58 -6.88
CA LYS G 51 35.80 6.04 -7.23
C LYS G 51 35.38 5.17 -8.40
N LEU G 52 34.22 4.53 -8.29
CA LEU G 52 33.60 3.72 -9.37
C LEU G 52 33.36 4.59 -10.60
N LEU G 53 33.75 4.10 -11.77
CA LEU G 53 33.59 4.76 -13.09
C LEU G 53 32.59 3.96 -13.91
N ILE G 54 32.89 2.68 -14.10
CA ILE G 54 32.20 1.75 -15.02
C ILE G 54 32.04 0.42 -14.26
N PHE G 55 30.88 -0.21 -14.41
CA PHE G 55 30.67 -1.63 -14.08
C PHE G 55 30.04 -2.34 -15.28
N TRP G 56 30.12 -3.68 -15.30
CA TRP G 56 29.72 -4.51 -16.47
C TRP G 56 30.45 -3.96 -17.70
N ALA G 57 29.74 -3.64 -18.78
CA ALA G 57 30.35 -3.44 -20.12
C ALA G 57 30.85 -1.97 -20.16
N SER G 58 29.89 -1.10 -20.45
CA SER G 58 30.04 0.36 -20.50
C SER G 58 29.04 1.06 -19.57
N THR G 59 28.61 0.36 -18.52
CA THR G 59 27.59 0.92 -17.62
C THR G 59 28.33 1.87 -16.71
N ARG G 60 28.02 3.12 -17.00
CA ARG G 60 28.72 4.31 -16.46
C ARG G 60 27.98 4.69 -15.19
N GLU G 61 28.69 4.88 -14.07
CA GLU G 61 28.04 5.28 -12.79
C GLU G 61 27.42 6.68 -13.00
N SER G 62 26.34 7.02 -12.29
CA SER G 62 25.65 8.32 -12.52
C SER G 62 26.62 9.45 -12.14
N GLY G 63 26.60 10.58 -12.86
CA GLY G 63 27.44 11.75 -12.58
C GLY G 63 28.76 11.71 -13.33
N VAL G 64 29.24 10.54 -13.75
CA VAL G 64 30.53 10.41 -14.52
C VAL G 64 30.30 10.81 -15.97
N PRO G 65 31.04 11.82 -16.50
CA PRO G 65 30.85 12.35 -17.85
C PRO G 65 30.82 11.34 -18.99
N ASP G 66 30.18 11.73 -20.10
CA ASP G 66 30.06 10.95 -21.36
C ASP G 66 31.45 10.64 -21.92
N ARG G 67 32.49 11.43 -21.58
CA ARG G 67 33.84 11.28 -22.21
C ARG G 67 34.48 9.94 -21.81
N PHE G 68 34.08 9.35 -20.68
CA PHE G 68 34.49 7.99 -20.26
C PHE G 68 33.59 6.94 -20.91
N THR G 69 34.17 6.03 -21.68
CA THR G 69 33.45 4.90 -22.33
C THR G 69 34.24 3.61 -22.07
N GLY G 70 33.62 2.69 -21.33
CA GLY G 70 34.13 1.32 -21.20
C GLY G 70 33.62 0.43 -22.32
N SER G 71 34.48 -0.43 -22.86
CA SER G 71 34.06 -1.43 -23.88
C SER G 71 34.86 -2.73 -23.69
N GLY G 72 34.71 -3.64 -24.65
CA GLY G 72 35.29 -5.01 -24.62
C GLY G 72 34.30 -6.01 -24.06
N SER G 73 34.60 -7.30 -24.24
CA SER G 73 33.95 -8.43 -23.54
C SER G 73 34.92 -9.62 -23.50
N GLY G 74 34.64 -10.61 -22.64
CA GLY G 74 35.44 -11.83 -22.52
C GLY G 74 36.68 -11.60 -21.69
N THR G 75 37.85 -11.45 -22.31
CA THR G 75 39.14 -11.28 -21.60
C THR G 75 39.79 -9.94 -21.96
N ASP G 76 39.23 -9.17 -22.88
CA ASP G 76 39.92 -8.00 -23.49
C ASP G 76 38.98 -6.80 -23.40
N PHE G 77 39.32 -5.83 -22.54
CA PHE G 77 38.50 -4.63 -22.21
C PHE G 77 39.32 -3.36 -22.41
N THR G 78 38.65 -2.25 -22.75
CA THR G 78 39.29 -0.91 -22.82
C THR G 78 38.46 0.11 -22.05
N LEU G 79 39.14 1.09 -21.49
CA LEU G 79 38.57 2.37 -21.00
C LEU G 79 39.12 3.44 -21.92
N THR G 80 38.24 4.32 -22.39
CA THR G 80 38.61 5.41 -23.33
C THR G 80 38.16 6.72 -22.73
N ILE G 81 39.04 7.71 -22.70
CA ILE G 81 38.67 9.10 -22.33
C ILE G 81 38.74 9.89 -23.63
N SER G 82 37.60 10.33 -24.16
CA SER G 82 37.53 10.87 -25.54
C SER G 82 38.35 12.16 -25.60
N SER G 83 38.32 12.95 -24.52
CA SER G 83 39.10 14.21 -24.39
C SER G 83 39.50 14.42 -22.91
N VAL G 84 40.77 14.13 -22.60
CA VAL G 84 41.33 14.18 -21.22
C VAL G 84 41.27 15.61 -20.66
N GLN G 85 40.76 15.75 -19.44
CA GLN G 85 40.63 17.04 -18.73
C GLN G 85 41.58 17.01 -17.52
N ALA G 86 42.02 18.17 -17.04
CA ALA G 86 42.88 18.30 -15.83
C ALA G 86 42.30 17.48 -14.67
N GLU G 87 40.97 17.39 -14.56
CA GLU G 87 40.28 16.68 -13.46
C GLU G 87 40.43 15.16 -13.63
N ASP G 88 41.03 14.67 -14.73
CA ASP G 88 41.12 13.22 -15.02
C ASP G 88 42.48 12.66 -14.59
N LEU G 89 43.38 13.52 -14.11
CA LEU G 89 44.66 13.07 -13.52
C LEU G 89 44.35 12.11 -12.38
N ALA G 90 44.69 10.85 -12.53
CA ALA G 90 44.30 9.74 -11.63
C ALA G 90 45.07 8.48 -12.00
N VAL G 91 44.98 7.45 -11.18
CA VAL G 91 45.32 6.07 -11.60
C VAL G 91 44.04 5.30 -11.88
N TYR G 92 43.95 4.64 -13.03
CA TYR G 92 42.74 3.89 -13.45
C TYR G 92 43.02 2.40 -13.24
N TYR G 93 42.18 1.76 -12.44
CA TYR G 93 42.28 0.32 -12.09
C TYR G 93 41.09 -0.41 -12.69
N CYS G 94 41.32 -1.59 -13.27
CA CYS G 94 40.23 -2.54 -13.57
C CYS G 94 40.22 -3.64 -12.49
N GLN G 95 39.04 -4.09 -12.12
CA GLN G 95 38.84 -5.12 -11.07
C GLN G 95 38.00 -6.25 -11.67
N ASN G 96 38.41 -7.48 -11.39
CA ASN G 96 37.64 -8.71 -11.71
C ASN G 96 36.52 -8.85 -10.67
N ASP G 97 35.26 -8.69 -11.07
CA ASP G 97 34.09 -8.80 -10.16
C ASP G 97 33.34 -10.09 -10.45
N TYR G 98 34.01 -11.07 -11.07
CA TYR G 98 33.42 -12.35 -11.57
C TYR G 98 33.58 -13.48 -10.54
N SER G 99 34.79 -13.72 -10.05
CA SER G 99 35.11 -14.82 -9.09
C SER G 99 36.07 -14.29 -8.02
N TYR G 100 36.08 -14.92 -6.85
CA TYR G 100 37.09 -14.70 -5.79
C TYR G 100 38.43 -15.23 -6.28
N PRO G 101 39.58 -14.66 -5.86
CA PRO G 101 39.66 -13.36 -5.20
C PRO G 101 39.35 -12.24 -6.21
N LEU G 102 38.89 -11.08 -5.74
CA LEU G 102 38.45 -9.97 -6.62
C LEU G 102 39.68 -9.16 -7.04
N THR G 103 40.51 -9.70 -7.95
CA THR G 103 41.82 -9.12 -8.28
C THR G 103 41.65 -7.82 -9.06
N PHE G 104 42.56 -6.87 -8.79
CA PHE G 104 42.73 -5.61 -9.54
C PHE G 104 43.93 -5.72 -10.49
N GLY G 105 43.92 -4.93 -11.57
CA GLY G 105 45.12 -4.64 -12.39
C GLY G 105 46.10 -3.80 -11.61
N ALA G 106 47.34 -3.67 -12.08
CA ALA G 106 48.37 -2.83 -11.45
C ALA G 106 48.09 -1.37 -11.76
N GLY G 107 47.10 -1.11 -12.62
CA GLY G 107 46.62 0.26 -12.89
C GLY G 107 47.40 0.94 -13.99
N THR G 108 46.73 1.82 -14.72
CA THR G 108 47.33 2.84 -15.63
C THR G 108 47.32 4.20 -14.94
N LYS G 109 48.47 4.78 -14.72
CA LYS G 109 48.59 6.12 -14.11
C LYS G 109 48.62 7.18 -15.22
N LEU G 110 47.61 8.04 -15.27
CA LEU G 110 47.52 9.18 -16.23
C LEU G 110 48.19 10.40 -15.62
N GLU G 111 49.17 10.99 -16.30
CA GLU G 111 49.85 12.25 -15.86
C GLU G 111 49.70 13.28 -16.98
N LEU G 112 49.88 14.57 -16.72
CA LEU G 112 49.58 15.64 -17.71
C LEU G 112 50.82 16.50 -17.96
N LYS G 113 50.85 17.21 -19.07
CA LYS G 113 51.90 18.19 -19.45
C LYS G 113 51.42 19.58 -19.06
N GLN H 1 -16.11 -17.62 5.92
CA GLN H 1 -16.49 -16.95 4.64
C GLN H 1 -17.96 -17.26 4.37
N VAL H 2 -18.60 -16.46 3.51
CA VAL H 2 -19.91 -16.80 2.92
C VAL H 2 -19.70 -17.89 1.86
N GLN H 3 -20.59 -18.89 1.83
CA GLN H 3 -20.56 -20.04 0.90
C GLN H 3 -21.98 -20.25 0.38
N LEU H 4 -22.12 -20.57 -0.90
CA LEU H 4 -23.38 -21.15 -1.47
C LEU H 4 -23.03 -22.48 -2.14
N GLN H 5 -23.33 -23.61 -1.54
CA GLN H 5 -23.12 -24.94 -2.16
C GLN H 5 -24.36 -25.31 -2.95
N GLN H 6 -24.22 -25.48 -4.27
CA GLN H 6 -25.31 -25.96 -5.12
C GLN H 6 -25.22 -27.49 -5.23
N SER H 7 -26.36 -28.15 -5.48
CA SER H 7 -26.48 -29.60 -5.70
C SER H 7 -25.64 -30.00 -6.94
N ASP H 8 -25.28 -31.29 -7.03
CA ASP H 8 -24.48 -31.87 -8.14
C ASP H 8 -25.25 -31.75 -9.46
N ALA H 9 -24.54 -31.91 -10.57
CA ALA H 9 -25.04 -31.89 -11.96
C ALA H 9 -26.07 -33.00 -12.17
N GLU H 10 -27.06 -32.76 -13.02
CA GLU H 10 -28.24 -33.61 -13.19
C GLU H 10 -28.43 -33.89 -14.69
N LEU H 11 -28.52 -35.17 -15.07
CA LEU H 11 -28.82 -35.68 -16.43
C LEU H 11 -30.21 -36.32 -16.39
N VAL H 12 -31.13 -35.91 -17.25
CA VAL H 12 -32.59 -36.11 -17.00
C VAL H 12 -33.38 -36.18 -18.32
N LYS H 13 -34.41 -37.03 -18.34
CA LYS H 13 -35.25 -37.36 -19.52
C LYS H 13 -36.28 -36.26 -19.72
N PRO H 14 -36.60 -35.85 -20.97
CA PRO H 14 -37.61 -34.80 -21.22
C PRO H 14 -38.96 -35.02 -20.51
N GLY H 15 -39.75 -33.95 -20.36
CA GLY H 15 -41.05 -33.97 -19.67
C GLY H 15 -40.94 -34.26 -18.18
N SER H 16 -39.75 -34.65 -17.76
CA SER H 16 -39.35 -34.89 -16.34
C SER H 16 -39.28 -33.56 -15.57
N SER H 17 -39.05 -33.65 -14.26
CA SER H 17 -39.02 -32.52 -13.28
C SER H 17 -37.79 -32.70 -12.38
N VAL H 18 -37.05 -31.63 -12.08
CA VAL H 18 -35.79 -31.72 -11.28
C VAL H 18 -35.79 -30.61 -10.21
N LYS H 19 -35.08 -30.82 -9.09
CA LYS H 19 -35.00 -29.87 -7.95
C LYS H 19 -33.53 -29.56 -7.57
N ILE H 20 -32.99 -28.44 -8.06
CA ILE H 20 -31.65 -27.87 -7.66
C ILE H 20 -31.78 -27.36 -6.21
N SER H 21 -30.75 -27.56 -5.40
CA SER H 21 -30.63 -26.94 -4.05
C SER H 21 -29.47 -25.94 -4.04
N CYS H 22 -29.47 -25.04 -3.06
CA CYS H 22 -28.46 -23.98 -2.82
C CYS H 22 -28.35 -23.74 -1.31
N LYS H 23 -27.35 -24.33 -0.66
CA LYS H 23 -27.20 -24.39 0.82
C LYS H 23 -26.30 -23.23 1.23
N ALA H 24 -26.83 -22.25 1.96
CA ALA H 24 -26.12 -21.00 2.34
C ALA H 24 -25.52 -21.13 3.75
N SER H 25 -24.47 -20.34 4.00
CA SER H 25 -23.73 -20.31 5.28
C SER H 25 -22.78 -19.11 5.32
N GLY H 26 -22.49 -18.60 6.52
CA GLY H 26 -21.49 -17.55 6.81
C GLY H 26 -22.12 -16.17 6.88
N TYR H 27 -23.45 -16.13 6.91
CA TYR H 27 -24.31 -14.92 6.88
C TYR H 27 -25.68 -15.38 7.37
N THR H 28 -26.48 -14.52 7.98
CA THR H 28 -27.87 -14.85 8.39
C THR H 28 -28.73 -14.99 7.13
N PHE H 29 -29.33 -16.16 6.92
CA PHE H 29 -30.01 -16.57 5.67
C PHE H 29 -31.08 -15.55 5.25
N THR H 30 -31.81 -14.98 6.22
CA THR H 30 -33.00 -14.12 6.00
C THR H 30 -32.61 -12.70 5.55
N ASP H 31 -31.36 -12.28 5.74
CA ASP H 31 -30.85 -10.92 5.38
C ASP H 31 -30.98 -10.65 3.88
N HIS H 32 -30.65 -11.63 3.05
CA HIS H 32 -30.51 -11.46 1.58
C HIS H 32 -31.36 -12.45 0.80
N ALA H 33 -32.00 -11.93 -0.25
CA ALA H 33 -32.81 -12.67 -1.24
C ALA H 33 -31.90 -13.58 -2.06
N ILE H 34 -32.35 -14.79 -2.34
CA ILE H 34 -31.69 -15.76 -3.27
C ILE H 34 -32.27 -15.51 -4.68
N HIS H 35 -31.45 -15.10 -5.64
CA HIS H 35 -31.81 -15.01 -7.08
C HIS H 35 -31.31 -16.28 -7.80
N TRP H 36 -31.99 -16.69 -8.86
CA TRP H 36 -31.57 -17.83 -9.72
C TRP H 36 -31.32 -17.33 -11.14
N VAL H 37 -30.25 -17.81 -11.75
CA VAL H 37 -29.78 -17.32 -13.08
C VAL H 37 -29.52 -18.54 -13.95
N LYS H 38 -30.07 -18.55 -15.17
CA LYS H 38 -29.83 -19.59 -16.20
C LYS H 38 -28.71 -19.10 -17.12
N GLN H 39 -27.66 -19.88 -17.29
CA GLN H 39 -26.59 -19.60 -18.28
C GLN H 39 -26.79 -20.57 -19.42
N LYS H 40 -27.23 -20.09 -20.58
CA LYS H 40 -27.31 -21.00 -21.78
C LYS H 40 -25.89 -21.25 -22.25
N PRO H 41 -25.56 -22.46 -22.75
CA PRO H 41 -24.25 -22.72 -23.35
C PRO H 41 -23.92 -21.71 -24.47
N GLU H 42 -24.89 -21.32 -25.27
CA GLU H 42 -24.77 -20.09 -26.11
C GLU H 42 -24.68 -18.92 -25.13
N GLN H 43 -23.46 -18.41 -24.94
CA GLN H 43 -23.09 -17.28 -24.03
C GLN H 43 -24.35 -16.44 -23.69
N GLY H 44 -24.57 -16.10 -22.42
CA GLY H 44 -25.72 -15.27 -22.04
C GLY H 44 -26.48 -15.81 -20.85
N LEU H 45 -26.95 -14.88 -20.03
CA LEU H 45 -27.50 -15.13 -18.68
C LEU H 45 -28.95 -14.67 -18.69
N GLU H 46 -29.84 -15.43 -18.09
CA GLU H 46 -31.28 -15.10 -17.95
C GLU H 46 -31.61 -15.14 -16.46
N TRP H 47 -32.18 -14.05 -15.94
CA TRP H 47 -32.71 -14.00 -14.56
C TRP H 47 -34.04 -14.78 -14.49
N ILE H 48 -34.09 -15.83 -13.66
CA ILE H 48 -35.30 -16.70 -13.50
C ILE H 48 -36.27 -16.03 -12.52
N GLY H 49 -35.77 -15.60 -11.36
CA GLY H 49 -36.59 -15.02 -10.27
C GLY H 49 -35.79 -14.95 -8.99
N HIS H 50 -36.42 -14.52 -7.91
CA HIS H 50 -35.76 -14.43 -6.58
C HIS H 50 -36.76 -14.86 -5.51
N PHE H 51 -36.22 -15.21 -4.36
CA PHE H 51 -36.96 -15.60 -3.15
C PHE H 51 -36.32 -14.86 -1.98
N SER H 52 -36.94 -13.81 -1.45
CA SER H 52 -36.51 -13.14 -0.19
C SER H 52 -36.97 -13.98 1.00
N PRO H 53 -36.10 -14.60 1.80
CA PRO H 53 -36.55 -15.45 2.90
C PRO H 53 -37.04 -14.69 4.13
N GLY H 54 -36.62 -13.43 4.35
CA GLY H 54 -37.13 -12.64 5.50
C GLY H 54 -38.66 -12.45 5.51
N ASN H 55 -39.20 -12.07 4.35
CA ASN H 55 -40.53 -11.40 4.21
C ASN H 55 -41.35 -12.04 3.08
N THR H 56 -41.21 -13.35 2.88
CA THR H 56 -41.28 -14.05 1.55
C THR H 56 -41.03 -13.05 0.40
N ASP H 57 -42.02 -12.44 -0.25
CA ASP H 57 -41.76 -11.74 -1.54
C ASP H 57 -40.96 -12.64 -2.50
N ILE H 58 -41.67 -13.23 -3.45
CA ILE H 58 -41.12 -14.11 -4.52
C ILE H 58 -41.49 -13.52 -5.88
N LYS H 59 -40.52 -12.99 -6.61
CA LYS H 59 -40.71 -12.51 -8.01
C LYS H 59 -40.24 -13.59 -8.98
N TYR H 60 -40.98 -13.79 -10.06
CA TYR H 60 -40.59 -14.65 -11.20
C TYR H 60 -40.44 -13.79 -12.44
N ASN H 61 -39.52 -14.12 -13.32
CA ASN H 61 -39.50 -13.62 -14.72
C ASN H 61 -40.68 -14.30 -15.44
N ASP H 62 -41.54 -13.54 -16.11
CA ASP H 62 -42.76 -14.12 -16.77
C ASP H 62 -42.35 -15.26 -17.68
N LYS H 63 -41.24 -15.14 -18.44
CA LYS H 63 -40.69 -16.23 -19.29
C LYS H 63 -40.73 -17.56 -18.49
N PHE H 64 -40.42 -17.56 -17.19
CA PHE H 64 -40.18 -18.78 -16.37
C PHE H 64 -41.36 -19.09 -15.45
N LYS H 65 -42.41 -18.26 -15.43
CA LYS H 65 -43.47 -18.31 -14.37
C LYS H 65 -44.11 -19.71 -14.31
N GLY H 66 -44.22 -20.42 -15.42
CA GLY H 66 -44.79 -21.78 -15.49
C GLY H 66 -43.76 -22.85 -15.71
N LYS H 67 -42.51 -22.65 -15.32
CA LYS H 67 -41.38 -23.58 -15.57
C LYS H 67 -40.60 -23.79 -14.26
N ALA H 68 -40.28 -22.71 -13.58
CA ALA H 68 -39.57 -22.67 -12.27
C ALA H 68 -40.56 -22.44 -11.14
N THR H 69 -40.31 -23.07 -10.00
CA THR H 69 -40.97 -22.76 -8.71
C THR H 69 -39.88 -22.73 -7.64
N LEU H 70 -39.80 -21.62 -6.89
CA LEU H 70 -38.77 -21.40 -5.86
C LEU H 70 -39.33 -21.66 -4.45
N THR H 71 -38.84 -22.70 -3.77
CA THR H 71 -39.09 -23.00 -2.33
C THR H 71 -37.93 -22.43 -1.52
N VAL H 72 -37.99 -22.61 -0.20
CA VAL H 72 -36.90 -22.34 0.79
C VAL H 72 -37.14 -23.21 2.03
N ASP H 73 -36.08 -23.64 2.70
CA ASP H 73 -36.13 -24.32 4.02
C ASP H 73 -35.20 -23.57 4.98
N ARG H 74 -35.76 -22.72 5.85
CA ARG H 74 -35.03 -21.71 6.66
C ARG H 74 -34.28 -22.46 7.77
N SER H 75 -34.84 -23.56 8.28
CA SER H 75 -34.24 -24.40 9.35
C SER H 75 -32.86 -24.95 8.91
N SER H 76 -32.57 -25.01 7.62
CA SER H 76 -31.27 -25.54 7.08
C SER H 76 -30.57 -24.54 6.16
N SER H 77 -31.08 -23.31 6.02
CA SER H 77 -30.50 -22.21 5.20
C SER H 77 -30.29 -22.69 3.75
N THR H 78 -31.36 -23.18 3.12
CA THR H 78 -31.32 -23.78 1.77
C THR H 78 -32.44 -23.21 0.90
N ALA H 79 -32.07 -22.69 -0.27
CA ALA H 79 -33.01 -22.32 -1.35
C ALA H 79 -33.12 -23.49 -2.32
N TYR H 80 -34.32 -23.71 -2.84
CA TYR H 80 -34.58 -24.71 -3.88
C TYR H 80 -35.21 -23.99 -5.06
N MET H 81 -34.95 -24.56 -6.23
CA MET H 81 -35.66 -24.28 -7.50
C MET H 81 -36.05 -25.63 -8.09
N GLN H 82 -37.33 -25.76 -8.45
CA GLN H 82 -37.85 -26.96 -9.12
C GLN H 82 -38.22 -26.54 -10.55
N LEU H 83 -37.74 -27.31 -11.53
CA LEU H 83 -38.00 -27.09 -12.97
C LEU H 83 -38.87 -28.25 -13.48
N ASN H 84 -39.97 -27.92 -14.18
CA ASN H 84 -41.07 -28.85 -14.57
C ASN H 84 -41.10 -28.92 -16.09
N SER H 85 -41.56 -30.06 -16.64
CA SER H 85 -41.86 -30.21 -18.09
C SER H 85 -40.59 -30.00 -18.93
N LEU H 86 -39.47 -30.55 -18.47
CA LEU H 86 -38.12 -30.20 -19.02
C LEU H 86 -38.06 -30.55 -20.52
N THR H 87 -37.74 -29.58 -21.35
CA THR H 87 -37.32 -29.76 -22.76
C THR H 87 -35.81 -29.56 -22.84
N SER H 88 -35.20 -29.72 -24.01
CA SER H 88 -33.74 -29.49 -24.21
C SER H 88 -33.46 -27.97 -24.19
N GLU H 89 -34.49 -27.13 -24.14
CA GLU H 89 -34.39 -25.67 -23.88
C GLU H 89 -33.78 -25.43 -22.49
N ASP H 90 -34.08 -26.33 -21.54
CA ASP H 90 -33.75 -26.16 -20.12
C ASP H 90 -32.33 -26.69 -19.84
N SER H 91 -31.70 -27.33 -20.82
CA SER H 91 -30.26 -27.71 -20.74
C SER H 91 -29.42 -26.45 -20.58
N ALA H 92 -28.76 -26.29 -19.45
CA ALA H 92 -28.06 -25.04 -19.06
C ALA H 92 -27.38 -25.23 -17.72
N VAL H 93 -26.51 -24.29 -17.33
CA VAL H 93 -25.97 -24.24 -15.96
C VAL H 93 -26.84 -23.25 -15.18
N TYR H 94 -27.27 -23.63 -13.97
CA TYR H 94 -28.16 -22.82 -13.12
C TYR H 94 -27.37 -22.40 -11.89
N PHE H 95 -27.30 -21.09 -11.67
CA PHE H 95 -26.64 -20.46 -10.51
C PHE H 95 -27.71 -19.95 -9.55
N CYS H 96 -27.52 -20.16 -8.25
CA CYS H 96 -28.11 -19.31 -7.18
C CYS H 96 -27.09 -18.23 -6.80
N LYS H 97 -27.59 -17.06 -6.47
CA LYS H 97 -26.76 -15.87 -6.16
C LYS H 97 -27.54 -15.09 -5.10
N THR H 98 -26.84 -14.32 -4.30
CA THR H 98 -27.37 -13.56 -3.15
C THR H 98 -27.55 -12.08 -3.56
N SER H 99 -28.70 -11.50 -3.26
CA SER H 99 -28.99 -10.04 -3.39
C SER H 99 -28.99 -9.58 -4.84
N THR H 100 -28.94 -8.26 -5.02
CA THR H 100 -29.01 -7.44 -6.25
C THR H 100 -27.81 -6.49 -6.18
N PHE H 101 -26.56 -6.94 -6.25
CA PHE H 101 -25.31 -6.11 -6.28
C PHE H 101 -24.86 -5.53 -4.92
N PHE H 102 -25.55 -5.76 -3.80
CA PHE H 102 -25.13 -5.26 -2.47
C PHE H 102 -24.29 -6.34 -1.76
N PHE H 103 -24.74 -7.58 -1.80
CA PHE H 103 -24.00 -8.83 -1.45
C PHE H 103 -23.77 -9.58 -2.76
N ASP H 104 -22.56 -10.10 -2.97
CA ASP H 104 -22.21 -10.71 -4.27
C ASP H 104 -21.49 -12.01 -3.99
N TYR H 105 -22.29 -13.05 -3.86
CA TYR H 105 -21.83 -14.44 -3.66
C TYR H 105 -22.68 -15.29 -4.60
N TRP H 106 -22.02 -16.13 -5.38
CA TRP H 106 -22.70 -17.05 -6.30
C TRP H 106 -22.41 -18.50 -5.90
N GLY H 107 -23.36 -19.39 -6.12
CA GLY H 107 -23.11 -20.83 -6.19
C GLY H 107 -22.14 -21.19 -7.32
N GLN H 108 -21.51 -22.36 -7.24
CA GLN H 108 -20.53 -22.87 -8.22
C GLN H 108 -21.28 -23.36 -9.46
N GLY H 109 -22.61 -23.25 -9.46
CA GLY H 109 -23.45 -23.62 -10.61
C GLY H 109 -23.84 -25.08 -10.57
N THR H 110 -24.99 -25.42 -11.16
CA THR H 110 -25.48 -26.82 -11.32
C THR H 110 -25.85 -27.00 -12.78
N THR H 111 -25.08 -27.79 -13.52
CA THR H 111 -25.43 -28.15 -14.92
C THR H 111 -26.63 -29.07 -14.92
N LEU H 112 -27.59 -28.82 -15.81
CA LEU H 112 -28.80 -29.66 -16.01
C LEU H 112 -28.86 -29.99 -17.51
N THR H 113 -28.60 -31.25 -17.86
CA THR H 113 -28.57 -31.76 -19.26
C THR H 113 -29.79 -32.67 -19.44
N VAL H 114 -30.51 -32.50 -20.55
CA VAL H 114 -31.83 -33.11 -20.85
C VAL H 114 -31.73 -33.88 -22.18
N SER H 115 -31.71 -35.21 -22.13
CA SER H 115 -31.43 -36.13 -23.28
C SER H 115 -32.05 -35.64 -24.61
N GLN I 1 23.74 11.12 5.00
CA GLN I 1 24.59 10.52 3.93
C GLN I 1 25.46 9.40 4.54
N VAL I 2 25.92 8.49 3.68
CA VAL I 2 26.73 7.31 4.09
C VAL I 2 28.14 7.80 4.40
N GLN I 3 28.74 7.31 5.48
CA GLN I 3 30.10 7.64 5.95
C GLN I 3 30.78 6.34 6.33
N LEU I 4 32.07 6.20 6.02
CA LEU I 4 32.94 5.17 6.62
C LEU I 4 34.14 5.89 7.24
N GLN I 5 34.19 6.02 8.57
CA GLN I 5 35.34 6.66 9.25
C GLN I 5 36.34 5.55 9.58
N GLN I 6 37.54 5.65 9.03
CA GLN I 6 38.64 4.71 9.36
C GLN I 6 39.48 5.33 10.48
N SER I 7 40.14 4.48 11.25
CA SER I 7 41.08 4.86 12.33
C SER I 7 42.22 5.69 11.74
N ASP I 8 42.89 6.48 12.59
CA ASP I 8 43.98 7.40 12.20
C ASP I 8 45.19 6.57 11.75
N ALA I 9 46.16 7.23 11.11
CA ALA I 9 47.40 6.64 10.56
C ALA I 9 48.24 6.05 11.69
N GLU I 10 48.96 4.97 11.41
CA GLU I 10 49.67 4.15 12.43
C GLU I 10 51.11 3.97 11.97
N LEU I 11 52.07 4.38 12.82
CA LEU I 11 53.54 4.23 12.64
C LEU I 11 54.01 3.18 13.67
N VAL I 12 54.64 2.10 13.26
CA VAL I 12 54.67 0.85 14.08
C VAL I 12 55.92 0.01 13.76
N LYS I 13 56.48 -0.65 14.78
CA LYS I 13 57.76 -1.41 14.75
C LYS I 13 57.49 -2.80 14.19
N PRO I 14 58.39 -3.36 13.34
CA PRO I 14 58.19 -4.68 12.74
C PRO I 14 57.82 -5.79 13.73
N GLY I 15 57.28 -6.90 13.22
CA GLY I 15 56.84 -8.08 14.02
C GLY I 15 55.67 -7.74 14.94
N SER I 16 55.32 -6.45 15.03
CA SER I 16 54.17 -5.90 15.78
C SER I 16 52.85 -6.31 15.11
N SER I 17 51.72 -5.95 15.73
CA SER I 17 50.34 -6.28 15.30
C SER I 17 49.48 -5.03 15.43
N VAL I 18 48.62 -4.72 14.46
CA VAL I 18 47.82 -3.46 14.47
C VAL I 18 46.38 -3.80 14.09
N LYS I 19 45.43 -2.99 14.59
CA LYS I 19 43.96 -3.17 14.36
C LYS I 19 43.33 -1.88 13.81
N ILE I 20 43.17 -1.80 12.48
CA ILE I 20 42.42 -0.73 11.76
C ILE I 20 40.94 -0.90 12.08
N SER I 21 40.23 0.21 12.29
CA SER I 21 38.76 0.22 12.48
C SER I 21 38.11 0.96 11.30
N CYS I 22 36.83 0.70 11.07
CA CYS I 22 35.99 1.29 9.99
C CYS I 22 34.56 1.43 10.50
N LYS I 23 34.19 2.62 10.97
CA LYS I 23 32.92 2.89 11.69
C LYS I 23 31.90 3.36 10.65
N ALA I 24 30.85 2.59 10.41
CA ALA I 24 29.85 2.85 9.34
C ALA I 24 28.62 3.58 9.92
N SER I 25 27.95 4.33 9.06
CA SER I 25 26.76 5.14 9.40
C SER I 25 26.05 5.63 8.13
N GLY I 26 24.72 5.84 8.22
CA GLY I 26 23.88 6.41 7.15
C GLY I 26 23.21 5.35 6.30
N TYR I 27 23.31 4.09 6.75
CA TYR I 27 22.83 2.87 6.06
C TYR I 27 22.80 1.77 7.14
N THR I 28 21.92 0.79 7.05
CA THR I 28 21.88 -0.36 7.99
C THR I 28 23.12 -1.23 7.74
N PHE I 29 23.95 -1.39 8.77
CA PHE I 29 25.30 -2.01 8.71
C PHE I 29 25.28 -3.38 8.03
N THR I 30 24.25 -4.20 8.28
CA THR I 30 24.17 -5.63 7.88
C THR I 30 23.84 -5.77 6.38
N ASP I 31 23.32 -4.71 5.73
CA ASP I 31 22.85 -4.75 4.30
C ASP I 31 23.99 -5.08 3.35
N HIS I 32 25.17 -4.50 3.59
CA HIS I 32 26.33 -4.56 2.68
C HIS I 32 27.54 -5.09 3.43
N ALA I 33 28.28 -5.98 2.77
CA ALA I 33 29.60 -6.52 3.18
C ALA I 33 30.61 -5.37 3.15
N ILE I 34 31.48 -5.35 4.15
CA ILE I 34 32.69 -4.48 4.21
C ILE I 34 33.84 -5.26 3.53
N HIS I 35 34.39 -4.70 2.46
CA HIS I 35 35.63 -5.20 1.80
C HIS I 35 36.81 -4.37 2.30
N TRP I 36 38.00 -4.97 2.34
CA TRP I 36 39.27 -4.27 2.67
C TRP I 36 40.22 -4.33 1.47
N VAL I 37 40.89 -3.23 1.18
CA VAL I 37 41.77 -3.09 -0.01
C VAL I 37 43.09 -2.49 0.47
N LYS I 38 44.21 -3.10 0.08
CA LYS I 38 45.58 -2.58 0.34
C LYS I 38 46.03 -1.78 -0.90
N GLN I 39 46.41 -0.53 -0.70
CA GLN I 39 47.02 0.32 -1.75
C GLN I 39 48.52 0.35 -1.48
N LYS I 40 49.31 -0.32 -2.32
CA LYS I 40 50.80 -0.31 -2.32
C LYS I 40 51.26 1.12 -2.53
N PRO I 41 52.30 1.59 -1.82
CA PRO I 41 52.68 3.00 -1.84
C PRO I 41 52.98 3.48 -3.27
N GLU I 42 53.68 2.68 -4.06
CA GLU I 42 53.77 2.88 -5.52
C GLU I 42 52.59 2.08 -6.04
N GLN I 43 51.58 2.75 -6.58
CA GLN I 43 50.55 2.19 -7.50
C GLN I 43 50.30 0.68 -7.30
N GLY I 44 49.02 0.32 -7.24
CA GLY I 44 48.53 -1.07 -7.10
C GLY I 44 47.49 -1.20 -6.01
N LEU I 45 46.38 -1.86 -6.28
CA LEU I 45 45.37 -2.22 -5.25
C LEU I 45 45.32 -3.74 -5.14
N GLU I 46 45.26 -4.25 -3.91
CA GLU I 46 45.12 -5.71 -3.62
C GLU I 46 43.86 -5.85 -2.77
N TRP I 47 42.93 -6.70 -3.20
CA TRP I 47 41.73 -7.07 -2.41
C TRP I 47 42.15 -8.02 -1.28
N ILE I 48 41.94 -7.63 -0.02
CA ILE I 48 42.36 -8.45 1.17
C ILE I 48 41.27 -9.49 1.46
N GLY I 49 40.01 -9.07 1.53
CA GLY I 49 38.86 -9.93 1.86
C GLY I 49 37.62 -9.12 2.15
N HIS I 50 36.53 -9.76 2.55
CA HIS I 50 35.28 -9.05 2.93
C HIS I 50 34.66 -9.72 4.15
N PHE I 51 33.73 -9.01 4.78
CA PHE I 51 32.76 -9.51 5.78
C PHE I 51 31.37 -9.17 5.20
N ILE I 58 32.56 -14.53 5.49
CA ILE I 58 33.92 -13.93 5.54
C ILE I 58 34.81 -14.62 4.52
N LYS I 59 35.12 -13.96 3.41
CA LYS I 59 36.11 -14.42 2.40
C LYS I 59 37.43 -13.70 2.64
N TYR I 60 38.54 -14.40 2.48
CA TYR I 60 39.92 -13.85 2.50
C TYR I 60 40.55 -14.12 1.14
N ASN I 61 41.42 -13.24 0.69
CA ASN I 61 42.36 -13.51 -0.42
C ASN I 61 43.41 -14.48 0.11
N ASP I 62 43.67 -15.58 -0.61
CA ASP I 62 44.72 -16.60 -0.32
C ASP I 62 45.99 -15.87 0.17
N LYS I 63 46.45 -14.92 -0.62
CA LYS I 63 47.67 -14.12 -0.36
C LYS I 63 47.66 -13.67 1.11
N PHE I 64 46.52 -13.29 1.68
CA PHE I 64 46.41 -12.60 3.01
C PHE I 64 45.97 -13.56 4.12
N LYS I 65 45.62 -14.81 3.78
CA LYS I 65 45.19 -15.81 4.79
C LYS I 65 46.36 -15.94 5.78
N GLY I 66 46.14 -15.50 7.02
CA GLY I 66 47.15 -15.58 8.09
C GLY I 66 47.73 -14.23 8.44
N LYS I 67 47.85 -13.31 7.49
CA LYS I 67 48.33 -11.92 7.75
C LYS I 67 47.18 -11.10 8.34
N ALA I 68 46.03 -11.15 7.67
CA ALA I 68 44.82 -10.35 7.99
C ALA I 68 43.79 -11.23 8.69
N THR I 69 43.08 -10.65 9.64
CA THR I 69 41.89 -11.26 10.28
C THR I 69 40.82 -10.16 10.41
N LEU I 70 39.61 -10.41 9.89
CA LEU I 70 38.48 -9.43 9.86
C LEU I 70 37.47 -9.77 10.97
N THR I 71 37.36 -8.92 12.00
CA THR I 71 36.32 -8.94 13.06
C THR I 71 35.20 -7.97 12.66
N VAL I 72 34.18 -7.84 13.51
CA VAL I 72 33.06 -6.87 13.38
C VAL I 72 32.43 -6.68 14.77
N ASP I 73 31.91 -5.48 15.07
CA ASP I 73 31.07 -5.22 16.27
C ASP I 73 29.77 -4.55 15.80
N ARG I 74 28.68 -5.33 15.71
CA ARG I 74 27.43 -4.93 15.00
C ARG I 74 26.70 -3.89 15.85
N SER I 75 26.80 -4.00 17.18
CA SER I 75 26.16 -3.09 18.16
C SER I 75 26.66 -1.63 17.95
N SER I 76 27.81 -1.42 17.31
CA SER I 76 28.40 -0.07 17.07
C SER I 76 28.68 0.20 15.58
N SER I 77 28.29 -0.71 14.68
CA SER I 77 28.44 -0.59 13.20
C SER I 77 29.90 -0.34 12.84
N THR I 78 30.81 -1.20 13.30
CA THR I 78 32.29 -1.04 13.11
C THR I 78 32.86 -2.37 12.60
N ALA I 79 33.58 -2.31 11.48
CA ALA I 79 34.40 -3.42 10.93
C ALA I 79 35.83 -3.20 11.41
N TYR I 80 36.52 -4.28 11.72
CA TYR I 80 37.95 -4.26 12.09
C TYR I 80 38.67 -5.17 11.13
N MET I 81 39.93 -4.83 10.91
CA MET I 81 40.97 -5.69 10.30
C MET I 81 42.19 -5.63 11.23
N GLN I 82 42.72 -6.79 11.56
CA GLN I 82 43.94 -6.91 12.37
C GLN I 82 45.02 -7.52 11.47
N LEU I 83 46.19 -6.88 11.46
CA LEU I 83 47.38 -7.33 10.68
C LEU I 83 48.45 -7.76 11.69
N ASN I 84 49.02 -8.95 11.48
CA ASN I 84 49.94 -9.65 12.41
C ASN I 84 51.32 -9.74 11.76
N SER I 85 52.38 -9.79 12.56
CA SER I 85 53.76 -10.11 12.10
C SER I 85 54.23 -9.06 11.08
N LEU I 86 53.95 -7.78 11.33
CA LEU I 86 54.10 -6.69 10.34
C LEU I 86 55.55 -6.61 9.87
N THR I 87 55.78 -6.75 8.57
CA THR I 87 57.06 -6.42 7.89
C THR I 87 56.85 -5.11 7.13
N SER I 88 57.89 -4.58 6.46
CA SER I 88 57.77 -3.35 5.65
C SER I 88 56.99 -3.64 4.36
N GLU I 89 56.67 -4.92 4.09
CA GLU I 89 55.68 -5.36 3.04
C GLU I 89 54.31 -4.74 3.30
N ASP I 90 53.96 -4.60 4.58
CA ASP I 90 52.59 -4.23 5.03
C ASP I 90 52.47 -2.70 5.06
N SER I 91 53.55 -1.96 4.89
CA SER I 91 53.53 -0.49 4.73
C SER I 91 52.70 -0.16 3.49
N ALA I 92 51.58 0.52 3.69
CA ALA I 92 50.54 0.75 2.66
C ALA I 92 49.40 1.58 3.25
N VAL I 93 48.50 2.07 2.40
CA VAL I 93 47.22 2.65 2.86
C VAL I 93 46.17 1.57 2.76
N TYR I 94 45.36 1.39 3.80
CA TYR I 94 44.32 0.33 3.88
C TYR I 94 42.96 1.01 3.89
N PHE I 95 42.14 0.63 2.91
CA PHE I 95 40.77 1.14 2.72
C PHE I 95 39.77 0.05 3.14
N CYS I 96 38.73 0.43 3.88
CA CYS I 96 37.46 -0.32 3.95
C CYS I 96 36.50 0.30 2.92
N LYS I 97 35.65 -0.53 2.33
CA LYS I 97 34.72 -0.13 1.23
C LYS I 97 33.49 -1.02 1.39
N THR I 98 32.35 -0.55 0.87
CA THR I 98 31.02 -1.22 0.97
C THR I 98 30.74 -1.93 -0.34
N SER I 99 30.33 -3.22 -0.27
CA SER I 99 29.75 -3.99 -1.41
C SER I 99 30.81 -4.25 -2.49
N THR I 100 30.36 -4.61 -3.69
CA THR I 100 31.20 -4.92 -4.87
C THR I 100 31.15 -3.71 -5.81
N PHE I 101 29.98 -3.33 -6.32
CA PHE I 101 29.77 -2.12 -7.17
C PHE I 101 28.30 -1.65 -7.17
N PHE I 102 27.46 -2.13 -6.26
CA PHE I 102 26.03 -1.72 -6.14
C PHE I 102 25.94 -0.56 -5.14
N PHE I 103 26.67 -0.66 -4.03
CA PHE I 103 26.96 0.45 -3.08
C PHE I 103 28.44 0.81 -3.25
N ASP I 104 28.74 2.10 -3.39
CA ASP I 104 30.14 2.52 -3.64
C ASP I 104 30.49 3.65 -2.69
N TYR I 105 30.99 3.25 -1.53
CA TYR I 105 31.41 4.16 -0.45
C TYR I 105 32.72 3.60 0.08
N TRP I 106 33.74 4.44 0.17
CA TRP I 106 35.06 4.03 0.68
C TRP I 106 35.38 4.82 1.95
N GLY I 107 36.10 4.20 2.88
CA GLY I 107 36.83 4.94 3.93
C GLY I 107 37.89 5.87 3.33
N GLN I 108 38.31 6.88 4.10
CA GLN I 108 39.30 7.90 3.69
C GLN I 108 40.70 7.27 3.72
N GLY I 109 40.78 5.98 4.08
CA GLY I 109 42.05 5.23 4.11
C GLY I 109 42.75 5.37 5.44
N THR I 110 43.55 4.39 5.82
CA THR I 110 44.43 4.42 7.01
C THR I 110 45.82 4.02 6.57
N THR I 111 46.76 4.96 6.54
CA THR I 111 48.18 4.67 6.24
C THR I 111 48.77 3.86 7.40
N LEU I 112 49.51 2.81 7.10
CA LEU I 112 50.24 1.98 8.08
C LEU I 112 51.70 1.92 7.64
N THR I 113 52.59 2.60 8.37
CA THR I 113 54.03 2.71 8.05
C THR I 113 54.78 1.91 9.13
N VAL I 114 55.75 1.09 8.70
CA VAL I 114 56.44 0.05 9.52
C VAL I 114 57.96 0.30 9.45
N SER I 115 58.55 0.81 10.53
CA SER I 115 60.01 1.10 10.66
C SER I 115 60.54 0.54 11.98
N LEU J 2 15.10 32.98 -8.15
CA LEU J 2 13.98 34.01 -8.07
C LEU J 2 13.08 33.70 -6.86
N VAL J 3 12.88 34.67 -5.96
CA VAL J 3 12.18 34.53 -4.65
C VAL J 3 10.78 35.17 -4.71
N MET J 4 9.75 34.43 -4.30
CA MET J 4 8.36 34.93 -4.06
C MET J 4 8.15 35.12 -2.56
N THR J 5 7.83 36.33 -2.10
CA THR J 5 7.53 36.63 -0.70
C THR J 5 6.04 36.95 -0.57
N GLN J 6 5.32 36.23 0.28
CA GLN J 6 3.88 36.52 0.52
C GLN J 6 3.69 37.14 1.89
N SER J 7 2.64 37.92 2.06
CA SER J 7 2.29 38.48 3.38
C SER J 7 0.80 38.81 3.45
N PRO J 8 0.15 38.61 4.60
CA PRO J 8 0.81 38.05 5.78
C PRO J 8 0.94 36.53 5.71
N SER J 9 1.69 35.91 6.64
CA SER J 9 1.87 34.43 6.73
C SER J 9 0.50 33.81 6.91
N SER J 10 -0.26 34.42 7.79
CA SER J 10 -1.58 33.96 8.28
C SER J 10 -2.34 35.18 8.80
N LEU J 11 -3.66 35.09 8.77
CA LEU J 11 -4.55 36.12 9.36
C LEU J 11 -5.89 35.49 9.69
N THR J 12 -6.57 36.10 10.64
CA THR J 12 -7.86 35.61 11.17
C THR J 12 -8.89 36.70 10.96
N VAL J 13 -9.93 36.40 10.18
CA VAL J 13 -11.08 37.31 9.98
C VAL J 13 -12.33 36.62 10.52
N THR J 14 -13.38 37.42 10.61
CA THR J 14 -14.78 36.96 10.71
C THR J 14 -15.33 36.91 9.29
N ALA J 15 -16.12 35.88 8.98
CA ALA J 15 -16.84 35.77 7.71
C ALA J 15 -17.61 37.07 7.49
N GLY J 16 -17.53 37.65 6.30
CA GLY J 16 -18.20 38.90 5.95
C GLY J 16 -17.18 39.95 5.64
N GLU J 17 -16.06 39.95 6.36
CA GLU J 17 -15.01 41.00 6.28
C GLU J 17 -14.21 40.86 4.99
N LYS J 18 -13.69 41.98 4.50
CA LYS J 18 -12.84 42.04 3.30
C LYS J 18 -11.40 41.76 3.73
N VAL J 19 -10.61 41.16 2.85
CA VAL J 19 -9.24 40.70 3.20
C VAL J 19 -8.39 40.87 1.97
N THR J 20 -7.12 41.20 2.17
CA THR J 20 -6.14 41.43 1.08
C THR J 20 -4.85 40.73 1.46
N MET J 21 -4.23 40.02 0.52
CA MET J 21 -2.89 39.45 0.74
C MET J 21 -2.02 39.86 -0.43
N ILE J 22 -0.73 39.92 -0.18
CA ILE J 22 0.29 40.55 -1.07
C ILE J 22 1.22 39.42 -1.47
N CYS J 23 1.80 39.51 -2.67
CA CYS J 23 2.85 38.61 -3.21
C CYS J 23 3.86 39.48 -3.98
N LYS J 24 5.06 39.66 -3.42
CA LYS J 24 6.20 40.32 -4.09
C LYS J 24 7.06 39.24 -4.74
N SER J 25 7.72 39.56 -5.85
CA SER J 25 8.79 38.74 -6.47
C SER J 25 10.07 39.58 -6.56
N SER J 26 11.23 38.95 -6.44
CA SER J 26 12.55 39.61 -6.53
C SER J 26 12.73 40.17 -7.94
N GLN J 27 12.25 39.48 -8.97
CA GLN J 27 12.40 39.87 -10.40
C GLN J 27 11.02 40.06 -11.02
N SER J 28 10.86 41.00 -11.95
CA SER J 28 9.59 41.30 -12.65
C SER J 28 9.08 40.06 -13.38
N LEU J 29 7.76 39.83 -13.30
CA LEU J 29 7.04 38.70 -13.94
C LEU J 29 6.31 39.23 -15.18
N LEU J 30 6.43 40.53 -15.45
CA LEU J 30 5.91 41.17 -16.70
C LEU J 30 6.76 40.70 -17.89
N ASN J 31 6.12 40.05 -18.85
CA ASN J 31 6.70 39.67 -20.17
C ASN J 31 6.09 40.62 -21.20
N SER J 32 6.86 41.60 -21.71
CA SER J 32 6.41 42.63 -22.69
C SER J 32 6.24 42.00 -24.09
N GLY J 33 6.82 40.81 -24.31
CA GLY J 33 6.40 39.87 -25.37
C GLY J 33 4.91 39.96 -25.63
N ASP J 34 4.07 39.58 -24.67
CA ASP J 34 2.59 39.56 -24.79
C ASP J 34 1.94 40.51 -23.78
N GLN J 35 2.75 41.17 -22.95
CA GLN J 35 2.36 42.27 -22.02
C GLN J 35 1.54 41.72 -20.84
N LYS J 36 1.77 40.47 -20.42
CA LYS J 36 1.01 39.84 -19.30
C LYS J 36 1.98 39.57 -18.15
N ASN J 37 1.48 39.67 -16.92
CA ASN J 37 2.24 39.28 -15.71
C ASN J 37 1.98 37.77 -15.49
N TYR J 38 3.04 36.95 -15.52
CA TYR J 38 2.96 35.47 -15.40
C TYR J 38 2.97 35.09 -13.91
N LEU J 39 1.86 35.39 -13.24
CA LEU J 39 1.65 35.24 -11.78
C LEU J 39 0.32 34.50 -11.60
N THR J 40 0.34 33.39 -10.85
CA THR J 40 -0.82 32.47 -10.65
C THR J 40 -1.14 32.40 -9.16
N TRP J 41 -2.43 32.43 -8.80
CA TRP J 41 -2.90 32.25 -7.41
C TRP J 41 -3.57 30.89 -7.29
N TYR J 42 -3.26 30.16 -6.21
CA TYR J 42 -3.89 28.87 -5.84
C TYR J 42 -4.54 29.04 -4.47
N GLN J 43 -5.74 28.50 -4.35
CA GLN J 43 -6.46 28.26 -3.07
C GLN J 43 -6.19 26.82 -2.70
N GLN J 44 -5.68 26.53 -1.50
CA GLN J 44 -5.58 25.12 -1.06
C GLN J 44 -6.28 24.93 0.27
N LYS J 45 -7.41 24.24 0.28
CA LYS J 45 -8.14 23.90 1.52
C LYS J 45 -7.44 22.68 2.10
N PRO J 46 -7.58 22.41 3.42
CA PRO J 46 -6.86 21.30 4.04
C PRO J 46 -7.38 19.93 3.57
N GLY J 47 -6.45 18.99 3.43
CA GLY J 47 -6.73 17.62 2.97
C GLY J 47 -7.04 17.57 1.48
N GLN J 48 -6.68 18.63 0.76
CA GLN J 48 -7.10 18.80 -0.64
C GLN J 48 -5.95 19.34 -1.47
N PRO J 49 -5.96 19.06 -2.77
CA PRO J 49 -4.93 19.60 -3.65
C PRO J 49 -5.21 21.08 -3.86
N PRO J 50 -4.21 21.88 -4.29
CA PRO J 50 -4.47 23.26 -4.63
C PRO J 50 -5.49 23.33 -5.79
N LYS J 51 -6.10 24.49 -5.92
CA LYS J 51 -7.13 24.79 -6.94
C LYS J 51 -6.75 26.16 -7.52
N LEU J 52 -6.64 26.24 -8.84
CA LEU J 52 -6.38 27.50 -9.57
C LEU J 52 -7.51 28.51 -9.29
N LEU J 53 -7.11 29.74 -8.98
CA LEU J 53 -8.02 30.88 -8.67
C LEU J 53 -7.88 31.92 -9.77
N ILE J 54 -6.66 32.38 -9.97
CA ILE J 54 -6.30 33.49 -10.87
C ILE J 54 -5.06 33.06 -11.67
N PHE J 55 -5.02 33.43 -12.96
CA PHE J 55 -3.79 33.40 -13.80
C PHE J 55 -3.61 34.76 -14.47
N TRP J 56 -2.40 35.03 -14.97
CA TRP J 56 -2.02 36.35 -15.55
C TRP J 56 -2.41 37.45 -14.57
N ALA J 57 -2.11 37.25 -13.29
CA ALA J 57 -2.21 38.25 -12.20
C ALA J 57 -3.66 38.61 -11.83
N SER J 58 -4.60 38.60 -12.79
CA SER J 58 -5.90 39.28 -12.68
C SER J 58 -7.04 38.43 -13.22
N THR J 59 -6.78 37.49 -14.12
CA THR J 59 -7.82 36.73 -14.85
C THR J 59 -8.28 35.57 -13.96
N ARG J 60 -9.59 35.49 -13.76
CA ARG J 60 -10.24 34.59 -12.81
C ARG J 60 -10.57 33.30 -13.57
N GLU J 61 -10.17 32.13 -13.05
CA GLU J 61 -10.48 30.81 -13.65
C GLU J 61 -12.00 30.65 -13.67
N SER J 62 -12.54 29.84 -14.57
CA SER J 62 -14.01 29.60 -14.64
C SER J 62 -14.49 28.99 -13.32
N GLY J 63 -15.69 29.36 -12.85
CA GLY J 63 -16.30 28.79 -11.63
C GLY J 63 -15.94 29.57 -10.38
N VAL J 64 -14.87 30.36 -10.40
CA VAL J 64 -14.37 31.12 -9.20
C VAL J 64 -15.24 32.35 -9.00
N PRO J 65 -15.87 32.52 -7.81
CA PRO J 65 -16.75 33.65 -7.52
C PRO J 65 -16.18 35.04 -7.77
N ASP J 66 -17.06 36.04 -8.01
CA ASP J 66 -16.65 37.44 -8.30
C ASP J 66 -15.90 38.03 -7.11
N ARG J 67 -16.10 37.49 -5.89
CA ARG J 67 -15.53 38.09 -4.65
C ARG J 67 -13.99 37.99 -4.66
N PHE J 68 -13.42 37.05 -5.40
CA PHE J 68 -11.96 36.93 -5.63
C PHE J 68 -11.51 37.83 -6.78
N THR J 69 -10.59 38.76 -6.52
CA THR J 69 -10.02 39.69 -7.53
C THR J 69 -8.50 39.74 -7.38
N GLY J 70 -7.79 39.32 -8.43
CA GLY J 70 -6.33 39.52 -8.52
C GLY J 70 -5.98 40.86 -9.12
N SER J 71 -4.94 41.53 -8.64
CA SER J 71 -4.38 42.72 -9.30
C SER J 71 -2.85 42.76 -9.17
N GLY J 72 -2.26 43.91 -9.52
CA GLY J 72 -0.82 44.21 -9.49
C GLY J 72 -0.20 43.97 -10.85
N SER J 73 1.02 44.46 -11.04
CA SER J 73 1.92 44.10 -12.17
C SER J 73 3.38 44.29 -11.74
N GLY J 74 4.32 43.73 -12.51
CA GLY J 74 5.77 43.87 -12.27
C GLY J 74 6.23 42.91 -11.19
N THR J 75 6.45 43.41 -9.97
CA THR J 75 6.95 42.60 -8.83
C THR J 75 5.95 42.59 -7.67
N ASP J 76 4.85 43.35 -7.75
CA ASP J 76 3.97 43.60 -6.59
C ASP J 76 2.53 43.28 -7.00
N PHE J 77 1.97 42.20 -6.44
CA PHE J 77 0.64 41.63 -6.77
C PHE J 77 -0.21 41.49 -5.51
N THR J 78 -1.54 41.59 -5.64
CA THR J 78 -2.47 41.34 -4.52
C THR J 78 -3.59 40.40 -4.96
N LEU J 79 -4.06 39.60 -4.02
CA LEU J 79 -5.34 38.86 -4.09
C LEU J 79 -6.27 39.47 -3.05
N THR J 80 -7.52 39.73 -3.42
CA THR J 80 -8.52 40.36 -2.53
C THR J 80 -9.74 39.46 -2.48
N ILE J 81 -10.27 39.20 -1.28
CA ILE J 81 -11.60 38.54 -1.15
C ILE J 81 -12.51 39.63 -0.60
N SER J 82 -13.48 40.08 -1.39
CA SER J 82 -14.29 41.28 -1.06
C SER J 82 -15.11 40.96 0.20
N SER J 83 -15.59 39.73 0.33
CA SER J 83 -16.38 39.28 1.50
C SER J 83 -16.12 37.81 1.80
N VAL J 84 -15.29 37.52 2.82
CA VAL J 84 -14.81 36.15 3.15
C VAL J 84 -15.98 35.27 3.59
N GLN J 85 -16.08 34.08 3.02
CA GLN J 85 -17.15 33.08 3.32
C GLN J 85 -16.48 31.88 4.02
N ALA J 86 -17.25 31.12 4.81
CA ALA J 86 -16.79 29.88 5.49
C ALA J 86 -16.06 28.98 4.52
N GLU J 87 -16.51 28.94 3.25
CA GLU J 87 -15.94 28.02 2.24
C GLU J 87 -14.59 28.54 1.76
N ASP J 88 -14.12 29.70 2.22
CA ASP J 88 -12.85 30.31 1.73
C ASP J 88 -11.70 29.97 2.67
N LEU J 89 -11.99 29.29 3.80
CA LEU J 89 -10.93 28.86 4.74
C LEU J 89 -9.97 27.97 3.96
N ALA J 90 -8.73 28.41 3.81
CA ALA J 90 -7.72 27.82 2.90
C ALA J 90 -6.36 28.49 3.11
N VAL J 91 -5.32 27.95 2.50
CA VAL J 91 -4.05 28.70 2.31
C VAL J 91 -3.97 29.17 0.87
N TYR J 92 -3.65 30.44 0.64
CA TYR J 92 -3.56 31.05 -0.70
C TYR J 92 -2.08 31.20 -1.07
N TYR J 93 -1.70 30.57 -2.17
CA TYR J 93 -0.31 30.54 -2.72
C TYR J 93 -0.25 31.32 -4.02
N CYS J 94 0.78 32.13 -4.21
CA CYS J 94 1.12 32.70 -5.54
C CYS J 94 2.29 31.89 -6.13
N GLN J 95 2.27 31.66 -7.44
CA GLN J 95 3.32 30.90 -8.16
C GLN J 95 3.87 31.77 -9.28
N ASN J 96 5.19 31.78 -9.41
CA ASN J 96 5.94 32.40 -10.54
C ASN J 96 5.80 31.47 -11.75
N ASP J 97 5.07 31.90 -12.78
CA ASP J 97 4.87 31.09 -14.01
C ASP J 97 5.67 31.71 -15.17
N TYR J 98 6.70 32.50 -14.84
CA TYR J 98 7.50 33.32 -15.80
C TYR J 98 8.77 32.58 -16.25
N SER J 99 9.57 32.11 -15.30
CA SER J 99 10.85 31.39 -15.56
C SER J 99 10.97 30.20 -14.63
N TYR J 100 11.75 29.18 -15.03
CA TYR J 100 12.22 28.06 -14.19
C TYR J 100 13.11 28.62 -13.09
N PRO J 101 13.15 28.01 -11.87
CA PRO J 101 12.13 27.05 -11.43
C PRO J 101 10.81 27.78 -11.13
N LEU J 102 9.68 27.09 -11.17
CA LEU J 102 8.35 27.73 -11.00
C LEU J 102 8.04 27.88 -9.50
N THR J 103 8.68 28.84 -8.84
CA THR J 103 8.65 28.96 -7.36
C THR J 103 7.26 29.43 -6.89
N PHE J 104 6.84 28.93 -5.73
CA PHE J 104 5.64 29.37 -4.99
C PHE J 104 6.05 30.29 -3.83
N GLY J 105 5.13 31.15 -3.40
CA GLY J 105 5.19 31.84 -2.10
C GLY J 105 5.01 30.88 -0.96
N ALA J 106 5.34 31.31 0.25
CA ALA J 106 5.17 30.51 1.48
C ALA J 106 3.69 30.46 1.85
N GLY J 107 2.86 31.25 1.17
CA GLY J 107 1.40 31.22 1.32
C GLY J 107 0.90 32.12 2.44
N THR J 108 -0.31 32.67 2.25
CA THR J 108 -1.14 33.32 3.29
C THR J 108 -2.23 32.35 3.75
N LYS J 109 -2.25 31.98 5.02
CA LYS J 109 -3.28 31.11 5.60
C LYS J 109 -4.44 31.95 6.12
N LEU J 110 -5.63 31.80 5.55
CA LEU J 110 -6.88 32.42 6.06
C LEU J 110 -7.52 31.50 7.11
N GLU J 111 -7.79 31.99 8.31
CA GLU J 111 -8.57 31.27 9.35
C GLU J 111 -9.77 32.13 9.74
N LEU J 112 -10.76 31.56 10.42
CA LEU J 112 -12.04 32.25 10.73
C LEU J 112 -12.28 32.27 12.25
N LYS J 113 -13.11 33.19 12.73
CA LYS J 113 -13.44 33.35 14.17
C LYS J 113 -14.73 32.62 14.48
N GLN K 1 -14.85 12.94 -17.47
CA GLN K 1 -14.07 14.02 -16.84
C GLN K 1 -12.65 13.53 -16.53
N VAL K 2 -11.74 14.48 -16.33
CA VAL K 2 -10.29 14.20 -16.11
C VAL K 2 -10.10 13.70 -14.68
N GLN K 3 -9.24 12.71 -14.50
CA GLN K 3 -8.87 12.09 -13.19
C GLN K 3 -7.35 11.93 -13.17
N LEU K 4 -6.70 12.15 -12.03
CA LEU K 4 -5.30 11.74 -11.75
C LEU K 4 -5.31 10.90 -10.48
N GLN K 5 -5.19 9.57 -10.56
CA GLN K 5 -5.07 8.70 -9.36
C GLN K 5 -3.60 8.58 -8.99
N GLN K 6 -3.23 9.04 -7.80
CA GLN K 6 -1.86 8.86 -7.26
C GLN K 6 -1.82 7.58 -6.42
N SER K 7 -0.62 7.01 -6.30
CA SER K 7 -0.35 5.82 -5.46
C SER K 7 -0.68 6.12 -4.00
N ASP K 8 -0.91 5.07 -3.21
CA ASP K 8 -1.29 5.16 -1.78
C ASP K 8 -0.11 5.73 -0.98
N ALA K 9 -0.39 6.13 0.27
CA ALA K 9 0.57 6.72 1.22
C ALA K 9 1.67 5.71 1.55
N GLU K 10 2.89 6.19 1.79
CA GLU K 10 4.10 5.35 1.94
C GLU K 10 4.80 5.73 3.25
N LEU K 11 5.02 4.75 4.14
CA LEU K 11 5.74 4.89 5.45
C LEU K 11 7.06 4.12 5.31
N VAL K 12 8.21 4.76 5.52
CA VAL K 12 9.47 4.29 4.87
C VAL K 12 10.70 4.72 5.70
N LYS K 13 11.71 3.83 5.74
CA LYS K 13 12.94 3.93 6.59
C LYS K 13 13.93 4.83 5.86
N PRO K 14 14.68 5.71 6.57
CA PRO K 14 15.64 6.62 5.92
C PRO K 14 16.64 5.92 4.98
N GLY K 15 17.28 6.70 4.09
CA GLY K 15 18.26 6.22 3.08
C GLY K 15 17.61 5.32 2.04
N SER K 16 16.34 4.96 2.26
CA SER K 16 15.46 4.19 1.34
C SER K 16 15.14 5.00 0.08
N SER K 17 14.44 4.38 -0.87
CA SER K 17 14.03 4.96 -2.19
C SER K 17 12.57 4.60 -2.46
N VAL K 18 11.76 5.53 -2.94
CA VAL K 18 10.30 5.29 -3.16
C VAL K 18 9.91 5.81 -4.55
N LYS K 19 8.87 5.22 -5.15
CA LYS K 19 8.35 5.54 -6.51
C LYS K 19 6.84 5.81 -6.46
N ILE K 20 6.44 7.07 -6.39
CA ILE K 20 5.03 7.57 -6.52
C ILE K 20 4.59 7.39 -7.96
N SER K 21 3.34 6.97 -8.17
CA SER K 21 2.68 6.88 -9.50
C SER K 21 1.54 7.88 -9.59
N CYS K 22 1.14 8.24 -10.81
CA CYS K 22 0.06 9.21 -11.14
C CYS K 22 -0.61 8.76 -12.45
N LYS K 23 -1.73 8.08 -12.36
CA LYS K 23 -2.42 7.39 -13.49
C LYS K 23 -3.46 8.36 -14.05
N ALA K 24 -3.27 8.83 -15.28
CA ALA K 24 -4.13 9.88 -15.90
C ALA K 24 -5.20 9.24 -16.79
N SER K 25 -6.32 9.96 -16.96
CA SER K 25 -7.49 9.51 -17.75
C SER K 25 -8.45 10.68 -17.99
N GLY K 26 -9.17 10.65 -19.12
CA GLY K 26 -10.23 11.62 -19.47
C GLY K 26 -9.71 12.72 -20.37
N TYR K 27 -8.49 12.55 -20.88
CA TYR K 27 -7.75 13.53 -21.72
C TYR K 27 -6.61 12.76 -22.40
N THR K 28 -6.14 13.17 -23.57
CA THR K 28 -4.98 12.55 -24.26
C THR K 28 -3.71 12.85 -23.46
N PHE K 29 -3.03 11.81 -22.98
CA PHE K 29 -1.91 11.88 -22.01
C PHE K 29 -0.82 12.86 -22.45
N THR K 30 -0.51 12.95 -23.74
CA THR K 30 0.62 13.76 -24.30
C THR K 30 0.33 15.28 -24.28
N ASP K 31 -0.93 15.69 -24.17
CA ASP K 31 -1.41 17.07 -23.88
C ASP K 31 -1.26 17.18 -22.35
N ALA K 33 1.71 18.20 -20.04
CA ALA K 33 2.88 18.00 -19.15
C ALA K 33 2.40 17.74 -17.72
N ILE K 34 2.95 16.70 -17.10
CA ILE K 34 2.74 16.36 -15.67
C ILE K 34 3.79 17.11 -14.86
N HIS K 35 3.36 18.00 -13.94
CA HIS K 35 4.22 18.66 -12.94
C HIS K 35 4.10 17.93 -11.60
N TRP K 36 5.14 17.95 -10.77
CA TRP K 36 5.12 17.39 -9.40
C TRP K 36 5.39 18.50 -8.39
N VAL K 37 4.66 18.48 -7.28
CA VAL K 37 4.72 19.55 -6.25
C VAL K 37 4.85 18.88 -4.88
N LYS K 38 5.81 19.32 -4.07
CA LYS K 38 6.03 18.88 -2.67
C LYS K 38 5.30 19.85 -1.76
N GLN K 39 4.42 19.35 -0.91
CA GLN K 39 3.76 20.17 0.14
C GLN K 39 4.44 19.82 1.45
N LYS K 40 5.23 20.75 1.98
CA LYS K 40 5.90 20.67 3.31
C LYS K 40 4.82 20.56 4.37
N PRO K 41 4.98 19.70 5.41
CA PRO K 41 3.86 19.30 6.24
C PRO K 41 3.18 20.52 6.90
N GLU K 42 3.98 21.49 7.36
CA GLU K 42 3.35 22.61 8.11
C GLU K 42 2.66 23.56 7.13
N GLN K 43 3.36 24.10 6.11
CA GLN K 43 2.84 25.04 5.06
C GLN K 43 3.98 25.30 4.06
N GLY K 44 3.70 25.34 2.76
CA GLY K 44 4.67 25.63 1.70
C GLY K 44 4.55 24.63 0.56
N LEU K 45 4.61 25.11 -0.68
CA LEU K 45 4.68 24.23 -1.88
C LEU K 45 6.04 24.45 -2.54
N GLU K 46 6.68 23.38 -2.98
CA GLU K 46 7.93 23.41 -3.77
C GLU K 46 7.64 22.71 -5.10
N TRP K 47 7.92 23.38 -6.21
CA TRP K 47 7.85 22.78 -7.57
C TRP K 47 9.07 21.85 -7.76
N ILE K 48 8.84 20.56 -7.99
CA ILE K 48 9.93 19.55 -8.14
C ILE K 48 10.43 19.58 -9.58
N GLY K 49 9.50 19.52 -10.55
CA GLY K 49 9.81 19.46 -11.99
C GLY K 49 8.59 19.10 -12.79
N HIS K 50 8.75 18.90 -14.09
CA HIS K 50 7.66 18.46 -14.99
C HIS K 50 8.20 17.48 -16.03
N TYR K 60 13.38 19.96 -14.22
CA TYR K 60 13.81 19.68 -12.83
C TYR K 60 14.19 20.98 -12.09
N ASN K 61 13.72 21.13 -10.86
CA ASN K 61 14.16 22.22 -9.96
C ASN K 61 15.59 21.85 -9.50
N ASP K 62 16.56 22.79 -9.60
CA ASP K 62 17.96 22.58 -9.13
C ASP K 62 17.96 21.90 -7.75
N LYS K 63 17.16 22.43 -6.81
CA LYS K 63 17.05 21.88 -5.43
C LYS K 63 16.92 20.34 -5.50
N PHE K 64 16.20 19.79 -6.48
CA PHE K 64 15.80 18.37 -6.50
C PHE K 64 16.64 17.56 -7.50
N LYS K 65 17.58 18.18 -8.21
CA LYS K 65 18.27 17.58 -9.39
C LYS K 65 18.69 16.12 -9.21
N GLY K 66 19.25 15.70 -8.07
CA GLY K 66 19.73 14.32 -7.85
C GLY K 66 18.74 13.46 -7.08
N LYS K 67 17.81 14.12 -6.41
CA LYS K 67 16.90 13.51 -5.41
C LYS K 67 15.73 12.86 -6.13
N ALA K 68 15.10 13.62 -7.03
CA ALA K 68 13.90 13.23 -7.81
C ALA K 68 14.31 12.84 -9.22
N THR K 69 13.65 11.82 -9.76
CA THR K 69 13.78 11.40 -11.17
C THR K 69 12.36 11.10 -11.68
N LEU K 70 11.94 11.72 -12.78
CA LEU K 70 10.59 11.60 -13.38
C LEU K 70 10.62 10.67 -14.61
N THR K 71 10.00 9.49 -14.50
CA THR K 71 9.75 8.52 -15.61
C THR K 71 8.34 8.75 -16.14
N VAL K 72 7.90 7.93 -17.11
CA VAL K 72 6.52 7.88 -17.68
C VAL K 72 6.31 6.50 -18.34
N ASP K 73 5.09 5.98 -18.37
CA ASP K 73 4.69 4.77 -19.15
C ASP K 73 3.46 5.14 -20.00
N ARG K 74 3.68 5.41 -21.30
CA ARG K 74 2.69 6.01 -22.22
C ARG K 74 1.56 5.01 -22.49
N SER K 75 1.90 3.72 -22.56
CA SER K 75 0.96 2.61 -22.86
C SER K 75 -0.15 2.55 -21.80
N SER K 76 0.06 3.10 -20.59
CA SER K 76 -0.93 3.07 -19.49
C SER K 76 -1.27 4.47 -18.96
N SER K 77 -0.77 5.54 -19.59
CA SER K 77 -1.05 6.97 -19.23
C SER K 77 -0.70 7.21 -17.75
N THR K 78 0.54 6.92 -17.38
CA THR K 78 1.02 6.98 -15.98
C THR K 78 2.35 7.74 -15.91
N ALA K 79 2.42 8.77 -15.06
CA ALA K 79 3.67 9.47 -14.70
C ALA K 79 4.18 8.88 -13.39
N TYR K 80 5.49 8.76 -13.27
CA TYR K 80 6.17 8.31 -12.04
C TYR K 80 7.14 9.41 -11.62
N MET K 81 7.37 9.46 -10.31
CA MET K 81 8.47 10.18 -9.66
C MET K 81 9.14 9.21 -8.68
N GLN K 82 10.45 9.12 -8.73
CA GLN K 82 11.26 8.31 -7.79
C GLN K 82 12.10 9.27 -6.96
N LEU K 83 12.09 9.06 -5.63
CA LEU K 83 12.87 9.84 -4.65
C LEU K 83 13.90 8.89 -4.02
N ASN K 84 15.17 9.33 -3.96
CA ASN K 84 16.34 8.51 -3.53
C ASN K 84 16.89 9.11 -2.23
N SER K 85 17.56 8.29 -1.40
CA SER K 85 18.35 8.74 -0.23
C SER K 85 17.46 9.45 0.79
N LEU K 86 16.26 8.93 1.02
CA LEU K 86 15.19 9.64 1.76
C LEU K 86 15.67 9.97 3.19
N THR K 87 15.65 11.24 3.55
CA THR K 87 15.78 11.74 4.95
C THR K 87 14.38 12.19 5.41
N SER K 88 14.25 12.64 6.66
CA SER K 88 12.98 13.16 7.19
C SER K 88 12.66 14.53 6.56
N GLU K 89 13.58 15.09 5.77
CA GLU K 89 13.37 16.28 4.91
C GLU K 89 12.27 15.98 3.89
N ASP K 90 12.23 14.73 3.42
CA ASP K 90 11.38 14.30 2.28
C ASP K 90 9.99 13.89 2.77
N SER K 91 9.76 13.85 4.09
CA SER K 91 8.41 13.70 4.69
C SER K 91 7.54 14.86 4.23
N ALA K 92 6.50 14.58 3.46
CA ALA K 92 5.64 15.58 2.80
C ALA K 92 4.48 14.88 2.08
N VAL K 93 3.51 15.64 1.60
CA VAL K 93 2.52 15.13 0.61
C VAL K 93 3.01 15.54 -0.78
N TYR K 94 3.00 14.60 -1.74
CA TYR K 94 3.50 14.83 -3.12
C TYR K 94 2.32 14.75 -4.08
N PHE K 95 2.12 15.84 -4.82
CA PHE K 95 1.05 15.99 -5.82
C PHE K 95 1.64 15.90 -7.23
N CYS K 96 0.98 15.17 -8.14
CA CYS K 96 1.09 15.36 -9.60
C CYS K 96 -0.05 16.27 -10.06
N LYS K 97 0.22 17.10 -11.07
CA LYS K 97 -0.72 18.11 -11.58
C LYS K 97 -0.45 18.26 -13.07
N THR K 98 -1.46 18.71 -13.83
CA THR K 98 -1.44 18.85 -15.31
C THR K 98 -1.17 20.33 -15.65
N SER K 99 -0.20 20.61 -16.54
CA SER K 99 0.01 21.95 -17.15
C SER K 99 0.56 22.96 -16.13
N ASP K 104 -6.08 22.44 -15.33
CA ASP K 104 -5.87 22.51 -13.86
C ASP K 104 -6.56 21.30 -13.22
N TYR K 105 -5.80 20.23 -13.13
CA TYR K 105 -6.22 18.96 -12.51
C TYR K 105 -5.07 18.51 -11.64
N TRP K 106 -5.36 18.17 -10.39
CA TRP K 106 -4.34 17.66 -9.44
C TRP K 106 -4.69 16.24 -9.02
N GLY K 107 -3.67 15.42 -8.77
CA GLY K 107 -3.81 14.18 -7.98
C GLY K 107 -4.28 14.48 -6.55
N GLN K 108 -4.83 13.48 -5.87
CA GLN K 108 -5.37 13.59 -4.48
C GLN K 108 -4.19 13.61 -3.50
N GLY K 109 -2.96 13.54 -4.02
CA GLY K 109 -1.74 13.61 -3.21
C GLY K 109 -1.32 12.24 -2.73
N THR K 110 -0.03 12.06 -2.47
CA THR K 110 0.57 10.85 -1.86
C THR K 110 1.42 11.29 -0.67
N THR K 111 0.99 11.00 0.56
CA THR K 111 1.80 11.31 1.76
C THR K 111 2.99 10.34 1.79
N LEU K 112 4.17 10.85 2.09
CA LEU K 112 5.41 10.05 2.26
C LEU K 112 6.01 10.40 3.62
N THR K 113 5.94 9.48 4.57
CA THR K 113 6.39 9.69 5.98
C THR K 113 7.62 8.80 6.20
N VAL K 114 8.69 9.36 6.76
CA VAL K 114 10.07 8.78 6.83
C VAL K 114 10.52 8.72 8.30
N SER K 115 10.54 7.52 8.90
CA SER K 115 10.96 7.24 10.31
C SER K 115 11.93 6.04 10.30
N LEU L 2 -37.96 -4.80 -21.72
CA LEU L 2 -36.75 -3.89 -21.73
C LEU L 2 -35.53 -4.66 -22.22
N VAL L 3 -34.86 -4.18 -23.29
CA VAL L 3 -33.76 -4.86 -24.03
C VAL L 3 -32.42 -4.17 -23.71
N MET L 4 -31.40 -4.95 -23.32
CA MET L 4 -29.97 -4.52 -23.18
C MET L 4 -29.18 -4.99 -24.40
N THR L 5 -28.53 -4.08 -25.11
CA THR L 5 -27.70 -4.36 -26.31
C THR L 5 -26.25 -4.11 -25.94
N GLN L 6 -25.37 -5.10 -26.07
CA GLN L 6 -23.94 -4.92 -25.76
C GLN L 6 -23.13 -4.90 -27.06
N SER L 7 -21.99 -4.23 -27.05
CA SER L 7 -21.43 -3.59 -28.26
C SER L 7 -20.49 -4.58 -28.84
N PRO L 8 -19.15 -4.61 -28.69
CA PRO L 8 -18.46 -5.67 -29.42
C PRO L 8 -19.05 -6.94 -28.78
N SER L 9 -19.62 -7.87 -29.58
CA SER L 9 -20.05 -9.23 -29.14
C SER L 9 -18.85 -9.93 -28.55
N SER L 10 -17.72 -9.76 -29.26
CA SER L 10 -16.38 -10.24 -28.90
C SER L 10 -15.35 -9.25 -29.43
N LEU L 11 -14.17 -9.23 -28.83
CA LEU L 11 -13.01 -8.46 -29.35
C LEU L 11 -11.73 -9.09 -28.83
N THR L 12 -10.64 -8.86 -29.55
CA THR L 12 -9.31 -9.44 -29.29
C THR L 12 -8.33 -8.31 -29.13
N VAL L 13 -7.67 -8.22 -27.99
CA VAL L 13 -6.53 -7.26 -27.77
C VAL L 13 -5.27 -8.07 -27.50
N THR L 14 -4.15 -7.36 -27.45
CA THR L 14 -2.90 -7.78 -26.78
C THR L 14 -2.92 -7.24 -25.36
N ALA L 15 -2.50 -8.03 -24.38
CA ALA L 15 -2.38 -7.60 -22.98
C ALA L 15 -1.55 -6.31 -22.97
N GLY L 16 -2.01 -5.30 -22.26
CA GLY L 16 -1.34 -3.99 -22.15
C GLY L 16 -2.23 -2.92 -22.75
N GLU L 17 -2.95 -3.27 -23.80
CA GLU L 17 -3.79 -2.33 -24.59
C GLU L 17 -5.06 -1.99 -23.83
N LYS L 18 -5.59 -0.80 -24.08
CA LYS L 18 -6.84 -0.28 -23.49
C LYS L 18 -8.01 -0.80 -24.32
N VAL L 19 -9.14 -1.00 -23.67
CA VAL L 19 -10.31 -1.64 -24.33
C VAL L 19 -11.55 -0.98 -23.76
N THR L 20 -12.58 -0.84 -24.59
CA THR L 20 -13.88 -0.22 -24.23
C THR L 20 -14.99 -1.09 -24.77
N MET L 21 -16.02 -1.33 -23.97
CA MET L 21 -17.23 -2.02 -24.45
C MET L 21 -18.44 -1.16 -24.05
N ILE L 22 -19.51 -1.28 -24.82
CA ILE L 22 -20.69 -0.40 -24.73
C ILE L 22 -21.85 -1.28 -24.31
N CYS L 23 -22.81 -0.69 -23.62
CA CYS L 23 -24.12 -1.29 -23.23
C CYS L 23 -25.19 -0.22 -23.43
N LYS L 24 -26.04 -0.38 -24.46
CA LYS L 24 -27.26 0.45 -24.68
C LYS L 24 -28.45 -0.27 -24.03
N SER L 25 -29.46 0.48 -23.58
CA SER L 25 -30.78 -0.06 -23.14
C SER L 25 -31.89 0.64 -23.91
N SER L 26 -32.99 -0.05 -24.16
CA SER L 26 -34.15 0.48 -24.92
C SER L 26 -34.79 1.62 -24.15
N GLN L 27 -34.84 1.52 -22.82
CA GLN L 27 -35.47 2.51 -21.91
C GLN L 27 -34.40 2.98 -20.93
N SER L 28 -34.47 4.24 -20.50
CA SER L 28 -33.51 4.87 -19.53
C SER L 28 -33.49 4.07 -18.23
N LEU L 29 -32.30 3.88 -17.67
CA LEU L 29 -32.03 3.20 -16.38
C LEU L 29 -31.74 4.25 -15.33
N LEU L 30 -31.78 5.53 -15.71
CA LEU L 30 -31.75 6.67 -14.76
C LEU L 30 -33.07 6.70 -13.97
N ASN L 31 -32.94 6.58 -12.66
CA ASN L 31 -34.03 6.74 -11.67
C ASN L 31 -33.82 8.10 -10.99
N SER L 32 -34.63 9.12 -11.30
CA SER L 32 -34.50 10.50 -10.75
C SER L 32 -34.96 10.54 -9.28
N GLY L 33 -35.69 9.50 -8.83
CA GLY L 33 -35.82 9.13 -7.41
C GLY L 33 -34.56 9.46 -6.64
N ASP L 34 -33.43 8.79 -6.94
CA ASP L 34 -32.13 8.98 -6.26
C ASP L 34 -31.04 9.47 -7.24
N GLN L 35 -31.38 9.64 -8.51
CA GLN L 35 -30.54 10.22 -9.60
C GLN L 35 -29.37 9.28 -9.94
N LYS L 36 -29.54 7.97 -9.84
CA LYS L 36 -28.47 6.97 -10.15
C LYS L 36 -28.92 6.13 -11.33
N ASN L 37 -27.96 5.71 -12.15
CA ASN L 37 -28.20 4.79 -13.28
C ASN L 37 -28.07 3.36 -12.72
N TYR L 38 -29.16 2.57 -12.79
CA TYR L 38 -29.23 1.20 -12.22
C TYR L 38 -28.73 0.20 -13.26
N LEU L 39 -27.42 0.25 -13.46
CA LEU L 39 -26.67 -0.50 -14.49
C LEU L 39 -25.49 -1.16 -13.78
N THR L 40 -25.38 -2.49 -13.90
CA THR L 40 -24.39 -3.35 -13.20
C THR L 40 -23.55 -4.08 -14.24
N TRP L 41 -22.23 -4.14 -14.04
CA TRP L 41 -21.30 -4.92 -14.89
C TRP L 41 -20.84 -6.16 -14.12
N TYR L 42 -20.86 -7.31 -14.79
CA TYR L 42 -20.34 -8.59 -14.30
C TYR L 42 -19.19 -9.04 -15.23
N GLN L 43 -18.14 -9.53 -14.64
CA GLN L 43 -17.04 -10.26 -15.30
C GLN L 43 -17.34 -11.73 -15.07
N GLN L 44 -17.37 -12.56 -16.12
CA GLN L 44 -17.47 -14.01 -15.90
C GLN L 44 -16.33 -14.73 -16.60
N LYS L 45 -15.41 -15.29 -15.83
CA LYS L 45 -14.32 -16.12 -16.43
C LYS L 45 -14.90 -17.51 -16.58
N PRO L 46 -14.38 -18.34 -17.52
CA PRO L 46 -15.07 -19.59 -17.89
C PRO L 46 -14.93 -20.63 -16.77
N GLY L 47 -15.98 -21.44 -16.63
CA GLY L 47 -16.10 -22.49 -15.59
C GLY L 47 -16.33 -21.89 -14.22
N GLN L 48 -16.75 -20.63 -14.17
CA GLN L 48 -16.84 -19.84 -12.93
C GLN L 48 -18.12 -19.03 -12.95
N PRO L 49 -18.65 -18.68 -11.78
CA PRO L 49 -19.83 -17.87 -11.71
C PRO L 49 -19.46 -16.43 -12.06
N PRO L 50 -20.44 -15.58 -12.43
CA PRO L 50 -20.15 -14.18 -12.66
C PRO L 50 -19.63 -13.56 -11.36
N LYS L 51 -18.97 -12.40 -11.49
CA LYS L 51 -18.37 -11.64 -10.38
C LYS L 51 -18.71 -10.18 -10.64
N LEU L 52 -19.26 -9.50 -9.64
CA LEU L 52 -19.58 -8.06 -9.70
C LEU L 52 -18.30 -7.24 -9.93
N LEU L 53 -18.37 -6.29 -10.85
CA LEU L 53 -17.28 -5.36 -11.21
C LEU L 53 -17.69 -3.94 -10.81
N ILE L 54 -18.83 -3.49 -11.32
CA ILE L 54 -19.32 -2.10 -11.20
C ILE L 54 -20.81 -2.18 -10.91
N PHE L 55 -21.32 -1.28 -10.07
CA PHE L 55 -22.77 -1.02 -9.89
C PHE L 55 -23.00 0.49 -9.96
N TRP L 56 -24.25 0.90 -10.16
CA TRP L 56 -24.63 2.33 -10.38
C TRP L 56 -23.73 2.92 -11.46
N ALA L 57 -23.55 2.19 -12.55
CA ALA L 57 -22.88 2.62 -13.80
C ALA L 57 -21.36 2.81 -13.63
N SER L 58 -20.88 3.24 -12.47
CA SER L 58 -19.55 3.86 -12.28
C SER L 58 -18.86 3.40 -11.00
N THR L 59 -19.60 2.93 -10.00
CA THR L 59 -19.03 2.60 -8.67
C THR L 59 -18.47 1.19 -8.71
N ARG L 60 -17.23 1.04 -8.28
CA ARG L 60 -16.43 -0.18 -8.38
C ARG L 60 -16.64 -1.03 -7.12
N GLU L 61 -16.96 -2.30 -7.26
CA GLU L 61 -17.10 -3.26 -6.13
C GLU L 61 -15.75 -3.35 -5.42
N SER L 62 -15.75 -3.66 -4.12
CA SER L 62 -14.50 -3.87 -3.34
C SER L 62 -13.65 -4.97 -3.98
N GLY L 63 -12.33 -4.85 -4.00
CA GLY L 63 -11.40 -5.87 -4.53
C GLY L 63 -11.09 -5.66 -6.02
N VAL L 64 -11.93 -4.92 -6.75
CA VAL L 64 -11.78 -4.74 -8.22
C VAL L 64 -10.70 -3.69 -8.49
N PRO L 65 -9.65 -4.02 -9.28
CA PRO L 65 -8.60 -3.08 -9.67
C PRO L 65 -9.05 -1.73 -10.24
N ASP L 66 -8.21 -0.70 -10.12
CA ASP L 66 -8.55 0.68 -10.58
C ASP L 66 -8.63 0.69 -12.10
N ARG L 67 -8.06 -0.30 -12.80
CA ARG L 67 -8.01 -0.33 -14.28
C ARG L 67 -9.43 -0.48 -14.87
N PHE L 68 -10.37 -1.05 -14.12
CA PHE L 68 -11.82 -1.12 -14.48
C PHE L 68 -12.54 0.17 -14.10
N THR L 69 -13.14 0.85 -15.06
CA THR L 69 -13.92 2.12 -14.85
C THR L 69 -15.23 2.03 -15.64
N GLY L 70 -16.34 2.19 -14.96
CA GLY L 70 -17.65 2.37 -15.62
C GLY L 70 -17.97 3.82 -15.86
N SER L 71 -18.64 4.14 -16.95
CA SER L 71 -19.27 5.48 -17.15
C SER L 71 -20.61 5.36 -17.89
N GLY L 72 -21.14 6.52 -18.31
CA GLY L 72 -22.38 6.69 -19.08
C GLY L 72 -23.54 7.04 -18.15
N SER L 73 -24.65 7.49 -18.72
CA SER L 73 -25.96 7.61 -18.03
C SER L 73 -27.10 7.52 -19.05
N GLY L 74 -28.33 7.28 -18.57
CA GLY L 74 -29.54 7.20 -19.38
C GLY L 74 -29.67 5.84 -20.03
N THR L 75 -29.35 5.75 -21.32
CA THR L 75 -29.46 4.50 -22.11
C THR L 75 -28.09 4.05 -22.62
N ASP L 76 -27.02 4.82 -22.43
CA ASP L 76 -25.72 4.62 -23.12
C ASP L 76 -24.61 4.58 -22.07
N PHE L 77 -24.02 3.39 -21.85
CA PHE L 77 -23.02 3.10 -20.79
C PHE L 77 -21.78 2.46 -21.38
N THR L 78 -20.62 2.69 -20.78
CA THR L 78 -19.36 2.01 -21.18
C THR L 78 -18.66 1.43 -19.97
N LEU L 79 -17.94 0.33 -20.20
CA LEU L 79 -16.93 -0.26 -19.30
C LEU L 79 -15.60 -0.11 -20.02
N THR L 80 -14.58 0.34 -19.29
CA THR L 80 -13.23 0.56 -19.85
C THR L 80 -12.23 -0.24 -19.01
N ILE L 81 -11.34 -0.98 -19.65
CA ILE L 81 -10.17 -1.58 -18.96
C ILE L 81 -8.97 -0.81 -19.47
N SER L 82 -8.33 -0.02 -18.61
CA SER L 82 -7.30 0.95 -19.03
C SER L 82 -6.11 0.16 -19.60
N SER L 83 -5.80 -0.98 -19.01
CA SER L 83 -4.67 -1.85 -19.45
C SER L 83 -5.00 -3.33 -19.22
N VAL L 84 -5.41 -4.04 -20.25
CA VAL L 84 -5.93 -5.44 -20.18
C VAL L 84 -4.81 -6.38 -19.74
N GLN L 85 -5.09 -7.22 -18.73
CA GLN L 85 -4.16 -8.22 -18.17
C GLN L 85 -4.67 -9.61 -18.50
N ALA L 86 -3.79 -10.62 -18.53
CA ALA L 86 -4.15 -12.04 -18.81
C ALA L 86 -5.32 -12.48 -17.93
N GLU L 87 -5.40 -11.98 -16.70
CA GLU L 87 -6.43 -12.36 -15.73
C GLU L 87 -7.77 -11.69 -16.09
N ASP L 88 -7.83 -10.87 -17.13
CA ASP L 88 -9.08 -10.15 -17.52
C ASP L 88 -9.80 -10.90 -18.63
N LEU L 89 -9.23 -11.98 -19.14
CA LEU L 89 -9.89 -12.84 -20.15
C LEU L 89 -11.17 -13.38 -19.49
N ALA L 90 -12.31 -13.00 -20.04
CA ALA L 90 -13.64 -13.21 -19.42
C ALA L 90 -14.71 -12.79 -20.42
N VAL L 91 -15.98 -13.07 -20.09
CA VAL L 91 -17.12 -12.41 -20.77
C VAL L 91 -17.67 -11.33 -19.83
N TYR L 92 -17.88 -10.13 -20.33
CA TYR L 92 -18.38 -8.98 -19.54
C TYR L 92 -19.86 -8.80 -19.89
N TYR L 93 -20.70 -8.85 -18.88
CA TYR L 93 -22.18 -8.68 -18.97
C TYR L 93 -22.56 -7.39 -18.29
N CYS L 94 -23.47 -6.63 -18.90
CA CYS L 94 -24.22 -5.56 -18.21
C CYS L 94 -25.61 -6.12 -17.86
N GLN L 95 -26.12 -5.75 -16.69
CA GLN L 95 -27.45 -6.15 -16.21
C GLN L 95 -28.25 -4.89 -15.89
N ASN L 96 -29.52 -4.89 -16.30
CA ASN L 96 -30.53 -3.90 -15.92
C ASN L 96 -30.97 -4.19 -14.46
N ASP L 97 -30.63 -3.31 -13.53
CA ASP L 97 -31.01 -3.43 -12.10
C ASP L 97 -32.12 -2.42 -11.78
N TYR L 98 -32.83 -1.93 -12.80
CA TYR L 98 -33.82 -0.83 -12.72
C TYR L 98 -35.25 -1.34 -12.53
N SER L 99 -35.69 -2.26 -13.38
CA SER L 99 -37.06 -2.85 -13.33
C SER L 99 -36.98 -4.35 -13.56
N TYR L 100 -37.95 -5.10 -13.04
CA TYR L 100 -38.15 -6.53 -13.37
C TYR L 100 -38.59 -6.63 -14.82
N PRO L 101 -38.28 -7.72 -15.58
CA PRO L 101 -37.28 -8.71 -15.17
C PRO L 101 -35.86 -8.12 -15.30
N LEU L 102 -34.91 -8.65 -14.55
CA LEU L 102 -33.56 -8.03 -14.43
C LEU L 102 -32.70 -8.50 -15.60
N THR L 103 -32.94 -7.99 -16.80
CA THR L 103 -32.34 -8.51 -18.05
C THR L 103 -30.83 -8.21 -18.08
N PHE L 104 -30.08 -9.15 -18.65
CA PHE L 104 -28.64 -9.04 -18.99
C PHE L 104 -28.48 -8.74 -20.49
N GLY L 105 -27.36 -8.13 -20.86
CA GLY L 105 -26.82 -8.10 -22.24
C GLY L 105 -26.35 -9.47 -22.65
N ALA L 106 -26.12 -9.68 -23.94
CA ALA L 106 -25.62 -10.97 -24.47
C ALA L 106 -24.12 -11.03 -24.21
N GLY L 107 -23.53 -9.96 -23.68
CA GLY L 107 -22.13 -9.98 -23.22
C GLY L 107 -21.13 -9.63 -24.33
N THR L 108 -20.03 -9.00 -23.91
CA THR L 108 -18.78 -8.81 -24.68
C THR L 108 -17.76 -9.86 -24.22
N LYS L 109 -17.29 -10.69 -25.14
CA LYS L 109 -16.21 -11.66 -24.85
C LYS L 109 -14.84 -11.03 -25.15
N LEU L 110 -14.01 -10.85 -24.13
CA LEU L 110 -12.60 -10.42 -24.28
C LEU L 110 -11.70 -11.64 -24.52
N GLU L 111 -10.93 -11.64 -25.60
CA GLU L 111 -9.88 -12.65 -25.86
C GLU L 111 -8.55 -11.94 -26.04
N LEU L 112 -7.44 -12.68 -26.01
CA LEU L 112 -6.07 -12.12 -26.02
C LEU L 112 -5.28 -12.72 -27.18
N LYS L 113 -4.22 -12.06 -27.65
CA LYS L 113 -3.38 -12.51 -28.79
C LYS L 113 -2.15 -13.24 -28.26
C4 NO8 M . -36.88 12.33 -1.65
C5 NO8 M . -36.56 10.95 -1.51
C6 NO8 M . -35.51 10.56 -2.54
C7 NO8 M . -36.87 13.56 2.97
C8 NO8 M . -37.63 13.99 4.23
N2 NO8 M . -37.51 12.76 2.10
C3 NO8 M . -37.61 12.84 -0.35
CAN NO8 M . -42.77 4.78 -1.60
CAO NO8 M . -42.13 6.09 -1.04
OAP NO8 M . -41.49 6.83 -1.78
NAQ NO8 M . -42.36 6.34 0.27
CAR NO8 M . -41.88 7.51 1.04
CAU NO8 M . -42.69 7.64 2.35
OAV NO8 M . -42.75 8.98 2.80
CAS NO8 M . -40.46 7.23 1.50
OAT NO8 M . -40.16 6.06 1.69
NAW NO8 M . -39.66 8.31 1.69
CAX NO8 M . -38.28 8.30 2.25
CBA NO8 M . -37.26 8.76 1.25
CBB NO8 M . -37.26 7.82 0.11
O1 NO8 M . -37.65 10.11 0.85
C1 NO8 M . -36.52 10.99 0.85
O5 NO8 M . -35.86 10.75 -0.32
O6 NO8 M . -36.15 10.14 -3.74
O4 NO8 M . -35.61 12.94 -1.90
O3 NO8 M . -37.70 14.33 -0.32
C2 NO8 M . -36.82 12.42 0.85
O7 NO8 M . -35.77 14.04 2.71
CAY NO8 M . -38.26 9.31 3.46
OAZ NO8 M . -37.23 9.88 3.85
NBD NO8 M . -39.48 9.52 4.02
CBE NO8 M . -39.62 10.23 5.28
CBH NO8 M . -41.07 10.62 5.68
CBF NO8 M . -39.10 9.13 6.23
OBG NO8 M . -39.12 7.93 5.93
NBI NO8 M . -38.51 9.55 7.33
CBO NO8 M . -38.36 10.85 7.85
CBN NO8 M . -36.95 10.80 8.22
CBM NO8 M . -36.92 9.47 9.04
CBJ NO8 M . -37.88 8.58 8.24
CBK NO8 M . -38.79 7.89 9.05
OBL NO8 M . -39.84 8.41 9.47
NBP NO8 M . -38.42 6.63 9.29
C4 NO8 N . 13.57 -14.79 33.11
C5 NO8 N . 12.44 -15.73 32.90
C6 NO8 N . 11.39 -15.78 34.07
C7 NO8 N . 15.14 -12.37 29.56
C8 NO8 N . 16.06 -12.19 28.33
N2 NO8 N . 14.73 -13.55 29.92
C3 NO8 N . 14.48 -14.68 31.92
CB NO8 N . 13.66 -28.91 32.44
CA NO8 N . 14.76 -27.93 32.01
N NO8 N . 16.05 -28.41 32.32
C NO8 N . 14.61 -26.68 32.74
O NO8 N . 13.45 -26.41 33.00
NAF NO8 N . 15.71 -25.84 32.99
CAL NO8 N . 17.17 -25.88 32.74
CAK NO8 N . 17.70 -25.10 33.94
CAJ NO8 N . 16.79 -23.86 33.98
CAG NO8 N . 15.48 -24.42 33.55
CAH NO8 N . 14.92 -23.63 32.50
OAI NO8 N . 15.24 -23.90 31.26
NAM NO8 N . 13.90 -22.85 32.76
CAN NO8 N . 13.04 -22.22 31.72
CAO NO8 N . 13.71 -22.09 30.40
OAP NO8 N . 14.02 -23.09 29.83
NAQ NO8 N . 13.74 -20.80 29.97
CAR NO8 N . 14.19 -20.30 28.67
CAU NO8 N . 14.62 -21.22 27.59
OAV NO8 N . 14.94 -20.27 26.56
CAS NO8 N . 13.05 -19.47 27.97
OAT NO8 N . 12.16 -19.89 27.20
NAW NO8 N . 13.19 -18.21 28.25
CAX NO8 N . 12.24 -17.23 27.87
CBA NO8 N . 11.81 -16.61 29.18
CBB NO8 N . 11.01 -17.61 30.09
O1 NO8 N . 13.03 -16.08 29.81
C1 NO8 N . 12.74 -14.91 30.66
O5 NO8 N . 11.88 -15.26 31.83
O6 NO8 N . 10.32 -16.81 33.92
O4 NO8 N . 13.04 -13.54 33.34
O3 NO8 N . 15.55 -13.85 32.17
C2 NO8 N . 13.89 -13.95 31.07
O7 NO8 N . 14.74 -11.31 30.18
CAY NO8 N . 12.93 -16.15 27.03
OAZ NO8 N . 12.45 -14.99 26.93
NBD NO8 N . 14.03 -16.58 26.40
CBE NO8 N . 14.74 -15.69 25.49
CBH NO8 N . 16.21 -15.97 25.25
CBF NO8 N . 13.97 -15.84 24.18
OBG NO8 N . 13.22 -16.77 23.91
NBI NO8 N . 14.03 -14.74 23.48
CBO NO8 N . 14.79 -13.52 23.64
CBN NO8 N . 13.72 -12.58 23.47
CBM NO8 N . 13.13 -13.08 22.14
CBJ NO8 N . 13.33 -14.61 22.27
CBK NO8 N . 14.08 -15.13 21.19
OBL NO8 N . 15.32 -15.30 21.17
NBP NO8 N . 13.29 -15.36 20.16
C4 NO8 O . 9.06 -24.50 1.66
C5 NO8 O . 8.47 -25.88 2.21
C6 NO8 O . 7.20 -25.75 3.11
C7 NO8 O . 11.15 -25.48 -2.45
C8 NO8 O . 12.37 -25.84 -3.31
N2 NO8 O . 10.98 -26.10 -1.26
C3 NO8 O . 10.25 -24.75 0.75
CAS NO8 O . 13.87 -27.11 3.31
OAT NO8 O . 14.55 -27.76 4.07
NAW NO8 O . 12.90 -27.61 2.51
CAX NO8 O . 12.39 -29.03 2.42
CBA NO8 O . 10.84 -29.17 1.91
CBB NO8 O . 9.83 -29.11 3.08
O1 NO8 O . 10.53 -28.23 0.70
C1 NO8 O . 9.33 -27.20 0.30
O5 NO8 O . 8.22 -26.83 1.16
O6 NO8 O . 7.26 -26.59 4.33
O4 NO8 O . 8.11 -23.66 0.96
O3 NO8 O . 10.71 -23.46 0.23
C2 NO8 O . 9.86 -25.81 -0.32
O7 NO8 O . 10.45 -24.58 -2.85
CAY NO8 O . 13.23 -29.94 1.43
OAZ NO8 O . 14.32 -30.45 1.75
NBD NO8 O . 12.55 -30.13 0.25
CBE NO8 O . 12.95 -30.98 -0.88
CBH NO8 O . 11.60 -31.48 -1.50
CBF NO8 O . 13.78 -30.15 -1.85
OBG NO8 O . 14.23 -29.08 -1.42
NBI NO8 O . 14.03 -30.64 -3.10
CBO NO8 O . 14.73 -29.80 -4.03
CBN NO8 O . 13.59 -29.77 -5.06
CBM NO8 O . 13.47 -31.21 -5.39
CBJ NO8 O . 13.69 -31.80 -3.99
CBK NO8 O . 14.76 -32.69 -4.05
OBL NO8 O . 15.88 -32.30 -4.41
NBP NO8 O . 14.48 -33.96 -3.71
C4 NO8 P . -30.92 -7.61 0.28
C5 NO8 P . -30.14 -6.17 0.01
C6 NO8 P . -28.72 -6.05 0.67
C7 NO8 P . -33.32 -8.29 -3.52
C8 NO8 P . -34.71 -8.36 -4.12
N2 NO8 P . -33.31 -7.52 -2.42
C3 NO8 P . -32.35 -7.49 -0.28
NAQ NO8 P . -35.70 -1.37 1.51
CAR NO8 P . -35.79 -2.37 0.40
CAU NO8 P . -37.32 -2.69 0.04
OAV NO8 P . -37.61 -3.21 -1.30
CAS NO8 P . -34.86 -1.93 -0.83
OAT NO8 P . -34.67 -0.74 -1.17
NAW NO8 P . -34.21 -3.02 -1.40
CAX NO8 P . -33.32 -2.97 -2.60
CBA NO8 P . -31.95 -3.61 -2.32
CBB NO8 P . -31.14 -2.60 -1.54
O1 NO8 P . -32.07 -4.79 -1.57
C1 NO8 P . -31.35 -5.93 -2.05
O5 NO8 P . -30.04 -5.79 -1.43
O6 NO8 P . -28.31 -4.66 0.81
O4 NO8 P . -30.23 -8.77 -0.31
O3 NO8 P . -33.28 -8.61 -0.07
C2 NO8 P . -32.06 -7.33 -1.72
O7 NO8 P . -32.38 -8.92 -4.03
CAY NO8 P . -33.95 -3.77 -3.78
OAZ NO8 P . -33.21 -4.16 -4.72
NBD NO8 P . -35.32 -4.00 -3.65
CBE NO8 P . -36.14 -4.65 -4.69
CBH NO8 P . -37.52 -5.06 -4.10
CBF NO8 P . -36.24 -3.62 -5.82
OBG NO8 P . -36.46 -2.46 -5.55
NBI NO8 P . -35.93 -3.97 -7.09
CBO NO8 P . -35.57 -5.20 -7.69
CBN NO8 P . -36.23 -5.00 -9.05
CBM NO8 P . -35.62 -3.67 -9.45
CBJ NO8 P . -35.93 -2.93 -8.18
CBK NO8 P . -37.20 -2.40 -8.26
OBL NO8 P . -38.14 -3.11 -7.93
NBP NO8 P . -37.29 -1.15 -8.69
C4 NO8 Q . 25.19 -6.11 -0.92
C5 NO8 Q . 24.37 -6.01 -2.24
C6 NO8 Q . 23.37 -4.77 -2.18
C7 NO8 Q . 28.90 -8.81 -1.34
C8 NO8 Q . 29.87 -9.95 -1.72
N2 NO8 Q . 27.88 -8.60 -2.24
C3 NO8 Q . 25.80 -7.54 -1.02
CAS NO8 Q . 23.75 -12.08 -4.81
NAW NO8 Q . 24.75 -11.21 -4.40
CAX NO8 Q . 25.77 -10.53 -5.34
CBA NO8 Q . 26.33 -9.14 -4.88
CBB NO8 Q . 26.87 -8.34 -6.13
O1 NO8 Q . 25.39 -8.37 -4.01
C1 NO8 Q . 26.10 -7.22 -3.46
O5 NO8 Q . 25.25 -5.99 -3.46
O6 NO8 Q . 22.11 -5.12 -2.84
O4 NO8 Q . 26.15 -4.95 -0.68
O3 NO8 Q . 26.52 -7.83 0.20
C2 NO8 Q . 26.89 -7.46 -2.16
O7 NO8 Q . 29.13 -8.11 -0.35
CAY NO8 Q . 27.15 -11.30 -5.66
OAZ NO8 Q . 27.50 -11.62 -6.83
NBD NO8 Q . 28.00 -11.42 -4.61
#